data_4QO7
#
_entry.id   4QO7
#
_cell.length_a   168.481
_cell.length_b   81.101
_cell.length_c   120.307
_cell.angle_alpha   90.00
_cell.angle_beta   117.38
_cell.angle_gamma   90.00
#
_symmetry.space_group_name_H-M   'C 1 2 1'
#
loop_
_entity.id
_entity.type
_entity.pdbx_description
1 polymer 'L-lactate dehydrogenase A chain'
2 non-polymer '1,4-DIHYDRONICOTINAMIDE ADENINE DINUCLEOTIDE'
3 non-polymer '4-(2-HYDROXYETHYL)-1-PIPERAZINE ETHANESULFONIC ACID'
4 non-polymer trans-2-[(2-nitrophenyl)sulfanyl]-5-phenylcyclohexane-1,3-dione
5 non-polymer '(2S)-2-HYDROXYPROPANOIC ACID'
6 non-polymer 'SULFATE ION'
7 water water
#
_entity_poly.entity_id   1
_entity_poly.type   'polypeptide(L)'
_entity_poly.pdbx_seq_one_letter_code
;ATLKDQLIYNLLKEEQTPQNKITVVGVGAVGMACAISILMKDLADELALVDVIEDKLKGEMMDLQHGSLFLRTPKIVSGK
DYNVTANSKLVIITAGARQQEGESRLNLVQRNVNIFKFIIPNVVKYSPNCKLLIVSNPVDILTYVAWKISGFPKNRVIGS
GCNLDSARFRYLMGERLGVHPLSCHGWVLGEHGDSSVPVWSGMNVAGVSLKTLHPDLGTDKDKEQWKEVHKQVVESAYEV
IKLKGYTSWAIGLSVADLAESIMKNLRRVHPVSTMIKGLYGIKDDVFLSVPCILGQNGISDLVKVTLTSEEEARLKKSAD
TLWGIQKELQF
;
_entity_poly.pdbx_strand_id   A,B,C,D
#
# COMPACT_ATOMS: atom_id res chain seq x y z
N ALA A 1 37.59 -17.11 -10.38
CA ALA A 1 36.66 -16.21 -9.64
C ALA A 1 35.26 -16.80 -9.60
N THR A 2 34.54 -16.57 -8.52
CA THR A 2 33.18 -17.09 -8.40
C THR A 2 32.29 -16.33 -9.36
N LEU A 3 31.15 -16.91 -9.71
CA LEU A 3 30.21 -16.26 -10.60
C LEU A 3 29.80 -14.92 -9.98
N LYS A 4 29.55 -14.93 -8.67
CA LYS A 4 29.19 -13.74 -7.94
C LYS A 4 30.21 -12.63 -8.17
N ASP A 5 31.48 -12.93 -7.92
CA ASP A 5 32.55 -11.94 -8.10
C ASP A 5 32.74 -11.50 -9.54
N GLN A 6 32.39 -12.36 -10.50
CA GLN A 6 32.46 -11.93 -11.91
C GLN A 6 31.32 -10.98 -12.24
N LEU A 7 30.18 -11.15 -11.55
CA LEU A 7 28.97 -10.41 -11.84
C LEU A 7 28.92 -9.08 -11.10
N ILE A 8 29.43 -9.09 -9.87
CA ILE A 8 29.21 -8.02 -8.92
C ILE A 8 30.54 -7.49 -8.36
N TYR A 9 30.74 -6.17 -8.43
CA TYR A 9 31.88 -5.50 -7.78
C TYR A 9 31.40 -4.91 -6.46
N ASN A 10 32.08 -5.26 -5.36
CA ASN A 10 31.69 -4.79 -4.03
C ASN A 10 32.40 -3.50 -3.67
N LEU A 11 31.64 -2.50 -3.22
CA LEU A 11 32.19 -1.22 -2.74
C LEU A 11 32.53 -1.26 -1.26
N LEU A 12 31.68 -1.92 -0.47
CA LEU A 12 31.95 -2.04 0.95
C LEU A 12 31.09 -3.14 1.48
N LYS A 13 31.54 -3.75 2.56
CA LYS A 13 30.71 -4.78 3.12
C LYS A 13 30.13 -4.33 4.41
N GLU A 14 28.90 -3.83 4.29
CA GLU A 14 27.90 -3.97 5.33
C GLU A 14 28.44 -3.49 6.67
N GLU A 15 27.82 -3.89 7.79
CA GLU A 15 26.43 -4.35 7.86
C GLU A 15 25.85 -3.62 9.05
N GLN A 16 24.93 -2.70 8.80
CA GLN A 16 24.42 -1.84 9.85
C GLN A 16 23.62 -2.62 10.88
N THR A 17 23.70 -2.15 12.13
CA THR A 17 22.79 -2.58 13.17
C THR A 17 21.35 -2.49 12.61
N PRO A 18 20.48 -3.47 12.93
CA PRO A 18 19.08 -3.40 12.47
C PRO A 18 18.42 -2.04 12.75
N GLN A 19 17.69 -1.50 11.78
CA GLN A 19 17.11 -0.15 11.90
C GLN A 19 15.62 -0.13 12.19
N ASN A 20 14.89 -1.10 11.67
CA ASN A 20 13.43 -1.16 11.82
C ASN A 20 12.98 -2.60 12.06
N LYS A 21 13.55 -3.21 13.09
CA LYS A 21 13.38 -4.65 13.32
C LYS A 21 12.27 -4.95 14.30
N ILE A 22 11.47 -5.96 13.97
CA ILE A 22 10.44 -6.46 14.85
C ILE A 22 10.72 -7.92 15.18
N THR A 23 10.49 -8.32 16.42
CA THR A 23 10.55 -9.72 16.83
C THR A 23 9.15 -10.22 17.22
N VAL A 24 8.81 -11.42 16.78
CA VAL A 24 7.61 -12.11 17.26
C VAL A 24 8.07 -13.33 18.04
N VAL A 25 7.64 -13.43 19.29
CA VAL A 25 7.98 -14.57 20.14
C VAL A 25 6.75 -15.44 20.30
N GLY A 26 6.85 -16.70 19.88
CA GLY A 26 5.68 -17.58 19.84
C GLY A 26 5.13 -17.61 18.43
N VAL A 27 5.37 -18.70 17.71
CA VAL A 27 4.92 -18.86 16.32
C VAL A 27 3.75 -19.83 16.16
N GLY A 28 2.82 -19.78 17.10
CA GLY A 28 1.54 -20.45 16.97
C GLY A 28 0.69 -19.66 16.02
N ALA A 29 -0.60 -19.96 15.99
CA ALA A 29 -1.51 -19.27 15.08
C ALA A 29 -1.53 -17.75 15.25
N VAL A 30 -1.45 -17.26 16.49
CA VAL A 30 -1.53 -15.82 16.73
C VAL A 30 -0.23 -15.15 16.30
N GLY A 31 0.89 -15.72 16.75
CA GLY A 31 2.21 -15.24 16.34
C GLY A 31 2.40 -15.15 14.83
N MET A 32 2.00 -16.20 14.12
CA MET A 32 2.19 -16.25 12.68
C MET A 32 1.22 -15.33 11.96
N ALA A 33 0.05 -15.08 12.54
CA ALA A 33 -0.89 -14.13 11.95
C ALA A 33 -0.34 -12.72 12.08
N CYS A 34 0.18 -12.41 13.25
CA CYS A 34 0.88 -11.14 13.42
C CYS A 34 1.99 -10.98 12.38
N ALA A 35 2.80 -12.02 12.22
CA ALA A 35 3.95 -11.96 11.31
C ALA A 35 3.55 -11.66 9.87
N ILE A 36 2.56 -12.36 9.36
CA ILE A 36 2.16 -12.16 7.97
C ILE A 36 1.57 -10.77 7.77
N SER A 37 0.84 -10.28 8.77
CA SER A 37 0.20 -8.97 8.67
C SER A 37 1.25 -7.87 8.71
N ILE A 38 2.24 -8.06 9.58
CA ILE A 38 3.35 -7.13 9.67
C ILE A 38 4.14 -7.14 8.38
N LEU A 39 4.36 -8.34 7.83
CA LEU A 39 5.12 -8.50 6.60
C LEU A 39 4.40 -7.84 5.43
N MET A 40 3.08 -7.98 5.38
CA MET A 40 2.33 -7.41 4.27
C MET A 40 2.06 -5.89 4.40
N LYS A 41 2.29 -5.32 5.57
CA LYS A 41 2.19 -3.89 5.76
C LYS A 41 3.54 -3.17 5.69
N ASP A 42 4.60 -3.87 5.31
CA ASP A 42 5.92 -3.24 5.12
C ASP A 42 6.37 -2.39 6.33
N LEU A 43 6.21 -2.95 7.53
CA LEU A 43 6.53 -2.24 8.78
C LEU A 43 7.94 -2.48 9.28
N ALA A 44 8.59 -3.54 8.79
CA ALA A 44 9.91 -3.92 9.28
C ALA A 44 10.92 -4.12 8.16
N ASP A 45 12.19 -3.83 8.44
CA ASP A 45 13.26 -4.21 7.50
C ASP A 45 13.91 -5.53 7.90
N GLU A 46 13.58 -6.03 9.10
CA GLU A 46 14.02 -7.33 9.53
C GLU A 46 12.99 -7.88 10.50
N LEU A 47 12.60 -9.14 10.31
CA LEU A 47 11.69 -9.83 11.19
C LEU A 47 12.37 -11.05 11.79
N ALA A 48 12.32 -11.17 13.11
CA ALA A 48 12.86 -12.32 13.83
C ALA A 48 11.74 -13.08 14.51
N LEU A 49 11.82 -14.40 14.46
CA LEU A 49 10.84 -15.29 15.05
C LEU A 49 11.52 -16.16 16.09
N VAL A 50 10.90 -16.28 17.26
CA VAL A 50 11.37 -17.16 18.34
C VAL A 50 10.28 -18.11 18.79
N ASP A 51 10.69 -19.34 19.10
CA ASP A 51 9.82 -20.30 19.76
C ASP A 51 10.72 -21.36 20.46
N VAL A 52 10.10 -22.28 21.19
CA VAL A 52 10.83 -23.41 21.77
C VAL A 52 10.67 -24.69 20.91
N ILE A 53 9.65 -24.75 20.07
CA ILE A 53 9.49 -25.85 19.11
C ILE A 53 10.35 -25.56 17.87
N GLU A 54 11.50 -26.20 17.79
CA GLU A 54 12.53 -25.83 16.83
C GLU A 54 12.20 -26.15 15.36
N ASP A 55 11.70 -27.35 15.06
CA ASP A 55 11.35 -27.68 13.68
C ASP A 55 10.21 -26.83 13.14
N LYS A 56 9.18 -26.65 13.98
CA LYS A 56 8.05 -25.82 13.62
C LYS A 56 8.51 -24.39 13.33
N LEU A 57 9.41 -23.88 14.15
CA LEU A 57 9.93 -22.53 14.01
C LEU A 57 10.67 -22.40 12.70
N LYS A 58 11.56 -23.34 12.43
CA LYS A 58 12.31 -23.35 11.17
C LYS A 58 11.39 -23.43 9.93
N GLY A 59 10.38 -24.28 10.00
CA GLY A 59 9.42 -24.47 8.91
C GLY A 59 8.64 -23.21 8.60
N GLU A 60 8.16 -22.54 9.64
CA GLU A 60 7.48 -21.25 9.47
C GLU A 60 8.39 -20.16 8.90
N MET A 61 9.63 -20.13 9.36
CA MET A 61 10.62 -19.19 8.85
C MET A 61 10.81 -19.42 7.34
N MET A 62 11.03 -20.67 6.94
CA MET A 62 11.31 -21.00 5.55
C MET A 62 10.10 -20.68 4.64
N ASP A 63 8.91 -21.00 5.14
CA ASP A 63 7.67 -20.74 4.39
C ASP A 63 7.55 -19.25 4.11
N LEU A 64 7.75 -18.41 5.14
CA LEU A 64 7.80 -16.94 4.95
C LEU A 64 8.87 -16.54 3.95
N GLN A 65 10.08 -17.06 4.15
CA GLN A 65 11.20 -16.71 3.30
C GLN A 65 10.92 -17.02 1.83
N HIS A 66 10.22 -18.12 1.57
CA HIS A 66 9.87 -18.50 0.22
C HIS A 66 8.93 -17.50 -0.47
N GLY A 67 8.25 -16.68 0.31
CA GLY A 67 7.40 -15.61 -0.19
C GLY A 67 8.12 -14.30 -0.37
N SER A 68 9.45 -14.33 -0.23
CA SER A 68 10.26 -13.11 -0.21
C SER A 68 10.13 -12.24 -1.44
N LEU A 69 9.93 -12.87 -2.60
CA LEU A 69 9.76 -12.18 -3.84
C LEU A 69 8.56 -11.22 -3.81
N PHE A 70 7.55 -11.55 -3.01
CA PHE A 70 6.30 -10.80 -3.00
C PHE A 70 6.25 -9.84 -1.80
N LEU A 71 7.38 -9.72 -1.09
CA LEU A 71 7.46 -8.92 0.12
C LEU A 71 8.53 -7.85 -0.02
N ARG A 72 8.54 -6.91 0.92
CA ARG A 72 9.55 -5.85 0.96
C ARG A 72 10.20 -5.84 2.34
N THR A 73 10.43 -7.03 2.88
CA THR A 73 11.11 -7.20 4.16
C THR A 73 12.29 -8.14 3.91
N PRO A 74 13.49 -7.57 3.79
CA PRO A 74 14.55 -8.29 3.13
C PRO A 74 15.25 -9.38 3.96
N LYS A 75 15.04 -9.39 5.27
CA LYS A 75 15.70 -10.33 6.16
C LYS A 75 14.72 -10.93 7.15
N ILE A 76 14.53 -12.23 7.05
CA ILE A 76 13.65 -12.99 7.95
C ILE A 76 14.54 -14.04 8.64
N VAL A 77 14.58 -13.99 9.95
CA VAL A 77 15.36 -14.92 10.72
C VAL A 77 14.55 -15.55 11.84
N SER A 78 15.08 -16.64 12.36
CA SER A 78 14.46 -17.30 13.50
C SER A 78 15.49 -18.11 14.30
N GLY A 79 15.10 -18.47 15.51
CA GLY A 79 15.91 -19.35 16.33
C GLY A 79 15.38 -19.42 17.74
N LYS A 80 15.76 -20.49 18.43
CA LYS A 80 15.50 -20.69 19.85
C LYS A 80 16.32 -19.68 20.66
N ASP A 81 17.51 -19.37 20.18
CA ASP A 81 18.44 -18.47 20.85
C ASP A 81 18.06 -17.03 20.55
N TYR A 82 17.96 -16.20 21.59
CA TYR A 82 17.51 -14.80 21.44
C TYR A 82 18.54 -13.87 20.78
N ASN A 83 19.72 -14.36 20.44
CA ASN A 83 20.67 -13.55 19.70
C ASN A 83 20.12 -13.13 18.33
N VAL A 84 19.17 -13.89 17.80
CA VAL A 84 18.50 -13.53 16.54
C VAL A 84 17.60 -12.32 16.70
N THR A 85 17.23 -11.98 17.94
CA THR A 85 16.33 -10.84 18.24
C THR A 85 17.03 -9.51 18.49
N ALA A 86 18.35 -9.49 18.48
CA ALA A 86 19.12 -8.31 18.90
C ALA A 86 18.70 -7.05 18.15
N ASN A 87 18.61 -5.93 18.87
CA ASN A 87 18.34 -4.63 18.29
C ASN A 87 16.99 -4.53 17.60
N SER A 88 16.00 -5.21 18.18
CA SER A 88 14.62 -5.04 17.79
C SER A 88 14.07 -3.74 18.36
N LYS A 89 13.27 -3.00 17.56
CA LYS A 89 12.55 -1.85 18.08
C LYS A 89 11.31 -2.28 18.85
N LEU A 90 10.68 -3.34 18.35
CA LEU A 90 9.41 -3.81 18.89
C LEU A 90 9.47 -5.33 18.99
N VAL A 91 9.11 -5.85 20.16
CA VAL A 91 9.08 -7.29 20.42
C VAL A 91 7.68 -7.65 20.86
N ILE A 92 7.05 -8.54 20.09
CA ILE A 92 5.67 -8.90 20.29
C ILE A 92 5.67 -10.27 20.91
N ILE A 93 5.03 -10.41 22.08
CA ILE A 93 5.01 -11.67 22.80
C ILE A 93 3.66 -12.35 22.62
N THR A 94 3.64 -13.45 21.87
CA THR A 94 2.43 -14.22 21.67
C THR A 94 2.64 -15.64 22.21
N ALA A 95 3.65 -15.84 23.05
CA ALA A 95 3.95 -17.15 23.60
C ALA A 95 3.07 -17.47 24.81
N GLY A 96 2.72 -18.74 24.96
CA GLY A 96 2.05 -19.21 26.17
C GLY A 96 1.36 -20.53 26.01
N ALA A 97 0.73 -20.97 27.10
CA ALA A 97 -0.17 -22.11 27.10
C ALA A 97 -1.60 -21.59 26.94
N ARG A 98 -2.61 -22.44 27.19
CA ARG A 98 -4.01 -22.01 27.20
C ARG A 98 -4.79 -22.61 28.38
N GLN A 99 -5.97 -22.05 28.65
CA GLN A 99 -6.75 -22.41 29.85
C GLN A 99 -7.20 -23.86 29.79
N GLN A 100 -6.72 -24.66 30.74
CA GLN A 100 -6.95 -26.10 30.74
C GLN A 100 -8.26 -26.48 31.41
N GLU A 101 -8.66 -27.74 31.24
CA GLU A 101 -9.87 -28.28 31.86
C GLU A 101 -9.58 -28.63 33.32
N GLY A 102 -10.36 -28.05 34.23
CA GLY A 102 -10.18 -28.25 35.67
C GLY A 102 -9.33 -27.16 36.29
N GLU A 103 -8.18 -26.91 35.69
CA GLU A 103 -7.23 -25.89 36.17
C GLU A 103 -7.90 -24.53 36.33
N SER A 104 -7.56 -23.83 37.42
CA SER A 104 -8.27 -22.64 37.87
C SER A 104 -7.97 -21.39 37.01
N ARG A 105 -7.93 -20.21 37.64
CA ARG A 105 -7.42 -18.99 37.01
C ARG A 105 -5.94 -18.83 37.36
N LEU A 106 -5.62 -18.93 38.65
CA LEU A 106 -4.26 -18.67 39.16
C LEU A 106 -3.18 -19.63 38.64
N ASN A 107 -3.56 -20.85 38.29
CA ASN A 107 -2.58 -21.84 37.82
C ASN A 107 -2.20 -21.63 36.35
N LEU A 108 -3.18 -21.34 35.50
CA LEU A 108 -2.91 -20.99 34.09
C LEU A 108 -2.03 -19.75 33.98
N VAL A 109 -2.41 -18.71 34.70
CA VAL A 109 -1.60 -17.50 34.80
C VAL A 109 -0.18 -17.88 35.20
N GLN A 110 -0.05 -18.73 36.21
CA GLN A 110 1.27 -19.04 36.76
C GLN A 110 2.12 -19.82 35.75
N ARG A 111 1.48 -20.61 34.89
CA ARG A 111 2.21 -21.35 33.85
C ARG A 111 2.76 -20.40 32.79
N ASN A 112 1.99 -19.36 32.47
CA ASN A 112 2.47 -18.32 31.58
C ASN A 112 3.47 -17.39 32.28
N VAL A 113 3.32 -17.16 33.58
CA VAL A 113 4.34 -16.41 34.31
C VAL A 113 5.68 -17.13 34.23
N ASN A 114 5.65 -18.44 34.42
CA ASN A 114 6.89 -19.23 34.35
C ASN A 114 7.53 -19.13 32.97
N ILE A 115 6.70 -19.17 31.93
CA ILE A 115 7.17 -18.97 30.55
C ILE A 115 7.82 -17.59 30.44
N PHE A 116 7.15 -16.58 30.98
CA PHE A 116 7.63 -15.19 30.89
C PHE A 116 8.92 -14.93 31.65
N LYS A 117 9.15 -15.67 32.72
CA LYS A 117 10.39 -15.57 33.48
C LYS A 117 11.59 -15.93 32.62
N PHE A 118 11.41 -16.76 31.61
CA PHE A 118 12.50 -17.09 30.69
C PHE A 118 12.55 -16.11 29.50
N ILE A 119 11.39 -15.80 28.94
CA ILE A 119 11.32 -14.98 27.75
C ILE A 119 11.82 -13.56 28.01
N ILE A 120 11.26 -12.91 29.02
CA ILE A 120 11.46 -11.47 29.16
C ILE A 120 12.92 -11.11 29.38
N PRO A 121 13.62 -11.80 30.31
CA PRO A 121 15.02 -11.47 30.49
C PRO A 121 15.81 -11.63 29.21
N ASN A 122 15.52 -12.68 28.46
CA ASN A 122 16.21 -12.93 27.19
C ASN A 122 15.97 -11.82 26.18
N VAL A 123 14.73 -11.35 26.10
CA VAL A 123 14.38 -10.23 25.23
C VAL A 123 15.17 -8.99 25.64
N VAL A 124 15.16 -8.71 26.93
CA VAL A 124 15.78 -7.50 27.47
C VAL A 124 17.29 -7.50 27.23
N LYS A 125 17.90 -8.66 27.38
CA LYS A 125 19.34 -8.81 27.16
C LYS A 125 19.74 -8.40 25.74
N TYR A 126 18.96 -8.81 24.75
CA TYR A 126 19.31 -8.52 23.36
C TYR A 126 18.68 -7.24 22.76
N SER A 127 17.63 -6.71 23.39
CA SER A 127 16.99 -5.48 22.91
C SER A 127 16.54 -4.63 24.11
N PRO A 128 17.51 -4.16 24.91
CA PRO A 128 17.23 -3.47 26.18
C PRO A 128 16.38 -2.21 26.02
N ASN A 129 16.41 -1.63 24.83
CA ASN A 129 15.67 -0.41 24.55
C ASN A 129 14.42 -0.63 23.69
N CYS A 130 14.00 -1.89 23.49
CA CYS A 130 12.81 -2.16 22.65
C CYS A 130 11.53 -1.76 23.35
N LYS A 131 10.47 -1.60 22.56
CA LYS A 131 9.11 -1.59 23.13
C LYS A 131 8.59 -3.03 23.21
N LEU A 132 7.85 -3.33 24.28
CA LEU A 132 7.24 -4.64 24.44
C LEU A 132 5.76 -4.53 24.16
N LEU A 133 5.26 -5.40 23.30
CA LEU A 133 3.80 -5.49 23.07
C LEU A 133 3.38 -6.92 23.43
N ILE A 134 2.56 -7.04 24.47
CA ILE A 134 2.17 -8.34 25.03
C ILE A 134 0.79 -8.72 24.50
N VAL A 135 0.66 -9.93 23.98
CA VAL A 135 -0.62 -10.46 23.49
C VAL A 135 -1.12 -11.66 24.31
N SER A 136 -0.18 -12.48 24.76
CA SER A 136 -0.50 -13.66 25.58
C SER A 136 -1.50 -13.39 26.71
N ASN A 137 -2.38 -14.37 26.95
CA ASN A 137 -3.44 -14.22 27.95
C ASN A 137 -3.12 -14.83 29.30
N PRO A 138 -3.74 -14.31 30.38
CA PRO A 138 -4.61 -13.14 30.38
C PRO A 138 -3.78 -11.89 30.17
N VAL A 139 -4.15 -11.08 29.18
CA VAL A 139 -3.22 -10.13 28.60
C VAL A 139 -2.88 -9.00 29.57
N ASP A 140 -3.89 -8.52 30.28
CA ASP A 140 -3.72 -7.47 31.26
C ASP A 140 -2.77 -7.88 32.37
N ILE A 141 -2.85 -9.13 32.81
CA ILE A 141 -1.98 -9.61 33.87
C ILE A 141 -0.58 -9.84 33.33
N LEU A 142 -0.47 -10.43 32.14
CA LEU A 142 0.85 -10.72 31.57
C LEU A 142 1.61 -9.46 31.15
N THR A 143 0.89 -8.39 30.86
CA THR A 143 1.51 -7.12 30.55
C THR A 143 2.18 -6.58 31.83
N TYR A 144 1.43 -6.63 32.93
CA TYR A 144 1.97 -6.35 34.26
C TYR A 144 3.21 -7.19 34.59
N VAL A 145 3.13 -8.49 34.30
CA VAL A 145 4.23 -9.41 34.55
C VAL A 145 5.45 -9.03 33.72
N ALA A 146 5.23 -8.69 32.46
CA ALA A 146 6.32 -8.29 31.57
C ALA A 146 6.97 -7.00 32.08
N TRP A 147 6.14 -6.07 32.53
CA TRP A 147 6.61 -4.80 33.07
C TRP A 147 7.50 -5.02 34.30
N LYS A 148 7.02 -5.83 35.25
CA LYS A 148 7.80 -6.12 36.47
C LYS A 148 9.11 -6.83 36.18
N ILE A 149 9.07 -7.83 35.31
CA ILE A 149 10.26 -8.60 35.03
C ILE A 149 11.26 -7.81 34.18
N SER A 150 10.76 -7.03 33.22
CA SER A 150 11.64 -6.33 32.30
C SER A 150 12.36 -5.19 33.01
N GLY A 151 11.69 -4.58 33.97
CA GLY A 151 12.18 -3.36 34.59
C GLY A 151 12.06 -2.16 33.67
N PHE A 152 11.28 -2.27 32.60
CA PHE A 152 11.10 -1.15 31.65
C PHE A 152 10.20 -0.10 32.25
N PRO A 153 10.40 1.17 31.87
CA PRO A 153 9.37 2.16 32.21
C PRO A 153 8.03 1.81 31.56
N LYS A 154 6.93 2.34 32.10
CA LYS A 154 5.59 1.94 31.69
C LYS A 154 5.24 2.29 30.24
N ASN A 155 5.85 3.35 29.71
CA ASN A 155 5.61 3.75 28.31
C ASN A 155 6.05 2.66 27.30
N ARG A 156 7.01 1.84 27.69
CA ARG A 156 7.54 0.81 26.78
C ARG A 156 6.95 -0.59 26.95
N VAL A 157 5.92 -0.75 27.78
CA VAL A 157 5.24 -2.04 27.93
C VAL A 157 3.76 -1.83 27.62
N ILE A 158 3.31 -2.45 26.52
CA ILE A 158 1.97 -2.24 25.98
C ILE A 158 1.26 -3.58 25.89
N GLY A 159 0.03 -3.64 26.38
CA GLY A 159 -0.78 -4.84 26.20
C GLY A 159 -1.77 -4.61 25.07
N SER A 160 -2.02 -5.64 24.26
CA SER A 160 -2.98 -5.52 23.16
C SER A 160 -4.34 -5.15 23.72
N GLY A 161 -4.63 -5.62 24.92
CA GLY A 161 -5.78 -5.16 25.70
C GLY A 161 -7.08 -5.26 24.92
N CYS A 162 -7.81 -4.15 24.87
CA CYS A 162 -9.12 -4.12 24.23
C CYS A 162 -9.06 -3.68 22.76
N ASN A 163 -7.91 -3.81 22.12
CA ASN A 163 -7.80 -3.41 20.73
C ASN A 163 -8.70 -4.30 19.87
N LEU A 164 -8.61 -5.61 20.11
CA LEU A 164 -9.45 -6.57 19.42
C LEU A 164 -10.92 -6.40 19.82
N ASP A 165 -11.19 -6.30 21.12
CA ASP A 165 -12.55 -6.11 21.64
C ASP A 165 -13.21 -4.95 20.90
N SER A 166 -12.48 -3.84 20.76
CA SER A 166 -12.99 -2.64 20.12
C SER A 166 -13.20 -2.79 18.60
N ALA A 167 -12.30 -3.51 17.94
CA ALA A 167 -12.45 -3.82 16.52
C ALA A 167 -13.71 -4.64 16.27
N ARG A 168 -13.91 -5.69 17.06
CA ARG A 168 -15.12 -6.52 16.97
C ARG A 168 -16.40 -5.69 17.20
N PHE A 169 -16.35 -4.78 18.17
CA PHE A 169 -17.49 -3.93 18.50
C PHE A 169 -17.84 -3.04 17.32
N ARG A 170 -16.82 -2.48 16.69
CA ARG A 170 -17.01 -1.59 15.55
C ARG A 170 -17.44 -2.37 14.32
N TYR A 171 -17.02 -3.63 14.21
CA TYR A 171 -17.48 -4.45 13.11
C TYR A 171 -18.98 -4.68 13.27
N LEU A 172 -19.39 -5.06 14.47
CA LEU A 172 -20.82 -5.31 14.75
C LEU A 172 -21.67 -4.05 14.63
N MET A 173 -21.16 -2.94 15.17
CA MET A 173 -21.81 -1.64 15.05
C MET A 173 -22.01 -1.25 13.57
N GLY A 174 -20.97 -1.43 12.76
CA GLY A 174 -21.08 -1.19 11.32
C GLY A 174 -22.06 -2.10 10.61
N GLU A 175 -22.12 -3.38 11.01
CA GLU A 175 -23.14 -4.27 10.45
C GLU A 175 -24.54 -3.77 10.75
N ARG A 176 -24.77 -3.29 11.97
CA ARG A 176 -26.08 -2.74 12.33
C ARG A 176 -26.48 -1.49 11.55
N LEU A 177 -25.55 -0.56 11.39
CA LEU A 177 -25.89 0.73 10.76
C LEU A 177 -25.68 0.76 9.25
N GLY A 178 -25.11 -0.30 8.68
CA GLY A 178 -24.81 -0.32 7.24
C GLY A 178 -23.72 0.67 6.86
N VAL A 179 -22.68 0.75 7.71
CA VAL A 179 -21.57 1.70 7.55
C VAL A 179 -20.25 0.99 7.83
N HIS A 180 -19.21 1.40 7.10
CA HIS A 180 -17.90 0.80 7.33
C HIS A 180 -17.46 1.06 8.77
N PRO A 181 -16.81 0.08 9.41
CA PRO A 181 -16.31 0.19 10.77
C PRO A 181 -15.40 1.37 11.04
N LEU A 182 -14.64 1.80 10.04
CA LEU A 182 -13.75 2.95 10.17
C LEU A 182 -14.54 4.19 10.52
N SER A 183 -15.77 4.30 10.01
CA SER A 183 -16.63 5.45 10.29
C SER A 183 -17.53 5.25 11.51
N CYS A 184 -17.48 4.06 12.10
CA CYS A 184 -18.30 3.72 13.26
C CYS A 184 -17.41 3.73 14.48
N HIS A 185 -17.49 4.79 15.26
CA HIS A 185 -16.58 4.99 16.41
C HIS A 185 -17.19 4.49 17.71
N GLY A 186 -16.37 3.78 18.47
CA GLY A 186 -16.85 3.17 19.70
C GLY A 186 -15.71 2.53 20.43
N TRP A 187 -15.71 2.69 21.75
CA TRP A 187 -14.58 2.31 22.59
C TRP A 187 -14.97 1.25 23.60
N VAL A 188 -14.22 0.14 23.57
CA VAL A 188 -14.34 -0.90 24.57
C VAL A 188 -13.09 -0.82 25.43
N LEU A 189 -13.28 -0.58 26.71
CA LEU A 189 -12.17 -0.29 27.60
C LEU A 189 -12.18 -1.23 28.81
N GLY A 190 -11.13 -1.13 29.61
CA GLY A 190 -11.04 -1.89 30.83
C GLY A 190 -10.26 -3.18 30.60
N GLU A 191 -10.77 -4.25 31.20
CA GLU A 191 -10.17 -5.55 31.16
C GLU A 191 -10.53 -6.21 29.86
N HIS A 192 -9.54 -6.82 29.22
CA HIS A 192 -9.77 -7.54 27.99
C HIS A 192 -10.68 -8.76 28.18
N GLY A 193 -11.63 -8.93 27.28
CA GLY A 193 -12.42 -10.16 27.23
C GLY A 193 -13.77 -10.07 27.92
N ASP A 194 -14.10 -11.08 28.70
CA ASP A 194 -15.44 -11.20 29.35
C ASP A 194 -15.86 -9.93 30.08
N SER A 195 -14.94 -9.32 30.83
CA SER A 195 -15.29 -8.20 31.71
C SER A 195 -15.05 -6.81 31.10
N SER A 196 -14.88 -6.72 29.79
CA SER A 196 -14.61 -5.41 29.19
C SER A 196 -15.84 -4.51 29.26
N VAL A 197 -15.63 -3.22 29.02
CA VAL A 197 -16.68 -2.21 29.21
C VAL A 197 -16.91 -1.39 27.95
N PRO A 198 -18.12 -1.49 27.34
CA PRO A 198 -18.42 -0.62 26.22
C PRO A 198 -18.75 0.78 26.72
N VAL A 199 -18.08 1.79 26.20
CA VAL A 199 -18.32 3.16 26.67
C VAL A 199 -19.36 3.82 25.79
N TRP A 200 -20.61 3.72 26.22
CA TRP A 200 -21.75 4.15 25.40
C TRP A 200 -21.72 5.63 25.05
N SER A 201 -21.17 6.48 25.93
CA SER A 201 -21.15 7.92 25.68
C SER A 201 -20.31 8.32 24.46
N GLY A 202 -19.32 7.49 24.12
CA GLY A 202 -18.43 7.79 22.99
C GLY A 202 -18.87 7.25 21.65
N MET A 203 -19.97 6.49 21.64
CA MET A 203 -20.38 5.76 20.46
C MET A 203 -21.02 6.73 19.48
N ASN A 204 -20.45 6.84 18.30
CA ASN A 204 -20.86 7.89 17.39
C ASN A 204 -20.49 7.62 15.94
N VAL A 205 -21.27 8.21 15.05
CA VAL A 205 -20.92 8.30 13.64
C VAL A 205 -20.91 9.77 13.26
N ALA A 206 -19.85 10.21 12.58
CA ALA A 206 -19.66 11.62 12.20
C ALA A 206 -19.82 12.63 13.36
N GLY A 207 -19.36 12.24 14.54
CA GLY A 207 -19.58 13.01 15.77
C GLY A 207 -21.02 13.17 16.24
N VAL A 208 -21.96 12.43 15.66
CA VAL A 208 -23.31 12.36 16.20
C VAL A 208 -23.35 11.24 17.24
N SER A 209 -23.36 11.63 18.52
CA SER A 209 -23.44 10.69 19.63
C SER A 209 -24.76 9.93 19.59
N LEU A 210 -24.68 8.60 19.66
CA LEU A 210 -25.86 7.75 19.61
C LEU A 210 -26.65 7.83 20.94
N LYS A 211 -25.90 7.95 22.04
CA LYS A 211 -26.47 8.13 23.38
C LYS A 211 -27.35 9.38 23.46
N THR A 212 -27.00 10.42 22.70
CA THR A 212 -27.76 11.67 22.69
C THR A 212 -29.05 11.54 21.89
N LEU A 213 -28.98 10.91 20.70
CA LEU A 213 -30.19 10.66 19.89
C LEU A 213 -31.10 9.63 20.53
N HIS A 214 -30.51 8.76 21.35
CA HIS A 214 -31.22 7.63 21.90
C HIS A 214 -30.73 7.38 23.32
N PRO A 215 -31.27 8.12 24.31
CA PRO A 215 -30.72 8.06 25.67
C PRO A 215 -30.76 6.69 26.33
N ASP A 216 -31.60 5.78 25.82
CA ASP A 216 -31.64 4.39 26.30
C ASP A 216 -30.45 3.53 25.82
N LEU A 217 -29.65 4.03 24.87
CA LEU A 217 -28.48 3.29 24.38
C LEU A 217 -27.71 2.61 25.50
N GLY A 218 -27.66 1.29 25.46
CA GLY A 218 -26.82 0.53 26.39
C GLY A 218 -27.48 0.22 27.73
N THR A 219 -28.74 0.59 27.90
CA THR A 219 -29.46 0.29 29.12
C THR A 219 -30.31 -0.96 28.94
N ASP A 220 -30.73 -1.53 30.07
CA ASP A 220 -31.59 -2.70 30.10
C ASP A 220 -32.89 -2.52 29.31
N LYS A 221 -33.51 -1.35 29.43
CA LYS A 221 -34.84 -1.12 28.84
C LYS A 221 -34.80 -0.59 27.41
N ASP A 222 -33.60 -0.51 26.84
CA ASP A 222 -33.43 -0.15 25.44
C ASP A 222 -34.33 -1.01 24.58
N LYS A 223 -35.20 -0.39 23.79
CA LYS A 223 -36.15 -1.13 22.98
C LYS A 223 -35.41 -1.82 21.84
N GLU A 224 -34.24 -1.29 21.47
CA GLU A 224 -33.42 -1.87 20.43
C GLU A 224 -32.27 -2.73 20.98
N GLN A 225 -32.17 -2.81 22.30
CA GLN A 225 -31.22 -3.67 22.98
C GLN A 225 -29.79 -3.56 22.44
N TRP A 226 -29.26 -2.34 22.41
CA TRP A 226 -27.88 -2.13 21.95
C TRP A 226 -26.84 -2.79 22.85
N LYS A 227 -27.18 -3.06 24.11
CA LYS A 227 -26.29 -3.85 24.97
C LYS A 227 -25.92 -5.21 24.37
N GLU A 228 -26.74 -5.70 23.44
CA GLU A 228 -26.47 -6.98 22.77
C GLU A 228 -25.25 -6.93 21.85
N VAL A 229 -24.98 -5.77 21.27
CA VAL A 229 -23.78 -5.59 20.45
C VAL A 229 -22.55 -5.98 21.26
N HIS A 230 -22.42 -5.41 22.47
CA HIS A 230 -21.31 -5.75 23.33
C HIS A 230 -21.36 -7.20 23.80
N LYS A 231 -22.55 -7.67 24.13
CA LYS A 231 -22.73 -9.06 24.52
C LYS A 231 -22.32 -9.99 23.36
N GLN A 232 -22.63 -9.58 22.14
CA GLN A 232 -22.23 -10.34 20.95
C GLN A 232 -20.71 -10.32 20.73
N VAL A 233 -20.05 -9.22 21.09
CA VAL A 233 -18.59 -9.21 21.03
C VAL A 233 -18.08 -10.40 21.84
N VAL A 234 -18.49 -10.45 23.11
CA VAL A 234 -18.09 -11.55 24.01
C VAL A 234 -18.52 -12.93 23.44
N GLU A 235 -19.75 -13.04 22.96
CA GLU A 235 -20.25 -14.30 22.39
C GLU A 235 -19.50 -14.72 21.12
N SER A 236 -19.19 -13.75 20.28
CA SER A 236 -18.36 -13.98 19.09
C SER A 236 -17.09 -14.72 19.42
N ALA A 237 -16.39 -14.26 20.45
CA ALA A 237 -15.13 -14.85 20.82
C ALA A 237 -15.30 -16.31 21.19
N TYR A 238 -16.29 -16.61 22.03
CA TYR A 238 -16.58 -18.00 22.40
C TYR A 238 -17.03 -18.83 21.21
N GLU A 239 -17.78 -18.22 20.30
CA GLU A 239 -18.23 -18.92 19.10
C GLU A 239 -17.05 -19.32 18.19
N VAL A 240 -16.09 -18.42 17.98
CA VAL A 240 -14.96 -18.73 17.11
C VAL A 240 -14.12 -19.87 17.70
N ILE A 241 -13.96 -19.88 19.01
CA ILE A 241 -13.26 -20.97 19.67
C ILE A 241 -14.00 -22.28 19.47
N LYS A 242 -15.30 -22.28 19.73
CA LYS A 242 -16.16 -23.44 19.49
C LYS A 242 -16.03 -23.94 18.03
N LEU A 243 -16.15 -23.03 17.06
CA LEU A 243 -16.17 -23.39 15.62
C LEU A 243 -14.82 -23.77 15.04
N LYS A 244 -13.81 -22.97 15.34
CA LYS A 244 -12.51 -23.07 14.68
C LYS A 244 -11.42 -23.59 15.63
N GLY A 245 -11.61 -23.39 16.94
CA GLY A 245 -10.67 -23.90 17.94
C GLY A 245 -9.71 -22.84 18.48
N TYR A 246 -9.61 -21.71 17.79
CA TYR A 246 -8.68 -20.62 18.14
C TYR A 246 -9.02 -19.41 17.29
N THR A 247 -8.43 -18.27 17.58
CA THR A 247 -8.60 -17.07 16.76
C THR A 247 -7.21 -16.61 16.33
N SER A 248 -7.10 -16.06 15.13
CA SER A 248 -5.78 -15.72 14.59
C SER A 248 -5.81 -14.46 13.75
N TRP A 249 -6.72 -14.39 12.78
CA TRP A 249 -6.67 -13.33 11.77
C TRP A 249 -6.97 -11.94 12.32
N ALA A 250 -8.05 -11.81 13.08
CA ALA A 250 -8.45 -10.51 13.66
C ALA A 250 -7.38 -9.97 14.62
N ILE A 251 -6.88 -10.83 15.52
CA ILE A 251 -5.84 -10.40 16.43
C ILE A 251 -4.56 -10.06 15.67
N GLY A 252 -4.21 -10.87 14.66
CA GLY A 252 -3.06 -10.59 13.79
C GLY A 252 -3.13 -9.20 13.20
N LEU A 253 -4.29 -8.86 12.66
CA LEU A 253 -4.50 -7.56 12.06
C LEU A 253 -4.46 -6.43 13.07
N SER A 254 -5.18 -6.60 14.19
CA SER A 254 -5.16 -5.64 15.29
C SER A 254 -3.73 -5.33 15.77
N VAL A 255 -2.90 -6.37 15.95
CA VAL A 255 -1.53 -6.17 16.36
C VAL A 255 -0.73 -5.39 15.32
N ALA A 256 -0.87 -5.76 14.05
CA ALA A 256 -0.15 -5.06 13.00
C ALA A 256 -0.49 -3.58 13.00
N ASP A 257 -1.74 -3.26 13.36
CA ASP A 257 -2.18 -1.88 13.41
C ASP A 257 -1.48 -1.10 14.52
N LEU A 258 -1.30 -1.75 15.67
CA LEU A 258 -0.54 -1.17 16.76
C LEU A 258 0.92 -1.02 16.35
N ALA A 259 1.47 -2.04 15.72
CA ALA A 259 2.86 -1.98 15.29
C ALA A 259 3.05 -0.84 14.31
N GLU A 260 2.06 -0.60 13.47
CA GLU A 260 2.17 0.46 12.48
C GLU A 260 2.35 1.81 13.19
N SER A 261 1.51 2.09 14.18
CA SER A 261 1.58 3.37 14.88
C SER A 261 2.90 3.53 15.61
N ILE A 262 3.43 2.44 16.15
CA ILE A 262 4.65 2.49 16.91
C ILE A 262 5.85 2.65 15.99
N MET A 263 5.94 1.78 14.98
CA MET A 263 7.08 1.78 14.05
C MET A 263 7.16 3.05 13.24
N LYS A 264 6.02 3.68 12.97
CA LYS A 264 5.97 4.90 12.16
C LYS A 264 5.73 6.17 12.97
N ASN A 265 5.75 6.04 14.30
CA ASN A 265 5.55 7.17 15.20
C ASN A 265 4.33 8.00 14.84
N LEU A 266 3.21 7.33 14.60
CA LEU A 266 2.04 8.02 14.09
C LEU A 266 1.29 8.86 15.15
N ARG A 267 1.40 8.46 16.41
CA ARG A 267 0.62 9.10 17.46
C ARG A 267 -0.87 9.05 17.18
N ARG A 268 -1.35 7.91 16.68
CA ARG A 268 -2.77 7.63 16.66
C ARG A 268 -3.19 7.15 18.03
N VAL A 269 -4.50 7.17 18.27
CA VAL A 269 -5.06 6.71 19.53
C VAL A 269 -5.66 5.31 19.42
N HIS A 270 -5.25 4.42 20.33
CA HIS A 270 -5.73 3.04 20.33
C HIS A 270 -6.15 2.61 21.73
N PRO A 271 -7.11 1.68 21.82
CA PRO A 271 -7.45 1.07 23.10
C PRO A 271 -6.51 -0.08 23.41
N VAL A 272 -5.50 0.23 24.21
CA VAL A 272 -4.53 -0.75 24.63
C VAL A 272 -4.39 -0.66 26.13
N SER A 273 -3.73 -1.68 26.69
CA SER A 273 -3.60 -1.83 28.12
C SER A 273 -2.33 -1.17 28.64
N THR A 274 -2.52 -0.36 29.67
CA THR A 274 -1.44 0.42 30.25
C THR A 274 -1.61 0.51 31.76
N MET A 275 -0.52 0.91 32.42
CA MET A 275 -0.46 1.01 33.86
C MET A 275 -1.38 2.13 34.31
N ILE A 276 -2.48 1.76 34.95
CA ILE A 276 -3.59 2.65 35.17
C ILE A 276 -3.70 3.19 36.62
N LYS A 277 -2.73 2.88 37.46
CA LYS A 277 -2.77 3.35 38.84
C LYS A 277 -2.88 4.87 38.89
N GLY A 278 -3.79 5.37 39.72
CA GLY A 278 -4.03 6.80 39.81
C GLY A 278 -5.26 7.26 39.07
N LEU A 279 -5.89 6.37 38.29
CA LEU A 279 -7.11 6.74 37.57
C LEU A 279 -8.33 5.97 38.03
N TYR A 280 -9.47 6.67 38.03
CA TYR A 280 -10.77 6.06 38.29
C TYR A 280 -10.80 5.38 39.66
N GLY A 281 -10.09 5.96 40.60
CA GLY A 281 -10.05 5.46 41.96
C GLY A 281 -9.24 4.18 42.10
N ILE A 282 -8.45 3.85 41.08
CA ILE A 282 -7.61 2.65 41.11
C ILE A 282 -6.27 2.98 41.75
N LYS A 283 -5.88 2.17 42.72
CA LYS A 283 -4.67 2.41 43.51
C LYS A 283 -3.70 1.23 43.54
N ASP A 284 -3.96 0.21 42.73
CA ASP A 284 -3.01 -0.90 42.59
C ASP A 284 -2.28 -0.86 41.24
N ASP A 285 -1.17 -1.59 41.18
CA ASP A 285 -0.36 -1.71 39.97
C ASP A 285 -1.02 -2.72 39.04
N VAL A 286 -1.98 -2.24 38.24
CA VAL A 286 -2.64 -3.07 37.24
C VAL A 286 -2.72 -2.35 35.89
N PHE A 287 -2.80 -3.15 34.85
CA PHE A 287 -2.93 -2.65 33.50
C PHE A 287 -4.35 -2.88 33.01
N LEU A 288 -4.98 -1.80 32.58
CA LEU A 288 -6.29 -1.85 31.94
C LEU A 288 -6.24 -0.99 30.71
N SER A 289 -7.19 -1.19 29.80
CA SER A 289 -7.23 -0.44 28.56
C SER A 289 -7.94 0.89 28.68
N VAL A 290 -7.24 1.92 28.21
CA VAL A 290 -7.79 3.24 27.95
C VAL A 290 -7.24 3.66 26.59
N PRO A 291 -7.80 4.72 25.98
CA PRO A 291 -7.23 5.17 24.71
C PRO A 291 -5.86 5.81 24.92
N CYS A 292 -4.84 5.23 24.29
CA CYS A 292 -3.46 5.67 24.39
C CYS A 292 -2.93 6.19 23.04
N ILE A 293 -2.08 7.22 23.11
CA ILE A 293 -1.34 7.71 21.96
C ILE A 293 -0.10 6.83 21.79
N LEU A 294 0.03 6.20 20.63
CA LEU A 294 1.11 5.29 20.36
C LEU A 294 2.09 5.84 19.33
N GLY A 295 3.38 5.76 19.66
CA GLY A 295 4.42 6.22 18.74
C GLY A 295 5.75 5.55 19.01
N GLN A 296 6.83 6.20 18.58
CA GLN A 296 8.17 5.59 18.63
C GLN A 296 8.66 5.23 20.04
N ASN A 297 8.13 5.91 21.06
CA ASN A 297 8.48 5.64 22.45
C ASN A 297 7.34 4.93 23.18
N GLY A 298 6.48 4.26 22.42
CA GLY A 298 5.42 3.45 23.00
C GLY A 298 4.23 4.32 23.38
N ILE A 299 3.77 4.20 24.63
CA ILE A 299 2.65 5.01 25.10
C ILE A 299 3.20 6.29 25.76
N SER A 300 3.08 7.40 25.03
CA SER A 300 3.57 8.68 25.55
C SER A 300 2.50 9.45 26.32
N ASP A 301 1.24 9.17 25.99
CA ASP A 301 0.09 9.91 26.51
C ASP A 301 -1.13 8.97 26.52
N LEU A 302 -2.07 9.25 27.41
CA LEU A 302 -3.37 8.59 27.37
C LEU A 302 -4.48 9.62 27.44
N VAL A 303 -5.63 9.25 26.90
CA VAL A 303 -6.80 10.10 26.91
C VAL A 303 -7.60 9.83 28.18
N LYS A 304 -8.08 10.90 28.80
CA LYS A 304 -8.84 10.79 30.05
C LYS A 304 -10.31 10.74 29.71
N VAL A 305 -10.80 9.53 29.51
CA VAL A 305 -12.19 9.26 29.22
C VAL A 305 -13.02 9.52 30.47
N THR A 306 -14.09 10.28 30.34
CA THR A 306 -15.06 10.48 31.43
C THR A 306 -15.92 9.20 31.47
N LEU A 307 -15.88 8.51 32.59
CA LEU A 307 -16.66 7.31 32.80
C LEU A 307 -17.82 7.60 33.77
N THR A 308 -19.00 7.07 33.46
CA THR A 308 -20.14 7.08 34.39
C THR A 308 -19.76 6.32 35.66
N SER A 309 -20.61 6.44 36.69
CA SER A 309 -20.41 5.74 37.97
C SER A 309 -20.23 4.24 37.75
N GLU A 310 -21.16 3.63 37.00
CA GLU A 310 -21.17 2.18 36.74
C GLU A 310 -19.94 1.75 35.95
N GLU A 311 -19.68 2.43 34.85
CA GLU A 311 -18.46 2.18 34.07
C GLU A 311 -17.24 2.22 34.99
N GLU A 312 -17.18 3.22 35.86
CA GLU A 312 -16.04 3.38 36.77
C GLU A 312 -15.93 2.20 37.74
N ALA A 313 -17.05 1.77 38.29
CA ALA A 313 -17.10 0.64 39.21
C ALA A 313 -16.68 -0.67 38.54
N ARG A 314 -17.08 -0.86 37.28
CA ARG A 314 -16.66 -2.05 36.54
C ARG A 314 -15.13 -2.10 36.38
N LEU A 315 -14.50 -0.95 36.09
CA LEU A 315 -13.02 -0.91 36.00
C LEU A 315 -12.34 -1.23 37.33
N LYS A 316 -12.86 -0.66 38.41
CA LYS A 316 -12.31 -0.87 39.75
C LYS A 316 -12.47 -2.34 40.17
N LYS A 317 -13.60 -2.94 39.79
CA LYS A 317 -13.86 -4.35 40.09
C LYS A 317 -12.86 -5.26 39.34
N SER A 318 -12.61 -4.96 38.06
CA SER A 318 -11.55 -5.66 37.31
C SER A 318 -10.19 -5.49 38.00
N ALA A 319 -9.85 -4.26 38.36
CA ALA A 319 -8.55 -3.98 38.99
C ALA A 319 -8.34 -4.80 40.26
N ASP A 320 -9.38 -4.92 41.07
CA ASP A 320 -9.33 -5.72 42.29
C ASP A 320 -9.05 -7.19 41.98
N THR A 321 -9.84 -7.75 41.05
CA THR A 321 -9.65 -9.14 40.63
C THR A 321 -8.25 -9.34 40.05
N LEU A 322 -7.82 -8.42 39.19
CA LEU A 322 -6.48 -8.53 38.60
C LEU A 322 -5.41 -8.49 39.68
N TRP A 323 -5.51 -7.51 40.58
CA TRP A 323 -4.50 -7.38 41.64
C TRP A 323 -4.52 -8.60 42.60
N GLY A 324 -5.72 -9.10 42.90
CA GLY A 324 -5.89 -10.29 43.74
C GLY A 324 -5.20 -11.53 43.21
N ILE A 325 -5.07 -11.63 41.89
CA ILE A 325 -4.26 -12.67 41.28
C ILE A 325 -2.79 -12.28 41.35
N GLN A 326 -2.50 -11.02 41.02
CA GLN A 326 -1.11 -10.58 40.89
C GLN A 326 -0.31 -10.63 42.19
N LYS A 327 -0.94 -10.29 43.32
CA LYS A 327 -0.24 -10.31 44.61
C LYS A 327 0.21 -11.74 44.97
N GLU A 328 -0.50 -12.73 44.45
CA GLU A 328 -0.21 -14.14 44.71
C GLU A 328 0.82 -14.79 43.77
N LEU A 329 1.27 -14.08 42.73
CA LEU A 329 2.19 -14.67 41.74
C LEU A 329 3.62 -14.76 42.28
N GLN A 330 4.36 -15.75 41.80
CA GLN A 330 5.75 -15.94 42.21
C GLN A 330 6.75 -15.59 41.09
N PHE A 331 7.44 -14.47 41.26
CA PHE A 331 8.49 -14.04 40.33
C PHE A 331 9.85 -14.58 40.77
N ALA B 1 -39.74 5.23 14.23
CA ALA B 1 -38.38 5.69 13.80
C ALA B 1 -37.34 5.13 14.75
N THR B 2 -36.53 4.20 14.24
CA THR B 2 -35.46 3.56 14.99
C THR B 2 -34.27 4.53 15.12
N LEU B 3 -33.28 4.15 15.92
CA LEU B 3 -32.06 4.96 16.01
C LEU B 3 -31.41 5.14 14.63
N LYS B 4 -31.28 4.04 13.88
CA LYS B 4 -30.74 4.07 12.51
C LYS B 4 -31.44 5.12 11.64
N ASP B 5 -32.77 5.17 11.70
CA ASP B 5 -33.55 6.11 10.90
C ASP B 5 -33.34 7.54 11.36
N GLN B 6 -33.12 7.71 12.66
CA GLN B 6 -32.83 9.05 13.19
C GLN B 6 -31.46 9.51 12.74
N LEU B 7 -30.50 8.58 12.75
CA LEU B 7 -29.11 8.90 12.45
C LEU B 7 -28.87 9.07 10.95
N ILE B 8 -29.48 8.19 10.17
CA ILE B 8 -29.19 8.07 8.76
C ILE B 8 -30.46 8.20 7.94
N TYR B 9 -30.42 9.09 6.96
CA TYR B 9 -31.46 9.21 5.94
C TYR B 9 -31.03 8.41 4.70
N ASN B 10 -31.93 7.57 4.20
CA ASN B 10 -31.67 6.79 2.99
C ASN B 10 -32.11 7.50 1.71
N LEU B 11 -31.19 7.64 0.77
CA LEU B 11 -31.52 8.21 -0.55
C LEU B 11 -32.12 7.15 -1.47
N LEU B 12 -31.58 5.93 -1.40
CA LEU B 12 -32.12 4.80 -2.16
C LEU B 12 -31.61 3.48 -1.58
N LYS B 13 -32.42 2.43 -1.68
CA LYS B 13 -32.05 1.09 -1.23
C LYS B 13 -31.68 0.26 -2.47
N GLU B 14 -32.20 -0.96 -2.57
CA GLU B 14 -31.85 -1.90 -3.64
C GLU B 14 -30.36 -2.26 -3.62
N GLU B 15 -30.07 -3.54 -3.36
CA GLU B 15 -28.69 -3.99 -3.26
C GLU B 15 -28.04 -4.08 -4.63
N GLN B 16 -26.79 -3.64 -4.70
CA GLN B 16 -26.01 -3.72 -5.93
C GLN B 16 -25.16 -4.98 -5.82
N THR B 17 -24.56 -5.39 -6.93
CA THR B 17 -23.68 -6.54 -6.94
C THR B 17 -22.25 -6.07 -6.74
N PRO B 18 -21.35 -6.97 -6.27
CA PRO B 18 -19.98 -6.53 -6.13
C PRO B 18 -19.30 -6.38 -7.48
N GLN B 19 -18.30 -5.52 -7.52
CA GLN B 19 -17.55 -5.23 -8.74
C GLN B 19 -16.33 -6.15 -8.91
N ASN B 20 -15.81 -6.65 -7.80
CA ASN B 20 -14.53 -7.37 -7.81
C ASN B 20 -14.59 -8.49 -6.81
N LYS B 21 -15.50 -9.42 -7.04
CA LYS B 21 -15.73 -10.52 -6.12
C LYS B 21 -14.76 -11.66 -6.33
N ILE B 22 -14.16 -12.12 -5.24
CA ILE B 22 -13.31 -13.26 -5.31
C ILE B 22 -13.83 -14.34 -4.37
N THR B 23 -13.76 -15.59 -4.82
CA THR B 23 -14.13 -16.72 -4.00
C THR B 23 -12.92 -17.62 -3.76
N VAL B 24 -12.79 -18.09 -2.52
CA VAL B 24 -11.83 -19.11 -2.17
C VAL B 24 -12.54 -20.36 -1.71
N VAL B 25 -12.27 -21.47 -2.41
CA VAL B 25 -12.87 -22.77 -2.10
C VAL B 25 -11.85 -23.60 -1.31
N GLY B 26 -12.27 -24.04 -0.13
CA GLY B 26 -11.39 -24.69 0.84
C GLY B 26 -10.82 -23.63 1.81
N VAL B 27 -11.10 -23.75 3.09
CA VAL B 27 -10.57 -22.83 4.12
C VAL B 27 -9.55 -23.52 5.00
N GLY B 28 -8.75 -24.37 4.39
CA GLY B 28 -7.63 -24.96 5.07
C GLY B 28 -6.52 -23.95 5.20
N ALA B 29 -5.32 -24.46 5.35
CA ALA B 29 -4.15 -23.62 5.57
C ALA B 29 -3.85 -22.77 4.33
N VAL B 30 -4.00 -23.37 3.15
CA VAL B 30 -3.70 -22.68 1.90
C VAL B 30 -4.80 -21.66 1.60
N GLY B 31 -6.04 -22.12 1.63
CA GLY B 31 -7.19 -21.24 1.39
C GLY B 31 -7.16 -19.96 2.23
N MET B 32 -6.87 -20.10 3.52
CA MET B 32 -6.92 -18.95 4.42
C MET B 32 -5.69 -18.04 4.24
N ALA B 33 -4.56 -18.64 3.90
CA ALA B 33 -3.37 -17.86 3.54
C ALA B 33 -3.64 -17.04 2.27
N CYS B 34 -4.31 -17.67 1.32
CA CYS B 34 -4.73 -16.99 0.11
C CYS B 34 -5.67 -15.83 0.47
N ALA B 35 -6.66 -16.12 1.30
CA ALA B 35 -7.63 -15.10 1.75
C ALA B 35 -6.97 -13.86 2.39
N ILE B 36 -6.15 -14.08 3.40
CA ILE B 36 -5.57 -12.97 4.12
C ILE B 36 -4.66 -12.17 3.21
N SER B 37 -3.92 -12.85 2.33
CA SER B 37 -3.05 -12.18 1.37
C SER B 37 -3.87 -11.33 0.41
N ILE B 38 -4.96 -11.89 -0.09
CA ILE B 38 -5.83 -11.14 -0.99
C ILE B 38 -6.46 -9.93 -0.28
N LEU B 39 -6.97 -10.14 0.93
CA LEU B 39 -7.61 -9.05 1.69
C LEU B 39 -6.63 -7.91 1.97
N MET B 40 -5.41 -8.24 2.36
CA MET B 40 -4.41 -7.23 2.71
C MET B 40 -3.86 -6.52 1.48
N LYS B 41 -4.12 -7.05 0.27
CA LYS B 41 -3.76 -6.36 -0.96
C LYS B 41 -4.91 -5.62 -1.61
N ASP B 42 -6.04 -5.53 -0.93
CA ASP B 42 -7.20 -4.75 -1.44
C ASP B 42 -7.63 -5.13 -2.86
N LEU B 43 -7.70 -6.42 -3.14
CA LEU B 43 -8.01 -6.88 -4.48
C LEU B 43 -9.51 -7.10 -4.70
N ALA B 44 -10.26 -7.24 -3.61
CA ALA B 44 -11.65 -7.65 -3.71
C ALA B 44 -12.57 -6.72 -2.92
N ASP B 45 -13.78 -6.51 -3.45
CA ASP B 45 -14.84 -5.83 -2.67
C ASP B 45 -15.79 -6.82 -2.00
N GLU B 46 -15.73 -8.08 -2.42
CA GLU B 46 -16.39 -9.15 -1.69
C GLU B 46 -15.54 -10.40 -1.73
N LEU B 47 -15.37 -11.02 -0.58
CA LEU B 47 -14.71 -12.32 -0.50
C LEU B 47 -15.73 -13.37 -0.05
N ALA B 48 -15.82 -14.48 -0.78
CA ALA B 48 -16.68 -15.60 -0.39
C ALA B 48 -15.85 -16.83 -0.13
N LEU B 49 -16.15 -17.50 0.98
CA LEU B 49 -15.49 -18.74 1.38
C LEU B 49 -16.43 -19.94 1.28
N VAL B 50 -15.92 -21.06 0.79
CA VAL B 50 -16.67 -22.32 0.70
C VAL B 50 -15.84 -23.46 1.26
N ASP B 51 -16.50 -24.40 1.93
CA ASP B 51 -15.88 -25.62 2.44
C ASP B 51 -16.99 -26.62 2.79
N VAL B 52 -16.62 -27.87 3.02
CA VAL B 52 -17.59 -28.91 3.42
C VAL B 52 -17.66 -29.06 4.93
N ILE B 53 -16.65 -28.58 5.64
CA ILE B 53 -16.69 -28.59 7.08
C ILE B 53 -17.33 -27.28 7.52
N GLU B 54 -18.57 -27.34 7.99
CA GLU B 54 -19.36 -26.11 8.18
C GLU B 54 -18.93 -25.26 9.37
N ASP B 55 -18.46 -25.87 10.44
CA ASP B 55 -18.10 -25.12 11.66
C ASP B 55 -16.80 -24.34 11.43
N LYS B 56 -15.78 -25.02 10.94
CA LYS B 56 -14.51 -24.42 10.53
C LYS B 56 -14.73 -23.26 9.56
N LEU B 57 -15.59 -23.48 8.57
CA LEU B 57 -15.93 -22.48 7.58
C LEU B 57 -16.47 -21.20 8.20
N LYS B 58 -17.46 -21.33 9.08
CA LYS B 58 -18.08 -20.18 9.72
C LYS B 58 -17.12 -19.47 10.68
N GLY B 59 -16.36 -20.26 11.44
CA GLY B 59 -15.34 -19.74 12.34
C GLY B 59 -14.27 -18.94 11.63
N GLU B 60 -13.80 -19.43 10.49
CA GLU B 60 -12.80 -18.74 9.68
C GLU B 60 -13.40 -17.45 9.08
N MET B 61 -14.61 -17.52 8.56
CA MET B 61 -15.28 -16.33 8.08
C MET B 61 -15.34 -15.24 9.16
N MET B 62 -15.78 -15.63 10.36
CA MET B 62 -15.97 -14.71 11.48
C MET B 62 -14.66 -14.05 11.91
N ASP B 63 -13.61 -14.86 11.98
CA ASP B 63 -12.29 -14.39 12.34
C ASP B 63 -11.86 -13.32 11.34
N LEU B 64 -12.11 -13.56 10.05
CA LEU B 64 -11.79 -12.55 9.06
C LEU B 64 -12.66 -11.33 9.25
N GLN B 65 -13.96 -11.54 9.47
CA GLN B 65 -14.89 -10.42 9.64
C GLN B 65 -14.45 -9.52 10.79
N HIS B 66 -13.96 -10.11 11.86
CA HIS B 66 -13.61 -9.36 13.04
C HIS B 66 -12.41 -8.44 12.82
N GLY B 67 -11.67 -8.63 11.72
CA GLY B 67 -10.56 -7.75 11.35
C GLY B 67 -10.92 -6.69 10.33
N SER B 68 -12.20 -6.58 9.99
CA SER B 68 -12.71 -5.63 8.99
C SER B 68 -12.27 -4.18 9.19
N LEU B 69 -12.21 -3.74 10.43
CA LEU B 69 -11.76 -2.38 10.72
C LEU B 69 -10.40 -2.08 10.06
N PHE B 70 -9.57 -3.11 9.93
CA PHE B 70 -8.22 -2.98 9.42
C PHE B 70 -8.11 -3.32 7.95
N LEU B 71 -9.25 -3.53 7.30
CA LEU B 71 -9.31 -3.93 5.91
C LEU B 71 -10.13 -2.96 5.08
N ARG B 72 -10.13 -3.22 3.77
CA ARG B 72 -10.86 -2.43 2.80
C ARG B 72 -11.71 -3.32 1.87
N THR B 73 -12.21 -4.39 2.44
CA THR B 73 -13.07 -5.34 1.77
C THR B 73 -14.35 -5.39 2.60
N PRO B 74 -15.40 -4.73 2.13
CA PRO B 74 -16.56 -4.46 2.97
C PRO B 74 -17.48 -5.65 3.22
N LYS B 75 -17.35 -6.74 2.47
CA LYS B 75 -18.23 -7.87 2.69
C LYS B 75 -17.50 -9.20 2.57
N ILE B 76 -17.58 -9.99 3.62
CA ILE B 76 -17.02 -11.32 3.62
C ILE B 76 -18.16 -12.30 3.90
N VAL B 77 -18.32 -13.31 3.06
CA VAL B 77 -19.43 -14.29 3.22
C VAL B 77 -18.90 -15.71 3.13
N SER B 78 -19.65 -16.65 3.68
CA SER B 78 -19.31 -18.07 3.54
C SER B 78 -20.51 -18.98 3.50
N GLY B 79 -20.29 -20.20 3.02
CA GLY B 79 -21.31 -21.23 3.07
C GLY B 79 -20.94 -22.50 2.33
N LYS B 80 -21.59 -23.59 2.73
CA LYS B 80 -21.50 -24.88 2.03
C LYS B 80 -22.07 -24.79 0.62
N ASP B 81 -23.12 -24.00 0.47
CA ASP B 81 -23.86 -23.88 -0.79
C ASP B 81 -23.19 -22.85 -1.70
N TYR B 82 -23.10 -23.16 -2.99
CA TYR B 82 -22.34 -22.31 -3.89
C TYR B 82 -23.05 -21.03 -4.30
N ASN B 83 -24.28 -20.83 -3.80
CA ASN B 83 -24.99 -19.54 -3.99
C ASN B 83 -24.23 -18.33 -3.40
N VAL B 84 -23.42 -18.56 -2.35
CA VAL B 84 -22.57 -17.50 -1.81
C VAL B 84 -21.47 -17.04 -2.78
N THR B 85 -21.18 -17.86 -3.80
CA THR B 85 -20.11 -17.58 -4.75
C THR B 85 -20.55 -16.85 -6.02
N ALA B 86 -21.85 -16.58 -6.14
CA ALA B 86 -22.36 -15.99 -7.37
C ALA B 86 -21.66 -14.67 -7.70
N ASN B 87 -21.46 -14.44 -9.01
CA ASN B 87 -20.96 -13.19 -9.55
C ASN B 87 -19.46 -13.03 -9.37
N SER B 88 -18.74 -14.13 -9.11
CA SER B 88 -17.32 -14.02 -8.82
C SER B 88 -16.54 -13.70 -10.09
N LYS B 89 -15.64 -12.72 -9.98
CA LYS B 89 -14.69 -12.47 -11.06
C LYS B 89 -13.63 -13.56 -11.12
N LEU B 90 -13.23 -14.05 -9.96
CA LEU B 90 -12.12 -14.97 -9.84
C LEU B 90 -12.46 -15.97 -8.76
N VAL B 91 -12.28 -17.26 -9.07
CA VAL B 91 -12.57 -18.31 -8.11
C VAL B 91 -11.35 -19.18 -7.93
N ILE B 92 -10.85 -19.21 -6.69
CA ILE B 92 -9.59 -19.88 -6.35
C ILE B 92 -9.91 -21.19 -5.65
N ILE B 93 -9.38 -22.30 -6.17
CA ILE B 93 -9.69 -23.60 -5.62
C ILE B 93 -8.49 -24.18 -4.90
N THR B 94 -8.63 -24.29 -3.59
CA THR B 94 -7.56 -24.79 -2.72
C THR B 94 -8.03 -26.02 -1.93
N ALA B 95 -9.22 -26.53 -2.24
CA ALA B 95 -9.80 -27.66 -1.49
C ALA B 95 -9.10 -28.97 -1.80
N GLY B 96 -9.07 -29.84 -0.81
CA GLY B 96 -8.73 -31.24 -1.06
C GLY B 96 -7.56 -31.74 -0.27
N ALA B 97 -7.20 -32.98 -0.58
CA ALA B 97 -6.15 -33.67 0.12
C ALA B 97 -4.78 -33.02 -0.17
N ARG B 98 -3.90 -33.04 0.83
CA ARG B 98 -2.54 -32.54 0.69
C ARG B 98 -1.54 -33.66 1.02
N GLN B 99 -0.27 -33.38 0.74
CA GLN B 99 0.78 -34.36 0.95
C GLN B 99 1.10 -34.59 2.43
N GLN B 100 1.18 -35.85 2.83
CA GLN B 100 1.78 -36.23 4.10
C GLN B 100 3.28 -36.14 3.89
N GLU B 101 4.04 -36.26 4.97
CA GLU B 101 5.48 -36.21 4.87
C GLU B 101 6.00 -37.30 3.95
N GLY B 102 6.77 -36.90 2.93
CA GLY B 102 7.37 -37.81 1.98
C GLY B 102 6.48 -38.17 0.81
N GLU B 103 5.21 -37.78 0.85
CA GLU B 103 4.26 -38.24 -0.16
C GLU B 103 4.35 -37.38 -1.41
N SER B 104 4.12 -38.00 -2.57
CA SER B 104 4.14 -37.28 -3.83
C SER B 104 2.81 -36.59 -4.07
N ARG B 105 2.85 -35.42 -4.69
CA ARG B 105 1.63 -34.73 -5.10
C ARG B 105 0.83 -35.61 -6.07
N LEU B 106 1.54 -36.40 -6.86
CA LEU B 106 0.91 -37.29 -7.84
C LEU B 106 0.11 -38.42 -7.16
N ASN B 107 0.32 -38.64 -5.86
CA ASN B 107 -0.46 -39.62 -5.11
C ASN B 107 -1.84 -39.11 -4.69
N LEU B 108 -2.13 -37.84 -4.97
CA LEU B 108 -3.37 -37.20 -4.57
C LEU B 108 -4.43 -37.19 -5.67
N VAL B 109 -4.14 -37.80 -6.81
CA VAL B 109 -4.99 -37.59 -8.00
C VAL B 109 -6.42 -38.11 -7.81
N GLN B 110 -6.58 -39.35 -7.37
CA GLN B 110 -7.92 -39.94 -7.28
C GLN B 110 -8.79 -39.12 -6.36
N ARG B 111 -8.30 -38.87 -5.16
CA ARG B 111 -9.01 -38.07 -4.17
C ARG B 111 -9.43 -36.74 -4.74
N ASN B 112 -8.48 -35.99 -5.27
CA ASN B 112 -8.76 -34.61 -5.63
C ASN B 112 -9.53 -34.46 -6.94
N VAL B 113 -9.35 -35.40 -7.87
CA VAL B 113 -10.20 -35.39 -9.09
C VAL B 113 -11.67 -35.62 -8.71
N ASN B 114 -11.92 -36.56 -7.81
CA ASN B 114 -13.31 -36.81 -7.40
C ASN B 114 -13.96 -35.65 -6.68
N ILE B 115 -13.18 -34.94 -5.89
CA ILE B 115 -13.64 -33.68 -5.30
C ILE B 115 -13.94 -32.62 -6.37
N PHE B 116 -13.08 -32.52 -7.37
CA PHE B 116 -13.24 -31.53 -8.44
C PHE B 116 -14.50 -31.83 -9.28
N LYS B 117 -14.86 -33.11 -9.40
CA LYS B 117 -16.10 -33.48 -10.10
C LYS B 117 -17.34 -32.89 -9.45
N PHE B 118 -17.28 -32.58 -8.15
CA PHE B 118 -18.40 -31.90 -7.47
C PHE B 118 -18.21 -30.38 -7.43
N ILE B 119 -16.97 -29.95 -7.16
CA ILE B 119 -16.70 -28.51 -7.00
C ILE B 119 -16.88 -27.74 -8.29
N ILE B 120 -16.27 -28.22 -9.38
CA ILE B 120 -16.20 -27.39 -10.59
C ILE B 120 -17.55 -27.06 -11.22
N PRO B 121 -18.45 -28.06 -11.37
CA PRO B 121 -19.74 -27.70 -11.98
C PRO B 121 -20.51 -26.70 -11.13
N ASN B 122 -20.42 -26.85 -9.81
CA ASN B 122 -21.02 -25.89 -8.85
C ASN B 122 -20.46 -24.49 -9.05
N VAL B 123 -19.14 -24.35 -9.13
CA VAL B 123 -18.51 -23.04 -9.35
C VAL B 123 -19.04 -22.41 -10.64
N VAL B 124 -18.98 -23.19 -11.72
CA VAL B 124 -19.38 -22.73 -13.05
C VAL B 124 -20.85 -22.32 -13.09
N LYS B 125 -21.69 -23.07 -12.40
CA LYS B 125 -23.11 -22.78 -12.27
C LYS B 125 -23.35 -21.34 -11.80
N TYR B 126 -22.65 -20.93 -10.73
CA TYR B 126 -22.91 -19.61 -10.12
C TYR B 126 -22.02 -18.48 -10.64
N SER B 127 -20.89 -18.81 -11.26
CA SER B 127 -20.04 -17.78 -11.87
C SER B 127 -19.58 -18.24 -13.24
N PRO B 128 -20.49 -18.26 -14.21
CA PRO B 128 -20.12 -18.79 -15.52
C PRO B 128 -19.07 -17.96 -16.25
N ASN B 129 -18.83 -16.74 -15.79
CA ASN B 129 -17.87 -15.86 -16.44
C ASN B 129 -16.56 -15.65 -15.67
N CYS B 130 -16.38 -16.36 -14.56
CA CYS B 130 -15.20 -16.18 -13.72
C CYS B 130 -13.94 -16.74 -14.38
N LYS B 131 -12.79 -16.25 -13.93
CA LYS B 131 -11.51 -16.96 -14.13
C LYS B 131 -11.38 -17.96 -13.01
N LEU B 132 -10.85 -19.14 -13.33
CA LEU B 132 -10.58 -20.19 -12.36
C LEU B 132 -9.09 -20.27 -12.07
N LEU B 133 -8.72 -20.20 -10.80
CA LEU B 133 -7.33 -20.32 -10.42
C LEU B 133 -7.21 -21.54 -9.53
N ILE B 134 -6.64 -22.59 -10.09
CA ILE B 134 -6.49 -23.86 -9.42
C ILE B 134 -5.19 -23.90 -8.62
N VAL B 135 -5.30 -24.25 -7.34
CA VAL B 135 -4.12 -24.39 -6.44
C VAL B 135 -3.95 -25.82 -5.92
N SER B 136 -5.07 -26.49 -5.67
CA SER B 136 -5.09 -27.89 -5.20
C SER B 136 -4.13 -28.78 -5.98
N ASN B 137 -3.51 -29.72 -5.29
CA ASN B 137 -2.50 -30.57 -5.91
C ASN B 137 -3.03 -31.93 -6.33
N PRO B 138 -2.40 -32.55 -7.35
CA PRO B 138 -1.31 -31.99 -8.15
C PRO B 138 -1.82 -30.97 -9.16
N VAL B 139 -1.33 -29.75 -9.04
CA VAL B 139 -1.95 -28.56 -9.61
C VAL B 139 -2.08 -28.56 -11.13
N ASP B 140 -1.08 -29.10 -11.82
CA ASP B 140 -1.11 -29.11 -13.26
C ASP B 140 -2.19 -30.05 -13.76
N ILE B 141 -2.24 -31.23 -13.17
CA ILE B 141 -3.28 -32.19 -13.51
C ILE B 141 -4.67 -31.67 -13.19
N LEU B 142 -4.85 -31.05 -12.04
CA LEU B 142 -6.19 -30.58 -11.66
C LEU B 142 -6.60 -29.35 -12.46
N THR B 143 -5.63 -28.65 -13.05
CA THR B 143 -5.96 -27.54 -13.92
C THR B 143 -6.54 -28.09 -15.23
N TYR B 144 -5.91 -29.13 -15.77
CA TYR B 144 -6.49 -29.89 -16.89
C TYR B 144 -7.91 -30.38 -16.59
N VAL B 145 -8.08 -30.97 -15.42
CA VAL B 145 -9.37 -31.48 -14.98
C VAL B 145 -10.40 -30.36 -14.91
N ALA B 146 -10.05 -29.27 -14.25
CA ALA B 146 -10.95 -28.13 -14.13
C ALA B 146 -11.36 -27.59 -15.49
N TRP B 147 -10.42 -27.62 -16.44
CA TRP B 147 -10.70 -27.17 -17.79
C TRP B 147 -11.69 -28.11 -18.49
N LYS B 148 -11.41 -29.41 -18.46
CA LYS B 148 -12.32 -30.40 -19.03
C LYS B 148 -13.71 -30.35 -18.41
N ILE B 149 -13.81 -30.32 -17.09
CA ILE B 149 -15.12 -30.28 -16.44
C ILE B 149 -15.86 -28.98 -16.71
N SER B 150 -15.17 -27.85 -16.62
CA SER B 150 -15.85 -26.54 -16.69
C SER B 150 -16.41 -26.20 -18.06
N GLY B 151 -15.75 -26.69 -19.10
CA GLY B 151 -16.07 -26.29 -20.46
C GLY B 151 -15.64 -24.86 -20.78
N PHE B 152 -14.87 -24.24 -19.88
CA PHE B 152 -14.34 -22.90 -20.11
C PHE B 152 -13.30 -22.89 -21.23
N PRO B 153 -13.16 -21.75 -21.92
CA PRO B 153 -11.98 -21.62 -22.78
C PRO B 153 -10.72 -21.55 -21.89
N LYS B 154 -9.58 -22.02 -22.39
CA LYS B 154 -8.41 -22.27 -21.55
C LYS B 154 -7.76 -21.02 -21.00
N ASN B 155 -7.99 -19.88 -21.63
CA ASN B 155 -7.52 -18.62 -21.07
C ASN B 155 -8.05 -18.39 -19.67
N ARG B 156 -9.25 -18.92 -19.38
CA ARG B 156 -9.90 -18.67 -18.08
C ARG B 156 -9.67 -19.79 -17.06
N VAL B 157 -8.79 -20.73 -17.38
CA VAL B 157 -8.45 -21.80 -16.42
C VAL B 157 -6.94 -21.84 -16.19
N ILE B 158 -6.52 -21.33 -15.03
CA ILE B 158 -5.12 -21.08 -14.72
C ILE B 158 -4.69 -21.86 -13.49
N GLY B 159 -3.58 -22.58 -13.60
CA GLY B 159 -2.98 -23.25 -12.43
C GLY B 159 -1.89 -22.40 -11.80
N SER B 160 -1.84 -22.35 -10.46
CA SER B 160 -0.85 -21.55 -9.74
C SER B 160 0.57 -21.97 -10.15
N GLY B 161 0.69 -23.26 -10.46
CA GLY B 161 1.85 -23.78 -11.17
C GLY B 161 3.19 -23.42 -10.55
N CYS B 162 4.10 -22.91 -11.38
CA CYS B 162 5.49 -22.70 -10.98
C CYS B 162 5.78 -21.27 -10.56
N ASN B 163 4.73 -20.48 -10.39
CA ASN B 163 4.93 -19.15 -9.83
C ASN B 163 5.70 -19.27 -8.50
N LEU B 164 5.23 -20.18 -7.65
CA LEU B 164 5.89 -20.44 -6.37
C LEU B 164 7.30 -21.06 -6.53
N ASP B 165 7.44 -22.04 -7.41
CA ASP B 165 8.74 -22.67 -7.63
C ASP B 165 9.76 -21.64 -8.10
N SER B 166 9.33 -20.72 -8.96
CA SER B 166 10.21 -19.65 -9.45
C SER B 166 10.51 -18.66 -8.35
N ALA B 167 9.51 -18.34 -7.52
CA ALA B 167 9.73 -17.49 -6.35
C ALA B 167 10.76 -18.06 -5.38
N ARG B 168 10.67 -19.36 -5.12
CA ARG B 168 11.66 -20.04 -4.26
C ARG B 168 13.03 -20.02 -4.89
N PHE B 169 13.08 -20.26 -6.20
CA PHE B 169 14.32 -20.22 -6.98
C PHE B 169 15.01 -18.87 -6.90
N ARG B 170 14.21 -17.82 -7.00
CA ARG B 170 14.74 -16.47 -7.00
C ARG B 170 15.15 -16.03 -5.60
N TYR B 171 14.44 -16.49 -4.58
CA TYR B 171 14.89 -16.29 -3.19
C TYR B 171 16.29 -16.89 -3.00
N LEU B 172 16.44 -18.14 -3.41
CA LEU B 172 17.68 -18.87 -3.17
C LEU B 172 18.85 -18.26 -3.94
N MET B 173 18.54 -17.89 -5.16
CA MET B 173 19.46 -17.20 -6.03
C MET B 173 19.86 -15.85 -5.43
N GLY B 174 18.86 -15.14 -4.91
CA GLY B 174 19.11 -13.91 -4.17
C GLY B 174 20.06 -14.08 -3.00
N GLU B 175 19.94 -15.16 -2.25
CA GLU B 175 20.86 -15.37 -1.13
C GLU B 175 22.31 -15.58 -1.61
N ARG B 176 22.48 -16.36 -2.67
CA ARG B 176 23.81 -16.63 -3.20
C ARG B 176 24.50 -15.38 -3.77
N LEU B 177 23.72 -14.50 -4.39
CA LEU B 177 24.28 -13.34 -5.08
C LEU B 177 24.23 -12.05 -4.27
N GLY B 178 23.53 -12.07 -3.14
CA GLY B 178 23.40 -10.89 -2.30
C GLY B 178 22.52 -9.80 -2.92
N VAL B 179 21.47 -10.22 -3.62
CA VAL B 179 20.58 -9.32 -4.33
C VAL B 179 19.15 -9.71 -4.00
N HIS B 180 18.25 -8.72 -3.91
CA HIS B 180 16.84 -8.98 -3.63
C HIS B 180 16.28 -9.89 -4.74
N PRO B 181 15.39 -10.84 -4.37
CA PRO B 181 14.86 -11.74 -5.40
C PRO B 181 14.18 -11.03 -6.58
N LEU B 182 13.62 -9.85 -6.33
CA LEU B 182 12.99 -9.04 -7.38
C LEU B 182 13.95 -8.68 -8.50
N SER B 183 15.23 -8.50 -8.17
CA SER B 183 16.26 -8.19 -9.20
C SER B 183 17.04 -9.42 -9.70
N CYS B 184 16.72 -10.60 -9.18
CA CYS B 184 17.30 -11.87 -9.66
C CYS B 184 16.29 -12.55 -10.54
N HIS B 185 16.62 -12.71 -11.81
CA HIS B 185 15.67 -13.26 -12.77
C HIS B 185 16.03 -14.68 -13.19
N GLY B 186 15.03 -15.56 -13.17
CA GLY B 186 15.24 -16.98 -13.38
C GLY B 186 13.91 -17.71 -13.32
N TRP B 187 13.74 -18.67 -14.22
CA TRP B 187 12.45 -19.31 -14.42
C TRP B 187 12.55 -20.80 -14.17
N VAL B 188 11.60 -21.32 -13.42
CA VAL B 188 11.43 -22.75 -13.25
C VAL B 188 10.10 -23.06 -13.89
N LEU B 189 10.11 -23.96 -14.87
CA LEU B 189 8.92 -24.26 -15.65
C LEU B 189 8.53 -25.75 -15.53
N GLY B 190 7.41 -26.11 -16.15
CA GLY B 190 7.01 -27.51 -16.24
C GLY B 190 6.12 -27.89 -15.07
N GLU B 191 6.29 -29.11 -14.56
CA GLU B 191 5.49 -29.59 -13.45
C GLU B 191 5.81 -28.83 -12.16
N HIS B 192 4.77 -28.44 -11.44
CA HIS B 192 4.93 -28.02 -10.06
C HIS B 192 5.10 -29.28 -9.24
N GLY B 193 6.35 -29.74 -9.16
CA GLY B 193 6.65 -31.07 -8.66
C GLY B 193 8.07 -31.50 -8.98
N ASP B 194 8.31 -32.79 -8.94
CA ASP B 194 9.67 -33.33 -9.05
C ASP B 194 10.33 -33.12 -10.38
N SER B 195 9.54 -33.02 -11.45
CA SER B 195 10.07 -32.96 -12.80
C SER B 195 10.23 -31.53 -13.36
N SER B 196 10.21 -30.54 -12.47
CA SER B 196 10.26 -29.13 -12.91
C SER B 196 11.59 -28.83 -13.58
N VAL B 197 11.62 -27.82 -14.45
CA VAL B 197 12.81 -27.51 -15.24
C VAL B 197 13.32 -26.08 -14.99
N PRO B 198 14.54 -25.97 -14.46
CA PRO B 198 15.15 -24.66 -14.29
C PRO B 198 15.76 -24.21 -15.61
N VAL B 199 15.42 -23.00 -16.04
CA VAL B 199 15.89 -22.49 -17.31
C VAL B 199 17.16 -21.66 -17.09
N TRP B 200 18.28 -22.37 -17.06
CA TRP B 200 19.57 -21.79 -16.80
C TRP B 200 19.91 -20.75 -17.85
N SER B 201 19.54 -20.99 -19.09
CA SER B 201 19.89 -20.10 -20.20
C SER B 201 19.24 -18.71 -20.07
N GLY B 202 18.22 -18.59 -19.23
CA GLY B 202 17.52 -17.31 -19.08
C GLY B 202 17.83 -16.56 -17.80
N MET B 203 18.66 -17.14 -16.94
CA MET B 203 18.93 -16.53 -15.65
C MET B 203 19.83 -15.31 -15.78
N ASN B 204 19.47 -14.23 -15.10
CA ASN B 204 20.20 -12.99 -15.23
C ASN B 204 19.97 -12.02 -14.10
N VAL B 205 20.93 -11.11 -13.92
CA VAL B 205 20.75 -9.92 -13.10
C VAL B 205 21.06 -8.74 -14.02
N ALA B 206 20.16 -7.77 -14.02
CA ALA B 206 20.24 -6.58 -14.87
C ALA B 206 20.55 -6.92 -16.33
N GLY B 207 19.88 -7.95 -16.83
CA GLY B 207 20.07 -8.40 -18.21
C GLY B 207 21.42 -9.02 -18.52
N VAL B 208 22.23 -9.27 -17.49
CA VAL B 208 23.53 -9.89 -17.65
C VAL B 208 23.30 -11.38 -17.41
N SER B 209 23.53 -12.17 -18.46
CA SER B 209 23.28 -13.59 -18.47
C SER B 209 24.35 -14.35 -17.68
N LEU B 210 23.92 -15.04 -16.63
CA LEU B 210 24.83 -15.81 -15.80
C LEU B 210 25.46 -16.98 -16.54
N LYS B 211 24.72 -17.57 -17.47
CA LYS B 211 25.24 -18.66 -18.29
C LYS B 211 26.39 -18.20 -19.23
N THR B 212 26.34 -16.97 -19.72
CA THR B 212 27.40 -16.45 -20.57
C THR B 212 28.68 -16.25 -19.75
N LEU B 213 28.51 -15.78 -18.51
CA LEU B 213 29.61 -15.57 -17.59
C LEU B 213 30.13 -16.89 -17.07
N HIS B 214 29.26 -17.88 -16.98
CA HIS B 214 29.57 -19.13 -16.32
C HIS B 214 28.98 -20.30 -17.12
N PRO B 215 29.66 -20.71 -18.20
CA PRO B 215 29.08 -21.67 -19.14
C PRO B 215 28.68 -23.02 -18.53
N ASP B 216 29.33 -23.42 -17.45
CA ASP B 216 28.97 -24.67 -16.78
C ASP B 216 27.76 -24.54 -15.86
N LEU B 217 27.17 -23.34 -15.79
CA LEU B 217 26.01 -23.11 -14.92
C LEU B 217 24.94 -24.18 -15.10
N GLY B 218 24.64 -24.89 -14.02
CA GLY B 218 23.55 -25.85 -14.00
C GLY B 218 23.95 -27.27 -14.32
N THR B 219 25.15 -27.48 -14.87
CA THR B 219 25.59 -28.80 -15.30
C THR B 219 26.26 -29.52 -14.13
N ASP B 220 26.55 -30.81 -14.31
CA ASP B 220 27.21 -31.61 -13.27
C ASP B 220 28.65 -31.15 -13.07
N LYS B 221 29.23 -30.56 -14.11
CA LYS B 221 30.60 -30.07 -14.10
C LYS B 221 30.74 -28.76 -13.32
N ASP B 222 29.63 -28.09 -13.04
CA ASP B 222 29.61 -26.80 -12.32
C ASP B 222 30.34 -26.85 -10.96
N LYS B 223 31.40 -26.06 -10.82
CA LYS B 223 32.20 -26.04 -9.58
C LYS B 223 31.44 -25.45 -8.38
N GLU B 224 30.47 -24.58 -8.66
CA GLU B 224 29.59 -24.01 -7.62
C GLU B 224 28.25 -24.75 -7.50
N GLN B 225 28.04 -25.79 -8.31
CA GLN B 225 26.89 -26.68 -8.17
C GLN B 225 25.55 -25.95 -8.06
N TRP B 226 25.29 -25.09 -9.04
CA TRP B 226 24.03 -24.32 -9.06
C TRP B 226 22.80 -25.21 -9.22
N LYS B 227 22.97 -26.40 -9.80
CA LYS B 227 21.90 -27.39 -9.86
C LYS B 227 21.30 -27.69 -8.49
N GLU B 228 22.13 -27.62 -7.43
CA GLU B 228 21.65 -27.80 -6.06
C GLU B 228 20.59 -26.77 -5.70
N VAL B 229 20.65 -25.59 -6.31
CA VAL B 229 19.62 -24.57 -6.07
C VAL B 229 18.28 -25.08 -6.56
N HIS B 230 18.25 -25.65 -7.77
CA HIS B 230 17.04 -26.27 -8.27
C HIS B 230 16.61 -27.48 -7.43
N LYS B 231 17.58 -28.26 -6.96
CA LYS B 231 17.28 -29.42 -6.14
C LYS B 231 16.54 -28.95 -4.88
N GLN B 232 17.06 -27.90 -4.26
CA GLN B 232 16.40 -27.30 -3.11
C GLN B 232 14.98 -26.82 -3.41
N VAL B 233 14.74 -26.30 -4.62
CA VAL B 233 13.38 -25.91 -5.02
C VAL B 233 12.49 -27.14 -5.09
N VAL B 234 12.99 -28.22 -5.72
CA VAL B 234 12.25 -29.47 -5.81
C VAL B 234 11.89 -30.01 -4.42
N GLU B 235 12.86 -29.99 -3.51
CA GLU B 235 12.69 -30.55 -2.18
C GLU B 235 11.96 -29.63 -1.20
N SER B 236 11.72 -28.39 -1.59
CA SER B 236 11.19 -27.36 -0.68
C SER B 236 9.92 -27.79 0.03
N ALA B 237 8.95 -28.26 -0.75
CA ALA B 237 7.69 -28.65 -0.14
C ALA B 237 7.94 -29.71 0.92
N TYR B 238 8.75 -30.71 0.59
CA TYR B 238 9.00 -31.81 1.52
C TYR B 238 9.68 -31.32 2.79
N GLU B 239 10.70 -30.47 2.64
CA GLU B 239 11.41 -29.92 3.78
C GLU B 239 10.47 -29.15 4.70
N VAL B 240 9.61 -28.31 4.13
CA VAL B 240 8.72 -27.47 4.96
C VAL B 240 7.64 -28.34 5.61
N ILE B 241 7.08 -29.26 4.85
CA ILE B 241 6.14 -30.27 5.37
C ILE B 241 6.73 -31.08 6.53
N LYS B 242 7.94 -31.58 6.37
CA LYS B 242 8.62 -32.28 7.47
C LYS B 242 8.72 -31.38 8.72
N LEU B 243 9.03 -30.09 8.54
CA LEU B 243 9.18 -29.18 9.68
C LEU B 243 7.86 -28.71 10.31
N LYS B 244 6.91 -28.25 9.51
CA LYS B 244 5.66 -27.66 10.05
C LYS B 244 4.38 -28.36 9.63
N GLY B 245 4.50 -29.46 8.88
CA GLY B 245 3.33 -30.27 8.50
C GLY B 245 2.68 -29.93 7.17
N TYR B 246 2.90 -28.70 6.70
CA TYR B 246 2.26 -28.19 5.48
C TYR B 246 2.98 -26.90 5.07
N THR B 247 2.62 -26.35 3.92
CA THR B 247 3.09 -25.01 3.52
C THR B 247 1.87 -24.14 3.23
N SER B 248 1.97 -22.86 3.56
CA SER B 248 0.81 -21.99 3.43
C SER B 248 1.18 -20.56 3.02
N TRP B 249 2.12 -19.93 3.71
CA TRP B 249 2.37 -18.50 3.50
C TRP B 249 2.91 -18.17 2.10
N ALA B 250 3.89 -18.94 1.63
CA ALA B 250 4.46 -18.65 0.31
C ALA B 250 3.43 -18.79 -0.81
N ILE B 251 2.66 -19.88 -0.79
CA ILE B 251 1.60 -20.07 -1.79
C ILE B 251 0.52 -19.00 -1.68
N GLY B 252 0.16 -18.61 -0.46
CA GLY B 252 -0.79 -17.52 -0.27
C GLY B 252 -0.35 -16.25 -0.96
N LEU B 253 0.91 -15.86 -0.75
CA LEU B 253 1.51 -14.69 -1.42
C LEU B 253 1.60 -14.87 -2.94
N SER B 254 1.94 -16.08 -3.37
CA SER B 254 2.04 -16.37 -4.79
C SER B 254 0.70 -16.22 -5.47
N VAL B 255 -0.32 -16.76 -4.82
CA VAL B 255 -1.68 -16.73 -5.35
C VAL B 255 -2.19 -15.29 -5.40
N ALA B 256 -1.88 -14.50 -4.37
CA ALA B 256 -2.30 -13.10 -4.34
C ALA B 256 -1.60 -12.28 -5.44
N ASP B 257 -0.34 -12.60 -5.73
CA ASP B 257 0.42 -11.97 -6.81
C ASP B 257 -0.26 -12.26 -8.16
N LEU B 258 -0.63 -13.52 -8.37
CA LEU B 258 -1.34 -13.91 -9.57
C LEU B 258 -2.71 -13.22 -9.65
N ALA B 259 -3.43 -13.21 -8.54
CA ALA B 259 -4.76 -12.57 -8.47
C ALA B 259 -4.67 -11.09 -8.80
N GLU B 260 -3.59 -10.42 -8.36
CA GLU B 260 -3.43 -8.99 -8.63
C GLU B 260 -3.32 -8.69 -10.12
N SER B 261 -2.55 -9.51 -10.83
CA SER B 261 -2.35 -9.31 -12.25
C SER B 261 -3.68 -9.50 -12.96
N ILE B 262 -4.40 -10.53 -12.56
CA ILE B 262 -5.70 -10.82 -13.16
C ILE B 262 -6.71 -9.73 -12.85
N MET B 263 -6.91 -9.41 -11.58
CA MET B 263 -7.96 -8.49 -11.18
C MET B 263 -7.70 -7.08 -11.68
N LYS B 264 -6.43 -6.66 -11.71
CA LYS B 264 -6.09 -5.31 -12.12
C LYS B 264 -5.64 -5.26 -13.59
N ASN B 265 -5.78 -6.36 -14.32
CA ASN B 265 -5.45 -6.41 -15.76
C ASN B 265 -4.06 -5.87 -16.04
N LEU B 266 -3.09 -6.30 -15.24
CA LEU B 266 -1.74 -5.75 -15.36
C LEU B 266 -1.02 -6.21 -16.61
N ARG B 267 -1.34 -7.41 -17.09
CA ARG B 267 -0.58 -8.05 -18.19
C ARG B 267 0.90 -8.26 -17.83
N ARG B 268 1.14 -8.71 -16.61
CA ARG B 268 2.48 -9.13 -16.21
C ARG B 268 2.68 -10.60 -16.59
N VAL B 269 3.94 -11.02 -16.65
CA VAL B 269 4.28 -12.38 -17.01
C VAL B 269 4.59 -13.25 -15.79
N HIS B 270 3.97 -14.42 -15.74
CA HIS B 270 4.07 -15.34 -14.61
C HIS B 270 4.07 -16.74 -15.14
N PRO B 271 4.85 -17.65 -14.52
CA PRO B 271 4.79 -19.04 -14.92
C PRO B 271 3.64 -19.74 -14.23
N VAL B 272 2.63 -20.10 -15.00
CA VAL B 272 1.42 -20.70 -14.49
C VAL B 272 1.04 -21.91 -15.35
N SER B 273 0.26 -22.83 -14.80
CA SER B 273 -0.10 -24.05 -15.51
C SER B 273 -1.10 -23.72 -16.60
N THR B 274 -0.76 -24.05 -17.84
CA THR B 274 -1.65 -23.86 -18.95
C THR B 274 -1.39 -24.93 -20.00
N MET B 275 -2.26 -25.01 -20.99
CA MET B 275 -2.05 -25.97 -22.07
C MET B 275 -0.87 -25.55 -22.95
N ILE B 276 0.09 -26.44 -23.12
CA ILE B 276 1.29 -26.11 -23.89
C ILE B 276 1.36 -26.83 -25.24
N LYS B 277 0.26 -27.41 -25.66
CA LYS B 277 0.14 -27.97 -27.01
C LYS B 277 0.66 -26.96 -28.03
N GLY B 278 1.53 -27.42 -28.92
CA GLY B 278 2.04 -26.60 -30.01
C GLY B 278 3.39 -25.96 -29.75
N LEU B 279 3.91 -26.12 -28.55
CA LEU B 279 5.26 -25.66 -28.22
C LEU B 279 6.13 -26.87 -28.08
N TYR B 280 7.39 -26.76 -28.52
CA TYR B 280 8.38 -27.83 -28.36
C TYR B 280 7.85 -29.17 -28.89
N GLY B 281 7.16 -29.14 -30.02
CA GLY B 281 6.59 -30.35 -30.63
C GLY B 281 5.65 -31.20 -29.77
N ILE B 282 5.04 -30.62 -28.74
CA ILE B 282 4.06 -31.36 -27.94
C ILE B 282 2.69 -31.25 -28.63
N LYS B 283 2.06 -32.40 -28.82
CA LYS B 283 0.76 -32.55 -29.46
C LYS B 283 -0.36 -32.85 -28.47
N ASP B 284 0.01 -33.23 -27.26
CA ASP B 284 -0.95 -33.66 -26.25
C ASP B 284 -1.57 -32.45 -25.54
N ASP B 285 -2.74 -32.64 -24.95
CA ASP B 285 -3.45 -31.57 -24.27
C ASP B 285 -2.94 -31.35 -22.83
N VAL B 286 -1.63 -31.45 -22.64
CA VAL B 286 -1.04 -31.44 -21.32
C VAL B 286 -0.97 -30.01 -20.76
N PHE B 287 -1.23 -29.88 -19.46
CA PHE B 287 -1.08 -28.62 -18.75
C PHE B 287 0.20 -28.68 -17.92
N LEU B 288 1.02 -27.65 -18.06
CA LEU B 288 2.17 -27.46 -17.19
C LEU B 288 2.58 -26.00 -17.32
N SER B 289 3.55 -25.54 -16.52
CA SER B 289 3.84 -24.11 -16.44
C SER B 289 4.79 -23.63 -17.55
N VAL B 290 4.38 -22.56 -18.22
CA VAL B 290 5.24 -21.72 -19.02
C VAL B 290 4.90 -20.26 -18.69
N PRO B 291 5.78 -19.31 -19.05
CA PRO B 291 5.42 -17.92 -18.73
C PRO B 291 4.22 -17.47 -19.55
N CYS B 292 3.23 -16.89 -18.86
CA CYS B 292 2.02 -16.39 -19.49
C CYS B 292 1.81 -14.94 -19.10
N ILE B 293 1.17 -14.20 -19.99
CA ILE B 293 0.70 -12.85 -19.74
C ILE B 293 -0.66 -12.98 -19.09
N LEU B 294 -0.80 -12.38 -17.91
CA LEU B 294 -2.02 -12.52 -17.11
C LEU B 294 -2.74 -11.20 -16.99
N GLY B 295 -4.04 -11.24 -17.23
CA GLY B 295 -4.90 -10.06 -17.16
C GLY B 295 -6.35 -10.39 -16.94
N GLN B 296 -7.23 -9.45 -17.26
CA GLN B 296 -8.67 -9.56 -16.94
C GLN B 296 -9.40 -10.70 -17.65
N ASN B 297 -8.85 -11.18 -18.76
CA ASN B 297 -9.37 -12.36 -19.42
C ASN B 297 -8.54 -13.60 -19.11
N GLY B 298 -7.76 -13.53 -18.04
CA GLY B 298 -6.91 -14.66 -17.62
C GLY B 298 -5.65 -14.70 -18.45
N ILE B 299 -5.31 -15.88 -18.96
CA ILE B 299 -4.14 -16.07 -19.82
C ILE B 299 -4.44 -15.65 -21.26
N SER B 300 -3.96 -14.47 -21.66
CA SER B 300 -4.22 -13.97 -23.01
C SER B 300 -3.13 -14.38 -23.99
N ASP B 301 -1.95 -14.69 -23.45
CA ASP B 301 -0.78 -14.97 -24.27
C ASP B 301 0.22 -15.88 -23.54
N LEU B 302 0.97 -16.64 -24.33
CA LEU B 302 2.09 -17.45 -23.85
C LEU B 302 3.37 -16.80 -24.35
N VAL B 303 4.38 -16.73 -23.50
CA VAL B 303 5.73 -16.32 -23.94
C VAL B 303 6.49 -17.58 -24.33
N LYS B 304 7.10 -17.52 -25.52
CA LYS B 304 7.78 -18.67 -26.10
C LYS B 304 9.24 -18.65 -25.71
N VAL B 305 9.55 -19.37 -24.63
CA VAL B 305 10.90 -19.42 -24.10
C VAL B 305 11.77 -20.29 -25.00
N THR B 306 12.97 -19.78 -25.27
CA THR B 306 13.97 -20.48 -26.07
C THR B 306 14.75 -21.39 -25.13
N LEU B 307 14.54 -22.69 -25.28
CA LEU B 307 15.20 -23.65 -24.39
C LEU B 307 16.40 -24.25 -25.09
N THR B 308 17.46 -24.52 -24.33
CA THR B 308 18.54 -25.33 -24.87
C THR B 308 17.99 -26.72 -25.16
N SER B 309 18.79 -27.52 -25.84
CA SER B 309 18.40 -28.89 -26.16
C SER B 309 18.15 -29.71 -24.90
N GLU B 310 18.98 -29.53 -23.87
CA GLU B 310 18.83 -30.27 -22.61
C GLU B 310 17.61 -29.75 -21.84
N GLU B 311 17.45 -28.44 -21.79
CA GLU B 311 16.31 -27.82 -21.15
C GLU B 311 15.02 -28.33 -21.77
N GLU B 312 14.97 -28.32 -23.10
CA GLU B 312 13.75 -28.71 -23.81
C GLU B 312 13.43 -30.18 -23.61
N ALA B 313 14.47 -31.01 -23.54
CA ALA B 313 14.32 -32.44 -23.32
C ALA B 313 13.71 -32.69 -21.93
N ARG B 314 14.21 -31.98 -20.92
CA ARG B 314 13.64 -32.04 -19.57
C ARG B 314 12.18 -31.58 -19.54
N LEU B 315 11.86 -30.50 -20.26
CA LEU B 315 10.47 -30.05 -20.26
C LEU B 315 9.57 -31.07 -20.92
N LYS B 316 10.04 -31.71 -21.98
CA LYS B 316 9.28 -32.78 -22.63
C LYS B 316 9.13 -34.01 -21.74
N LYS B 317 10.11 -34.29 -20.89
CA LYS B 317 10.01 -35.41 -19.94
C LYS B 317 8.90 -35.11 -18.94
N SER B 318 8.85 -33.86 -18.47
CA SER B 318 7.82 -33.40 -17.56
C SER B 318 6.45 -33.56 -18.19
N ALA B 319 6.30 -33.02 -19.39
CA ALA B 319 5.06 -33.13 -20.16
C ALA B 319 4.62 -34.59 -20.38
N ASP B 320 5.57 -35.49 -20.67
CA ASP B 320 5.26 -36.92 -20.88
C ASP B 320 4.74 -37.56 -19.62
N THR B 321 5.43 -37.30 -18.51
CA THR B 321 5.00 -37.82 -17.22
C THR B 321 3.58 -37.32 -16.86
N LEU B 322 3.35 -36.02 -16.98
CA LEU B 322 2.04 -35.47 -16.64
C LEU B 322 0.95 -35.95 -17.58
N TRP B 323 1.29 -36.14 -18.84
CA TRP B 323 0.28 -36.53 -19.82
C TRP B 323 -0.12 -37.99 -19.64
N GLY B 324 0.85 -38.84 -19.27
CA GLY B 324 0.54 -40.23 -18.90
C GLY B 324 -0.52 -40.32 -17.81
N ILE B 325 -0.49 -39.38 -16.87
CA ILE B 325 -1.48 -39.35 -15.80
C ILE B 325 -2.76 -38.73 -16.34
N GLN B 326 -2.66 -37.54 -16.94
CA GLN B 326 -3.86 -36.80 -17.36
C GLN B 326 -4.73 -37.59 -18.33
N LYS B 327 -4.10 -38.35 -19.22
CA LYS B 327 -4.83 -38.99 -20.32
C LYS B 327 -5.66 -40.18 -19.84
N GLU B 328 -5.30 -40.78 -18.71
CA GLU B 328 -6.06 -41.93 -18.19
C GLU B 328 -7.32 -41.50 -17.41
N LEU B 329 -7.44 -40.21 -17.12
CA LEU B 329 -8.53 -39.72 -16.30
C LEU B 329 -9.90 -39.87 -16.97
N GLN B 330 -10.88 -40.33 -16.20
CA GLN B 330 -12.25 -40.56 -16.67
C GLN B 330 -13.18 -39.48 -16.15
N PHE B 331 -13.98 -38.89 -17.05
CA PHE B 331 -14.93 -37.85 -16.69
C PHE B 331 -16.38 -38.29 -16.83
N ALA C 1 8.34 -14.40 -38.77
CA ALA C 1 7.33 -13.33 -38.56
C ALA C 1 7.97 -12.16 -37.78
N THR C 2 7.14 -11.31 -37.20
CA THR C 2 7.63 -10.23 -36.34
C THR C 2 8.33 -10.79 -35.10
N LEU C 3 9.19 -9.97 -34.51
CA LEU C 3 9.79 -10.30 -33.21
C LEU C 3 8.72 -10.63 -32.18
N LYS C 4 7.65 -9.84 -32.18
CA LYS C 4 6.54 -10.02 -31.25
C LYS C 4 5.88 -11.39 -31.42
N ASP C 5 5.76 -11.85 -32.65
CA ASP C 5 5.15 -13.15 -32.90
C ASP C 5 6.12 -14.26 -32.57
N GLN C 6 7.42 -13.99 -32.67
CA GLN C 6 8.43 -14.97 -32.24
C GLN C 6 8.44 -15.12 -30.71
N LEU C 7 8.13 -14.02 -30.03
CA LEU C 7 8.20 -13.96 -28.59
C LEU C 7 6.92 -14.44 -27.92
N ILE C 8 5.79 -14.07 -28.51
CA ILE C 8 4.50 -14.19 -27.87
C ILE C 8 3.53 -14.94 -28.76
N TYR C 9 3.02 -16.08 -28.25
CA TYR C 9 1.93 -16.80 -28.89
C TYR C 9 0.59 -16.35 -28.28
N ASN C 10 -0.24 -15.72 -29.11
CA ASN C 10 -1.52 -15.15 -28.65
C ASN C 10 -2.62 -16.21 -28.64
N LEU C 11 -3.42 -16.23 -27.57
CA LEU C 11 -4.61 -17.09 -27.46
C LEU C 11 -5.89 -16.31 -27.74
N LEU C 12 -5.89 -15.03 -27.34
CA LEU C 12 -7.09 -14.18 -27.35
C LEU C 12 -6.75 -12.81 -27.87
N LYS C 13 -7.62 -12.27 -28.74
CA LYS C 13 -7.42 -10.89 -29.21
C LYS C 13 -8.46 -9.97 -28.56
N GLU C 14 -9.73 -10.26 -28.80
CA GLU C 14 -10.84 -9.35 -28.50
C GLU C 14 -10.73 -8.71 -27.10
N GLU C 15 -10.34 -7.43 -27.08
CA GLU C 15 -10.15 -6.68 -25.83
C GLU C 15 -11.48 -6.37 -25.17
N GLN C 16 -11.46 -6.18 -23.86
CA GLN C 16 -12.66 -5.86 -23.08
C GLN C 16 -12.71 -4.35 -22.78
N THR C 17 -13.76 -3.94 -22.07
CA THR C 17 -13.82 -2.60 -21.50
C THR C 17 -12.97 -2.55 -20.22
N PRO C 18 -12.34 -1.39 -19.93
CA PRO C 18 -11.82 -1.22 -18.57
C PRO C 18 -12.97 -1.28 -17.54
N GLN C 19 -12.72 -1.89 -16.40
CA GLN C 19 -13.79 -2.16 -15.43
C GLN C 19 -13.86 -1.18 -14.27
N ASN C 20 -12.79 -0.44 -14.04
CA ASN C 20 -12.73 0.56 -12.97
C ASN C 20 -12.05 1.80 -13.51
N LYS C 21 -12.67 2.41 -14.52
CA LYS C 21 -12.11 3.57 -15.19
C LYS C 21 -12.52 4.88 -14.50
N ILE C 22 -11.55 5.77 -14.35
CA ILE C 22 -11.77 7.10 -13.81
C ILE C 22 -11.32 8.15 -14.84
N THR C 23 -12.07 9.24 -14.92
CA THR C 23 -11.68 10.37 -15.75
C THR C 23 -11.51 11.59 -14.86
N VAL C 24 -10.45 12.35 -15.12
CA VAL C 24 -10.27 13.66 -14.53
C VAL C 24 -10.39 14.70 -15.65
N VAL C 25 -11.28 15.66 -15.47
CA VAL C 25 -11.47 16.73 -16.45
C VAL C 25 -10.86 18.01 -15.91
N GLY C 26 -9.94 18.61 -16.68
CA GLY C 26 -9.19 19.77 -16.23
C GLY C 26 -7.85 19.30 -15.67
N VAL C 27 -6.78 19.54 -16.40
CA VAL C 27 -5.42 19.16 -15.97
C VAL C 27 -4.61 20.32 -15.42
N GLY C 28 -5.29 21.23 -14.73
CA GLY C 28 -4.58 22.22 -13.93
C GLY C 28 -3.91 21.51 -12.77
N ALA C 29 -3.42 22.29 -11.82
CA ALA C 29 -2.73 21.75 -10.66
C ALA C 29 -3.65 20.85 -9.84
N VAL C 30 -4.91 21.21 -9.72
CA VAL C 30 -5.84 20.41 -8.92
C VAL C 30 -6.11 19.06 -9.60
N GLY C 31 -6.41 19.10 -10.88
CA GLY C 31 -6.66 17.90 -11.65
C GLY C 31 -5.49 16.93 -11.63
N MET C 32 -4.27 17.45 -11.80
CA MET C 32 -3.10 16.58 -11.88
C MET C 32 -2.74 16.02 -10.52
N ALA C 33 -3.02 16.78 -9.46
CA ALA C 33 -2.86 16.27 -8.09
C ALA C 33 -3.83 15.14 -7.81
N CYS C 34 -5.06 15.30 -8.29
CA CYS C 34 -6.05 14.23 -8.19
C CYS C 34 -5.52 13.02 -8.91
N ALA C 35 -5.02 13.23 -10.12
CA ALA C 35 -4.55 12.14 -10.96
C ALA C 35 -3.41 11.34 -10.32
N ILE C 36 -2.38 12.03 -9.85
CA ILE C 36 -1.23 11.32 -9.28
C ILE C 36 -1.67 10.58 -8.01
N SER C 37 -2.56 11.17 -7.23
CA SER C 37 -3.01 10.51 -6.02
C SER C 37 -3.85 9.26 -6.30
N ILE C 38 -4.64 9.31 -7.37
CA ILE C 38 -5.45 8.18 -7.77
C ILE C 38 -4.54 7.05 -8.29
N LEU C 39 -3.52 7.41 -9.05
CA LEU C 39 -2.63 6.39 -9.61
C LEU C 39 -1.86 5.69 -8.52
N MET C 40 -1.37 6.47 -7.56
CA MET C 40 -0.54 5.91 -6.51
C MET C 40 -1.36 5.12 -5.48
N LYS C 41 -2.68 5.21 -5.54
CA LYS C 41 -3.54 4.42 -4.67
C LYS C 41 -4.20 3.26 -5.41
N ASP C 42 -3.82 3.05 -6.67
CA ASP C 42 -4.28 1.89 -7.43
C ASP C 42 -5.81 1.76 -7.50
N LEU C 43 -6.50 2.86 -7.78
CA LEU C 43 -7.96 2.86 -7.76
C LEU C 43 -8.59 2.56 -9.13
N ALA C 44 -7.79 2.71 -10.17
CA ALA C 44 -8.28 2.64 -11.54
C ALA C 44 -7.46 1.68 -12.39
N ASP C 45 -8.12 0.95 -13.30
CA ASP C 45 -7.40 0.15 -14.31
C ASP C 45 -7.19 0.94 -15.59
N GLU C 46 -7.89 2.07 -15.72
CA GLU C 46 -7.63 3.06 -16.78
C GLU C 46 -7.94 4.48 -16.31
N LEU C 47 -7.07 5.41 -16.68
CA LEU C 47 -7.24 6.82 -16.35
C LEU C 47 -7.28 7.67 -17.63
N ALA C 48 -8.31 8.50 -17.74
CA ALA C 48 -8.47 9.40 -18.89
C ALA C 48 -8.36 10.84 -18.40
N LEU C 49 -7.63 11.66 -19.14
CA LEU C 49 -7.58 13.10 -18.86
C LEU C 49 -8.21 13.88 -20.01
N VAL C 50 -8.97 14.92 -19.67
CA VAL C 50 -9.53 15.83 -20.66
C VAL C 50 -9.24 17.26 -20.25
N ASP C 51 -8.93 18.08 -21.24
CA ASP C 51 -8.83 19.52 -21.05
C ASP C 51 -9.05 20.14 -22.41
N VAL C 52 -9.15 21.47 -22.46
CA VAL C 52 -9.23 22.19 -23.72
C VAL C 52 -7.85 22.66 -24.20
N ILE C 53 -6.86 22.71 -23.30
CA ILE C 53 -5.50 23.09 -23.69
C ILE C 53 -4.77 21.84 -24.14
N GLU C 54 -4.64 21.67 -25.45
CA GLU C 54 -4.23 20.39 -26.04
C GLU C 54 -2.78 20.02 -25.78
N ASP C 55 -1.89 21.01 -25.83
CA ASP C 55 -0.48 20.76 -25.61
C ASP C 55 -0.20 20.31 -24.16
N LYS C 56 -0.60 21.12 -23.20
CA LYS C 56 -0.57 20.76 -21.79
C LYS C 56 -1.10 19.34 -21.52
N LEU C 57 -2.29 19.05 -22.05
CA LEU C 57 -2.96 17.77 -21.81
C LEU C 57 -2.09 16.59 -22.25
N LYS C 58 -1.63 16.62 -23.49
CA LYS C 58 -0.77 15.57 -24.00
C LYS C 58 0.50 15.42 -23.14
N GLY C 59 1.10 16.55 -22.79
CA GLY C 59 2.32 16.57 -21.98
C GLY C 59 2.12 15.94 -20.63
N GLU C 60 1.01 16.28 -19.96
CA GLU C 60 0.73 15.68 -18.67
C GLU C 60 0.49 14.17 -18.80
N MET C 61 -0.21 13.77 -19.86
CA MET C 61 -0.49 12.37 -20.12
C MET C 61 0.81 11.59 -20.28
N MET C 62 1.73 12.11 -21.08
CA MET C 62 3.00 11.43 -21.33
C MET C 62 3.84 11.29 -20.07
N ASP C 63 3.87 12.37 -19.28
CA ASP C 63 4.66 12.39 -18.05
C ASP C 63 4.19 11.30 -17.06
N LEU C 64 2.87 11.17 -16.92
CA LEU C 64 2.31 10.10 -16.09
C LEU C 64 2.67 8.73 -16.68
N GLN C 65 2.47 8.57 -17.99
CA GLN C 65 2.73 7.32 -18.69
C GLN C 65 4.17 6.87 -18.46
N HIS C 66 5.09 7.82 -18.52
CA HIS C 66 6.49 7.52 -18.30
C HIS C 66 6.79 6.97 -16.91
N GLY C 67 5.85 7.10 -15.98
CA GLY C 67 6.02 6.53 -14.66
C GLY C 67 5.36 5.18 -14.49
N SER C 68 4.91 4.60 -15.61
CA SER C 68 4.08 3.40 -15.58
C SER C 68 4.78 2.22 -14.92
N LEU C 69 6.10 2.12 -15.09
CA LEU C 69 6.89 1.08 -14.42
C LEU C 69 6.66 1.05 -12.91
N PHE C 70 6.38 2.20 -12.31
CA PHE C 70 6.20 2.34 -10.86
C PHE C 70 4.73 2.34 -10.42
N LEU C 71 3.83 2.05 -11.35
CA LEU C 71 2.40 2.07 -11.09
C LEU C 71 1.71 0.75 -11.44
N ARG C 72 0.43 0.65 -11.09
CA ARG C 72 -0.36 -0.53 -11.41
C ARG C 72 -1.66 -0.14 -12.08
N THR C 73 -1.55 0.82 -13.01
CA THR C 73 -2.67 1.34 -13.77
C THR C 73 -2.22 1.27 -15.21
N PRO C 74 -2.66 0.22 -15.94
CA PRO C 74 -2.01 -0.14 -17.19
C PRO C 74 -2.29 0.73 -18.39
N LYS C 75 -3.29 1.60 -18.29
CA LYS C 75 -3.67 2.43 -19.43
C LYS C 75 -4.03 3.84 -18.98
N ILE C 76 -3.27 4.80 -19.50
CA ILE C 76 -3.51 6.21 -19.27
C ILE C 76 -3.71 6.83 -20.65
N VAL C 77 -4.86 7.49 -20.83
CA VAL C 77 -5.20 8.15 -22.09
C VAL C 77 -5.65 9.59 -21.87
N SER C 78 -5.63 10.38 -22.95
CA SER C 78 -6.10 11.75 -22.89
C SER C 78 -6.63 12.24 -24.25
N GLY C 79 -7.42 13.30 -24.21
CA GLY C 79 -7.87 13.97 -25.41
C GLY C 79 -8.88 15.07 -25.14
N LYS C 80 -9.00 15.99 -26.09
CA LYS C 80 -10.03 17.03 -26.07
C LYS C 80 -11.42 16.41 -26.26
N ASP C 81 -11.45 15.34 -27.06
CA ASP C 81 -12.68 14.63 -27.40
C ASP C 81 -13.05 13.63 -26.32
N TYR C 82 -14.30 13.70 -25.86
CA TYR C 82 -14.74 12.88 -24.74
C TYR C 82 -14.92 11.38 -25.03
N ASN C 83 -14.69 10.96 -26.28
CA ASN C 83 -14.64 9.52 -26.58
C ASN C 83 -13.56 8.79 -25.77
N VAL C 84 -12.53 9.52 -25.35
CA VAL C 84 -11.50 8.95 -24.46
C VAL C 84 -12.04 8.63 -23.06
N THR C 85 -13.19 9.18 -22.69
CA THR C 85 -13.73 9.02 -21.34
C THR C 85 -14.76 7.92 -21.20
N ALA C 86 -15.08 7.26 -22.31
CA ALA C 86 -16.17 6.29 -22.35
C ALA C 86 -16.07 5.21 -21.27
N ASN C 87 -17.22 4.92 -20.64
CA ASN C 87 -17.35 3.87 -19.62
C ASN C 87 -16.58 4.16 -18.35
N SER C 88 -16.51 5.44 -17.96
CA SER C 88 -15.94 5.80 -16.67
C SER C 88 -16.92 5.47 -15.55
N LYS C 89 -16.43 4.90 -14.46
CA LYS C 89 -17.24 4.72 -13.25
C LYS C 89 -17.39 6.05 -12.52
N LEU C 90 -16.37 6.88 -12.65
CA LEU C 90 -16.26 8.11 -11.87
C LEU C 90 -15.59 9.16 -12.72
N VAL C 91 -16.22 10.33 -12.82
CA VAL C 91 -15.66 11.47 -13.55
C VAL C 91 -15.52 12.63 -12.58
N ILE C 92 -14.29 13.11 -12.45
CA ILE C 92 -13.93 14.17 -11.50
C ILE C 92 -13.76 15.44 -12.33
N ILE C 93 -14.54 16.47 -12.00
CA ILE C 93 -14.49 17.73 -12.74
C ILE C 93 -13.73 18.75 -11.93
N THR C 94 -12.54 19.14 -12.42
CA THR C 94 -11.75 20.19 -11.81
C THR C 94 -11.55 21.35 -12.78
N ALA C 95 -12.26 21.33 -13.90
CA ALA C 95 -12.14 22.39 -14.88
C ALA C 95 -12.75 23.65 -14.34
N GLY C 96 -12.18 24.77 -14.70
CA GLY C 96 -12.63 26.04 -14.20
C GLY C 96 -11.93 27.19 -14.86
N ALA C 97 -12.66 28.30 -14.99
CA ALA C 97 -12.07 29.59 -15.27
C ALA C 97 -11.69 30.21 -13.93
N ARG C 98 -10.64 31.02 -13.92
CA ARG C 98 -10.27 31.76 -12.71
C ARG C 98 -10.72 33.22 -12.80
N GLN C 99 -11.15 33.79 -11.66
CA GLN C 99 -11.69 35.15 -11.60
C GLN C 99 -10.65 36.17 -12.07
N GLN C 100 -11.07 37.06 -12.98
CA GLN C 100 -10.16 38.06 -13.54
C GLN C 100 -10.29 39.42 -12.86
N GLU C 101 -9.29 40.25 -13.09
CA GLU C 101 -9.26 41.58 -12.50
C GLU C 101 -10.52 42.32 -12.87
N GLY C 102 -11.27 42.74 -11.86
CA GLY C 102 -12.47 43.55 -12.03
C GLY C 102 -13.76 42.77 -12.22
N GLU C 103 -13.65 41.47 -12.47
CA GLU C 103 -14.81 40.62 -12.68
C GLU C 103 -15.62 40.47 -11.39
N SER C 104 -16.95 40.41 -11.51
CA SER C 104 -17.82 40.20 -10.35
C SER C 104 -17.99 38.71 -10.08
N ARG C 105 -18.41 38.38 -8.85
CA ARG C 105 -18.65 36.99 -8.45
C ARG C 105 -19.72 36.31 -9.32
N LEU C 106 -20.83 37.00 -9.56
CA LEU C 106 -21.92 36.44 -10.36
C LEU C 106 -21.43 36.11 -11.76
N ASN C 107 -20.68 37.02 -12.35
CA ASN C 107 -20.14 36.81 -13.70
C ASN C 107 -19.12 35.66 -13.73
N LEU C 108 -18.30 35.56 -12.70
CA LEU C 108 -17.37 34.44 -12.57
C LEU C 108 -18.15 33.14 -12.52
N VAL C 109 -19.15 33.07 -11.66
CA VAL C 109 -20.01 31.88 -11.59
C VAL C 109 -20.57 31.52 -12.96
N GLN C 110 -21.07 32.51 -13.68
CA GLN C 110 -21.71 32.29 -14.98
C GLN C 110 -20.74 31.74 -16.04
N ARG C 111 -19.47 32.15 -15.95
CA ARG C 111 -18.46 31.63 -16.86
C ARG C 111 -18.15 30.16 -16.59
N ASN C 112 -18.16 29.76 -15.33
CA ASN C 112 -17.99 28.36 -14.97
C ASN C 112 -19.22 27.55 -15.36
N VAL C 113 -20.40 28.15 -15.24
CA VAL C 113 -21.64 27.51 -15.68
C VAL C 113 -21.58 27.25 -17.18
N ASN C 114 -21.05 28.22 -17.93
CA ASN C 114 -20.91 28.06 -19.38
C ASN C 114 -19.97 26.92 -19.77
N ILE C 115 -18.89 26.76 -19.00
CA ILE C 115 -17.96 25.65 -19.19
C ILE C 115 -18.65 24.30 -18.91
N PHE C 116 -19.42 24.21 -17.84
CA PHE C 116 -20.16 22.99 -17.52
C PHE C 116 -21.26 22.68 -18.53
N LYS C 117 -21.80 23.71 -19.18
CA LYS C 117 -22.79 23.50 -20.23
C LYS C 117 -22.21 22.68 -21.37
N PHE C 118 -20.90 22.80 -21.59
CA PHE C 118 -20.22 22.00 -22.63
C PHE C 118 -19.75 20.65 -22.04
N ILE C 119 -19.13 20.69 -20.86
CA ILE C 119 -18.51 19.49 -20.27
C ILE C 119 -19.53 18.39 -19.94
N ILE C 120 -20.52 18.74 -19.11
CA ILE C 120 -21.46 17.77 -18.56
C ILE C 120 -22.17 16.96 -19.63
N PRO C 121 -22.78 17.61 -20.65
CA PRO C 121 -23.43 16.81 -21.70
C PRO C 121 -22.49 15.81 -22.35
N ASN C 122 -21.24 16.22 -22.55
CA ASN C 122 -20.25 15.33 -23.16
C ASN C 122 -19.94 14.13 -22.24
N VAL C 123 -19.74 14.40 -20.95
CA VAL C 123 -19.50 13.34 -19.98
C VAL C 123 -20.64 12.34 -19.95
N VAL C 124 -21.86 12.86 -19.87
CA VAL C 124 -23.09 12.03 -19.80
C VAL C 124 -23.19 11.12 -21.01
N LYS C 125 -22.96 11.69 -22.19
CA LYS C 125 -23.02 10.97 -23.44
C LYS C 125 -22.14 9.72 -23.44
N TYR C 126 -20.89 9.82 -22.98
CA TYR C 126 -19.96 8.70 -23.06
C TYR C 126 -19.93 7.82 -21.79
N SER C 127 -20.37 8.35 -20.65
CA SER C 127 -20.47 7.57 -19.42
C SER C 127 -21.79 7.86 -18.73
N PRO C 128 -22.91 7.41 -19.34
CA PRO C 128 -24.24 7.78 -18.84
C PRO C 128 -24.50 7.30 -17.44
N ASN C 129 -23.77 6.26 -16.99
CA ASN C 129 -24.00 5.69 -15.68
C ASN C 129 -22.92 5.99 -14.63
N CYS C 130 -22.04 6.95 -14.90
CA CYS C 130 -21.01 7.31 -13.94
C CYS C 130 -21.53 8.08 -12.72
N LYS C 131 -20.70 8.15 -11.69
CA LYS C 131 -20.85 9.12 -10.62
C LYS C 131 -20.04 10.34 -11.00
N LEU C 132 -20.57 11.52 -10.72
CA LEU C 132 -19.90 12.80 -10.96
C LEU C 132 -19.39 13.35 -9.65
N LEU C 133 -18.10 13.68 -9.61
CA LEU C 133 -17.51 14.32 -8.45
C LEU C 133 -17.03 15.69 -8.84
N ILE C 134 -17.70 16.73 -8.32
CA ILE C 134 -17.39 18.09 -8.74
C ILE C 134 -16.48 18.74 -7.72
N VAL C 135 -15.40 19.35 -8.20
CA VAL C 135 -14.44 20.07 -7.37
C VAL C 135 -14.39 21.57 -7.70
N SER C 136 -14.50 21.88 -8.99
CA SER C 136 -14.54 23.27 -9.50
C SER C 136 -15.38 24.24 -8.66
N ASN C 137 -14.87 25.45 -8.46
CA ASN C 137 -15.52 26.45 -7.60
C ASN C 137 -16.40 27.41 -8.41
N PRO C 138 -17.47 27.93 -7.79
CA PRO C 138 -17.90 27.65 -6.42
C PRO C 138 -18.58 26.29 -6.34
N VAL C 139 -18.03 25.38 -5.53
CA VAL C 139 -18.28 23.95 -5.69
C VAL C 139 -19.73 23.58 -5.40
N ASP C 140 -20.33 24.24 -4.43
CA ASP C 140 -21.72 23.97 -4.10
C ASP C 140 -22.68 24.36 -5.22
N ILE C 141 -22.45 25.52 -5.82
CA ILE C 141 -23.24 25.95 -6.97
C ILE C 141 -23.01 25.02 -8.16
N LEU C 142 -21.75 24.77 -8.47
CA LEU C 142 -21.39 23.95 -9.64
C LEU C 142 -21.82 22.48 -9.54
N THR C 143 -22.00 21.98 -8.32
CA THR C 143 -22.54 20.63 -8.15
C THR C 143 -24.04 20.63 -8.48
N TYR C 144 -24.76 21.65 -8.00
CA TYR C 144 -26.17 21.85 -8.38
C TYR C 144 -26.30 21.90 -9.89
N VAL C 145 -25.46 22.73 -10.50
CA VAL C 145 -25.44 22.91 -11.95
C VAL C 145 -25.23 21.57 -12.66
N ALA C 146 -24.24 20.81 -12.22
CA ALA C 146 -23.92 19.53 -12.83
C ALA C 146 -25.10 18.55 -12.71
N TRP C 147 -25.76 18.58 -11.54
CA TRP C 147 -26.95 17.76 -11.31
C TRP C 147 -28.06 18.17 -12.30
N LYS C 148 -28.31 19.47 -12.41
CA LYS C 148 -29.38 20.00 -13.28
C LYS C 148 -29.17 19.68 -14.76
N ILE C 149 -27.94 19.89 -15.25
CA ILE C 149 -27.64 19.64 -16.67
C ILE C 149 -27.61 18.15 -17.00
N SER C 150 -26.96 17.35 -16.15
CA SER C 150 -26.78 15.94 -16.44
C SER C 150 -28.11 15.21 -16.40
N GLY C 151 -28.97 15.63 -15.48
CA GLY C 151 -30.23 14.93 -15.24
C GLY C 151 -30.02 13.65 -14.45
N PHE C 152 -28.88 13.54 -13.78
CA PHE C 152 -28.57 12.37 -12.96
C PHE C 152 -29.36 12.42 -11.67
N PRO C 153 -29.70 11.24 -11.13
CA PRO C 153 -30.26 11.21 -9.78
C PRO C 153 -29.24 11.71 -8.76
N LYS C 154 -29.70 12.33 -7.68
CA LYS C 154 -28.82 13.04 -6.75
C LYS C 154 -27.75 12.16 -6.08
N ASN C 155 -27.93 10.84 -6.06
CA ASN C 155 -26.93 9.95 -5.47
C ASN C 155 -25.63 9.90 -6.29
N ARG C 156 -25.75 10.15 -7.60
CA ARG C 156 -24.61 10.11 -8.49
C ARG C 156 -23.97 11.48 -8.75
N VAL C 157 -24.34 12.51 -7.99
CA VAL C 157 -23.72 13.82 -8.15
C VAL C 157 -23.21 14.31 -6.80
N ILE C 158 -21.89 14.36 -6.68
CA ILE C 158 -21.20 14.58 -5.41
C ILE C 158 -20.27 15.77 -5.56
N GLY C 159 -20.40 16.75 -4.67
CA GLY C 159 -19.46 17.87 -4.64
C GLY C 159 -18.42 17.65 -3.55
N SER C 160 -17.17 17.96 -3.83
CA SER C 160 -16.09 17.78 -2.86
C SER C 160 -16.45 18.54 -1.59
N GLY C 161 -17.18 19.65 -1.74
CA GLY C 161 -17.77 20.34 -0.60
C GLY C 161 -16.79 20.68 0.52
N CYS C 162 -17.14 20.29 1.74
CA CYS C 162 -16.32 20.56 2.94
C CYS C 162 -15.32 19.44 3.30
N ASN C 163 -15.01 18.58 2.34
CA ASN C 163 -14.02 17.53 2.53
C ASN C 163 -12.64 18.10 2.88
N LEU C 164 -12.18 19.03 2.05
CA LEU C 164 -10.91 19.71 2.31
C LEU C 164 -10.96 20.56 3.56
N ASP C 165 -12.06 21.31 3.72
CA ASP C 165 -12.22 22.15 4.89
C ASP C 165 -12.01 21.29 6.14
N SER C 166 -12.66 20.13 6.16
CA SER C 166 -12.64 19.26 7.32
C SER C 166 -11.25 18.66 7.54
N ALA C 167 -10.58 18.31 6.43
CA ALA C 167 -9.23 17.74 6.50
C ALA C 167 -8.27 18.75 7.12
N ARG C 168 -8.40 20.01 6.70
CA ARG C 168 -7.62 21.12 7.27
C ARG C 168 -7.93 21.33 8.74
N PHE C 169 -9.23 21.36 9.07
CA PHE C 169 -9.65 21.45 10.47
C PHE C 169 -8.95 20.38 11.31
N ARG C 170 -8.92 19.15 10.82
CA ARG C 170 -8.40 18.01 11.60
C ARG C 170 -6.87 18.01 11.72
N TYR C 171 -6.18 18.46 10.67
CA TYR C 171 -4.76 18.74 10.75
C TYR C 171 -4.46 19.75 11.87
N LEU C 172 -5.18 20.88 11.87
CA LEU C 172 -4.93 21.90 12.92
C LEU C 172 -5.29 21.38 14.29
N MET C 173 -6.42 20.70 14.39
CA MET C 173 -6.81 20.06 15.64
C MET C 173 -5.72 19.10 16.15
N GLY C 174 -5.19 18.27 15.26
CA GLY C 174 -4.10 17.35 15.59
C GLY C 174 -2.83 18.03 16.07
N GLU C 175 -2.48 19.15 15.44
CA GLU C 175 -1.30 19.93 15.86
C GLU C 175 -1.47 20.52 17.25
N ARG C 176 -2.64 21.09 17.52
CA ARG C 176 -2.93 21.60 18.87
C ARG C 176 -2.81 20.54 19.94
N LEU C 177 -3.36 19.36 19.67
CA LEU C 177 -3.45 18.29 20.66
C LEU C 177 -2.28 17.32 20.66
N GLY C 178 -1.45 17.35 19.63
CA GLY C 178 -0.33 16.38 19.52
C GLY C 178 -0.83 14.96 19.26
N VAL C 179 -1.80 14.85 18.36
CA VAL C 179 -2.42 13.57 18.01
C VAL C 179 -2.53 13.53 16.50
N HIS C 180 -2.33 12.36 15.90
CA HIS C 180 -2.47 12.23 14.46
C HIS C 180 -3.87 12.67 14.05
N PRO C 181 -4.01 13.36 12.90
CA PRO C 181 -5.36 13.81 12.53
C PRO C 181 -6.42 12.71 12.36
N LEU C 182 -5.98 11.50 12.06
CA LEU C 182 -6.87 10.35 11.95
C LEU C 182 -7.63 10.10 13.23
N SER C 183 -7.00 10.36 14.36
CA SER C 183 -7.62 10.15 15.66
C SER C 183 -8.28 11.40 16.23
N CYS C 184 -8.23 12.50 15.46
CA CYS C 184 -8.90 13.75 15.83
C CYS C 184 -10.13 13.96 14.98
N HIS C 185 -11.31 13.87 15.58
CA HIS C 185 -12.55 13.89 14.81
C HIS C 185 -13.25 15.22 14.98
N GLY C 186 -13.58 15.81 13.84
CA GLY C 186 -14.28 17.07 13.79
C GLY C 186 -14.84 17.24 12.40
N TRP C 187 -16.00 17.87 12.32
CA TRP C 187 -16.72 18.04 11.06
C TRP C 187 -16.97 19.51 10.79
N VAL C 188 -16.54 19.94 9.61
CA VAL C 188 -16.91 21.22 9.05
C VAL C 188 -17.93 20.94 7.96
N LEU C 189 -19.10 21.57 8.07
CA LEU C 189 -20.22 21.30 7.18
C LEU C 189 -20.76 22.57 6.54
N GLY C 190 -21.77 22.41 5.69
CA GLY C 190 -22.41 23.55 5.03
C GLY C 190 -21.76 24.00 3.74
N GLU C 191 -21.61 25.31 3.58
CA GLU C 191 -21.05 25.90 2.37
C GLU C 191 -19.53 25.83 2.42
N HIS C 192 -18.95 25.28 1.37
CA HIS C 192 -17.49 25.20 1.27
C HIS C 192 -16.85 26.59 1.27
N GLY C 193 -15.82 26.76 2.07
CA GLY C 193 -14.98 27.94 2.01
C GLY C 193 -15.22 28.86 3.19
N ASP C 194 -15.28 30.16 2.92
CA ASP C 194 -15.43 31.19 3.96
C ASP C 194 -16.65 30.96 4.86
N SER C 195 -17.77 30.54 4.30
CA SER C 195 -19.00 30.41 5.09
C SER C 195 -19.20 29.04 5.75
N SER C 196 -18.18 28.18 5.72
CA SER C 196 -18.32 26.83 6.28
C SER C 196 -18.52 26.85 7.78
N VAL C 197 -19.13 25.80 8.31
CA VAL C 197 -19.56 25.77 9.69
C VAL C 197 -18.90 24.65 10.47
N PRO C 198 -18.14 24.99 11.53
CA PRO C 198 -17.56 23.96 12.39
C PRO C 198 -18.58 23.48 13.40
N VAL C 199 -18.81 22.17 13.44
CA VAL C 199 -19.81 21.59 14.34
C VAL C 199 -19.11 21.18 15.64
N TRP C 200 -19.08 22.11 16.60
CA TRP C 200 -18.28 21.94 17.82
C TRP C 200 -18.71 20.73 18.65
N SER C 201 -19.99 20.39 18.55
CA SER C 201 -20.57 19.27 19.31
C SER C 201 -19.97 17.91 18.94
N GLY C 202 -19.53 17.75 17.69
CA GLY C 202 -18.97 16.48 17.22
C GLY C 202 -17.45 16.39 17.33
N MET C 203 -16.81 17.46 17.81
CA MET C 203 -15.36 17.52 17.91
C MET C 203 -14.93 16.63 19.06
N ASN C 204 -14.13 15.61 18.77
CA ASN C 204 -13.74 14.64 19.80
C ASN C 204 -12.47 13.82 19.49
N VAL C 205 -11.88 13.28 20.55
CA VAL C 205 -10.85 12.25 20.46
C VAL C 205 -11.32 11.08 21.31
N ALA C 206 -11.32 9.89 20.73
CA ALA C 206 -11.69 8.67 21.45
C ALA C 206 -13.11 8.70 22.04
N GLY C 207 -14.00 9.40 21.35
CA GLY C 207 -15.39 9.54 21.80
C GLY C 207 -15.58 10.47 22.97
N VAL C 208 -14.52 11.15 23.40
CA VAL C 208 -14.60 12.12 24.48
C VAL C 208 -14.83 13.49 23.87
N SER C 209 -16.08 13.96 23.96
CA SER C 209 -16.51 15.23 23.39
C SER C 209 -15.79 16.42 24.00
N LEU C 210 -15.18 17.25 23.15
CA LEU C 210 -14.45 18.43 23.62
C LEU C 210 -15.38 19.46 24.23
N LYS C 211 -16.57 19.57 23.65
CA LYS C 211 -17.61 20.47 24.12
C LYS C 211 -18.12 20.07 25.52
N THR C 212 -18.25 18.77 25.77
CA THR C 212 -18.67 18.29 27.09
C THR C 212 -17.63 18.64 28.15
N LEU C 213 -16.35 18.48 27.81
CA LEU C 213 -15.27 18.84 28.73
C LEU C 213 -15.08 20.36 28.89
N HIS C 214 -15.31 21.09 27.82
CA HIS C 214 -15.05 22.53 27.78
C HIS C 214 -16.25 23.24 27.14
N PRO C 215 -17.32 23.48 27.93
CA PRO C 215 -18.60 24.04 27.44
C PRO C 215 -18.49 25.32 26.61
N ASP C 216 -17.47 26.14 26.87
CA ASP C 216 -17.26 27.39 26.12
C ASP C 216 -16.77 27.17 24.70
N LEU C 217 -16.33 25.94 24.38
CA LEU C 217 -15.76 25.62 23.07
C LEU C 217 -16.59 26.20 21.93
N GLY C 218 -15.94 26.99 21.08
CA GLY C 218 -16.59 27.58 19.92
C GLY C 218 -17.29 28.91 20.17
N THR C 219 -17.23 29.42 21.40
CA THR C 219 -17.82 30.71 21.75
C THR C 219 -16.75 31.80 21.88
N ASP C 220 -17.18 33.05 21.87
CA ASP C 220 -16.26 34.19 21.99
C ASP C 220 -15.64 34.29 23.37
N LYS C 221 -16.34 33.79 24.39
CA LYS C 221 -15.83 33.81 25.76
C LYS C 221 -14.94 32.62 26.10
N ASP C 222 -14.81 31.67 25.18
CA ASP C 222 -13.84 30.59 25.31
C ASP C 222 -12.48 31.17 25.69
N LYS C 223 -12.01 30.81 26.88
CA LYS C 223 -10.75 31.35 27.38
C LYS C 223 -9.56 30.95 26.50
N GLU C 224 -9.66 29.79 25.85
CA GLU C 224 -8.57 29.29 24.99
C GLU C 224 -8.84 29.52 23.50
N GLN C 225 -9.96 30.17 23.16
CA GLN C 225 -10.24 30.60 21.79
C GLN C 225 -10.08 29.47 20.75
N TRP C 226 -10.77 28.36 21.00
CA TRP C 226 -10.75 27.22 20.07
C TRP C 226 -11.47 27.53 18.76
N LYS C 227 -12.28 28.58 18.79
CA LYS C 227 -12.87 29.17 17.58
C LYS C 227 -11.81 29.57 16.54
N GLU C 228 -10.60 29.88 16.99
CA GLU C 228 -9.52 30.29 16.07
C GLU C 228 -9.04 29.15 15.17
N VAL C 229 -9.24 27.90 15.62
CA VAL C 229 -8.86 26.73 14.82
C VAL C 229 -9.60 26.75 13.49
N HIS C 230 -10.91 27.04 13.52
CA HIS C 230 -11.68 27.19 12.29
C HIS C 230 -11.33 28.47 11.53
N LYS C 231 -11.00 29.53 12.26
CA LYS C 231 -10.57 30.76 11.62
C LYS C 231 -9.31 30.46 10.80
N GLN C 232 -8.39 29.70 11.41
CA GLN C 232 -7.14 29.33 10.76
C GLN C 232 -7.37 28.43 9.55
N VAL C 233 -8.38 27.56 9.60
CA VAL C 233 -8.72 26.79 8.41
C VAL C 233 -8.90 27.77 7.25
N VAL C 234 -9.78 28.75 7.43
CA VAL C 234 -10.08 29.73 6.38
C VAL C 234 -8.86 30.59 6.05
N GLU C 235 -8.11 31.02 7.06
CA GLU C 235 -6.88 31.80 6.84
C GLU C 235 -5.86 31.02 6.02
N SER C 236 -5.66 29.75 6.38
CA SER C 236 -4.78 28.80 5.66
C SER C 236 -4.94 28.85 4.16
N ALA C 237 -6.20 28.80 3.72
CA ALA C 237 -6.50 28.76 2.30
C ALA C 237 -5.99 30.01 1.61
N TYR C 238 -6.22 31.17 2.24
CA TYR C 238 -5.74 32.44 1.73
C TYR C 238 -4.22 32.51 1.74
N GLU C 239 -3.60 32.01 2.81
CA GLU C 239 -2.14 32.03 2.92
C GLU C 239 -1.52 31.12 1.84
N VAL C 240 -2.07 29.93 1.64
CA VAL C 240 -1.46 29.02 0.65
C VAL C 240 -1.51 29.69 -0.72
N ILE C 241 -2.65 30.27 -1.06
CA ILE C 241 -2.82 31.02 -2.31
C ILE C 241 -1.85 32.19 -2.38
N LYS C 242 -1.74 32.93 -1.30
CA LYS C 242 -0.75 34.00 -1.23
C LYS C 242 0.68 33.46 -1.45
N LEU C 243 1.02 32.34 -0.82
CA LEU C 243 2.42 31.85 -0.81
C LEU C 243 2.84 31.11 -2.08
N LYS C 244 2.00 30.22 -2.59
CA LYS C 244 2.36 29.46 -3.78
C LYS C 244 1.47 29.72 -4.99
N GLY C 245 0.35 30.41 -4.81
CA GLY C 245 -0.48 30.83 -5.96
C GLY C 245 -1.69 29.95 -6.21
N TYR C 246 -1.72 28.76 -5.59
CA TYR C 246 -2.81 27.80 -5.79
C TYR C 246 -2.69 26.73 -4.72
N THR C 247 -3.71 25.88 -4.59
CA THR C 247 -3.59 24.69 -3.74
C THR C 247 -3.80 23.45 -4.59
N SER C 248 -3.05 22.39 -4.28
CA SER C 248 -3.08 21.22 -5.13
C SER C 248 -2.99 19.91 -4.36
N TRP C 249 -1.94 19.76 -3.55
CA TRP C 249 -1.67 18.48 -2.91
C TRP C 249 -2.80 18.03 -1.97
N ALA C 250 -3.22 18.90 -1.08
CA ALA C 250 -4.28 18.58 -0.13
C ALA C 250 -5.61 18.27 -0.81
N ILE C 251 -6.01 19.06 -1.79
CA ILE C 251 -7.27 18.76 -2.49
C ILE C 251 -7.16 17.47 -3.30
N GLY C 252 -6.01 17.25 -3.91
CA GLY C 252 -5.76 16.04 -4.67
C GLY C 252 -5.89 14.81 -3.80
N LEU C 253 -5.30 14.88 -2.62
CA LEU C 253 -5.34 13.75 -1.69
C LEU C 253 -6.75 13.49 -1.14
N SER C 254 -7.48 14.57 -0.87
CA SER C 254 -8.81 14.45 -0.30
C SER C 254 -9.79 13.89 -1.34
N VAL C 255 -9.57 14.21 -2.62
CA VAL C 255 -10.41 13.68 -3.70
C VAL C 255 -10.14 12.20 -3.92
N ALA C 256 -8.87 11.79 -3.88
CA ALA C 256 -8.52 10.37 -3.95
C ALA C 256 -9.16 9.58 -2.82
N ASP C 257 -9.27 10.18 -1.64
CA ASP C 257 -9.91 9.52 -0.51
C ASP C 257 -11.38 9.24 -0.83
N LEU C 258 -12.07 10.22 -1.42
CA LEU C 258 -13.45 10.04 -1.80
C LEU C 258 -13.56 8.97 -2.89
N ALA C 259 -12.66 9.04 -3.86
CA ALA C 259 -12.64 8.09 -4.96
C ALA C 259 -12.46 6.66 -4.46
N GLU C 260 -11.62 6.49 -3.47
CA GLU C 260 -11.40 5.16 -2.90
C GLU C 260 -12.70 4.57 -2.34
N SER C 261 -13.45 5.37 -1.58
CA SER C 261 -14.69 4.88 -0.98
C SER C 261 -15.68 4.49 -2.06
N ILE C 262 -15.78 5.34 -3.08
CA ILE C 262 -16.68 5.09 -4.19
C ILE C 262 -16.25 3.87 -5.01
N MET C 263 -14.99 3.84 -5.45
CA MET C 263 -14.53 2.77 -6.34
C MET C 263 -14.50 1.41 -5.67
N LYS C 264 -14.25 1.39 -4.34
CA LYS C 264 -14.15 0.15 -3.57
C LYS C 264 -15.41 -0.12 -2.74
N ASN C 265 -16.46 0.67 -2.98
CA ASN C 265 -17.74 0.48 -2.28
C ASN C 265 -17.59 0.31 -0.78
N LEU C 266 -16.87 1.22 -0.15
CA LEU C 266 -16.52 1.07 1.26
C LEU C 266 -17.62 1.50 2.20
N ARG C 267 -18.44 2.46 1.78
CA ARG C 267 -19.50 3.00 2.66
C ARG C 267 -18.92 3.66 3.91
N ARG C 268 -17.80 4.35 3.71
CA ARG C 268 -17.27 5.23 4.74
C ARG C 268 -18.07 6.53 4.68
N VAL C 269 -18.02 7.30 5.76
CA VAL C 269 -18.75 8.57 5.85
C VAL C 269 -17.81 9.75 5.63
N HIS C 270 -18.19 10.63 4.70
CA HIS C 270 -17.38 11.79 4.31
C HIS C 270 -18.20 13.07 4.23
N PRO C 271 -17.59 14.22 4.58
CA PRO C 271 -18.29 15.49 4.40
C PRO C 271 -18.18 15.93 2.96
N VAL C 272 -19.28 15.79 2.23
CA VAL C 272 -19.35 16.18 0.82
C VAL C 272 -20.67 16.87 0.57
N SER C 273 -20.77 17.56 -0.57
CA SER C 273 -21.93 18.36 -0.90
C SER C 273 -22.99 17.53 -1.59
N THR C 274 -24.21 17.57 -1.05
CA THR C 274 -25.33 16.81 -1.57
C THR C 274 -26.59 17.68 -1.52
N MET C 275 -27.59 17.29 -2.29
CA MET C 275 -28.92 17.92 -2.25
C MET C 275 -29.47 17.96 -0.82
N ILE C 276 -29.51 19.15 -0.21
CA ILE C 276 -30.03 19.31 1.18
C ILE C 276 -31.51 19.71 1.34
N LYS C 277 -32.23 19.93 0.24
CA LYS C 277 -33.65 20.32 0.33
C LYS C 277 -34.41 19.41 1.26
N GLY C 278 -35.14 20.00 2.19
CA GLY C 278 -35.97 19.23 3.12
C GLY C 278 -35.31 18.99 4.45
N LEU C 279 -34.12 19.56 4.65
CA LEU C 279 -33.39 19.46 5.91
C LEU C 279 -33.11 20.84 6.46
N TYR C 280 -33.13 20.98 7.78
CA TYR C 280 -32.87 22.24 8.46
C TYR C 280 -33.74 23.38 7.93
N GLY C 281 -34.99 23.05 7.60
CA GLY C 281 -35.93 24.03 7.06
C GLY C 281 -35.53 24.65 5.74
N ILE C 282 -34.52 24.09 5.09
CA ILE C 282 -34.12 24.54 3.76
C ILE C 282 -35.11 23.93 2.77
N LYS C 283 -35.64 24.78 1.88
CA LYS C 283 -36.69 24.35 0.96
C LYS C 283 -36.36 24.58 -0.51
N ASP C 284 -35.17 25.09 -0.79
CA ASP C 284 -34.71 25.32 -2.16
C ASP C 284 -33.79 24.21 -2.68
N ASP C 285 -33.68 24.11 -4.00
CA ASP C 285 -32.78 23.15 -4.66
C ASP C 285 -31.31 23.59 -4.48
N VAL C 286 -30.73 23.27 -3.33
CA VAL C 286 -29.36 23.68 -3.05
C VAL C 286 -28.52 22.48 -2.59
N PHE C 287 -27.20 22.57 -2.81
CA PHE C 287 -26.27 21.55 -2.33
C PHE C 287 -25.38 22.12 -1.25
N LEU C 288 -25.31 21.41 -0.13
CA LEU C 288 -24.44 21.76 0.98
C LEU C 288 -23.84 20.47 1.52
N SER C 289 -22.77 20.61 2.28
CA SER C 289 -22.08 19.44 2.81
C SER C 289 -22.70 18.94 4.10
N VAL C 290 -22.96 17.64 4.13
CA VAL C 290 -23.22 16.92 5.36
C VAL C 290 -22.45 15.60 5.28
N PRO C 291 -22.27 14.92 6.41
CA PRO C 291 -21.62 13.62 6.31
C PRO C 291 -22.45 12.65 5.52
N CYS C 292 -21.88 12.12 4.45
CA CYS C 292 -22.54 11.17 3.57
C CYS C 292 -21.81 9.83 3.49
N ILE C 293 -22.59 8.76 3.34
CA ILE C 293 -22.07 7.43 3.12
C ILE C 293 -21.77 7.33 1.65
N LEU C 294 -20.51 7.04 1.31
CA LEU C 294 -20.10 6.95 -0.10
C LEU C 294 -19.77 5.54 -0.47
N GLY C 295 -20.22 5.15 -1.66
CA GLY C 295 -19.94 3.84 -2.20
C GLY C 295 -20.21 3.74 -3.69
N GLN C 296 -20.49 2.51 -4.13
CA GLN C 296 -20.64 2.16 -5.55
C GLN C 296 -21.69 2.96 -6.33
N ASN C 297 -22.77 3.37 -5.67
CA ASN C 297 -23.81 4.15 -6.33
C ASN C 297 -23.78 5.59 -5.85
N GLY C 298 -22.60 6.02 -5.39
CA GLY C 298 -22.39 7.38 -4.94
C GLY C 298 -22.86 7.57 -3.52
N ILE C 299 -23.68 8.61 -3.31
CA ILE C 299 -24.23 8.91 -1.98
C ILE C 299 -25.50 8.10 -1.78
N SER C 300 -25.41 7.04 -0.99
CA SER C 300 -26.55 6.17 -0.77
C SER C 300 -27.35 6.61 0.45
N ASP C 301 -26.66 7.26 1.38
CA ASP C 301 -27.26 7.73 2.63
C ASP C 301 -26.53 8.98 3.07
N LEU C 302 -27.20 9.82 3.84
CA LEU C 302 -26.54 10.91 4.52
C LEU C 302 -26.82 10.83 6.00
N VAL C 303 -25.90 11.34 6.79
CA VAL C 303 -26.05 11.36 8.23
C VAL C 303 -26.73 12.67 8.61
N LYS C 304 -27.70 12.58 9.52
CA LYS C 304 -28.47 13.74 9.94
C LYS C 304 -27.85 14.27 11.21
N VAL C 305 -27.02 15.29 11.05
CA VAL C 305 -26.31 15.89 12.15
C VAL C 305 -27.28 16.77 12.94
N THR C 306 -27.34 16.57 14.25
CA THR C 306 -28.05 17.48 15.13
C THR C 306 -27.23 18.76 15.18
N LEU C 307 -27.82 19.84 14.68
CA LEU C 307 -27.21 21.18 14.73
C LEU C 307 -27.88 22.06 15.78
N THR C 308 -27.12 23.00 16.35
CA THR C 308 -27.69 24.06 17.18
C THR C 308 -28.43 25.05 16.29
N SER C 309 -29.27 25.88 16.88
CA SER C 309 -30.06 26.88 16.12
C SER C 309 -29.18 27.80 15.30
N GLU C 310 -28.11 28.30 15.94
CA GLU C 310 -27.13 29.14 15.27
C GLU C 310 -26.55 28.41 14.07
N GLU C 311 -26.15 27.15 14.31
CA GLU C 311 -25.61 26.31 13.25
C GLU C 311 -26.59 26.17 12.09
N GLU C 312 -27.86 25.85 12.39
CA GLU C 312 -28.86 25.74 11.32
C GLU C 312 -29.06 27.03 10.54
N ALA C 313 -29.16 28.14 11.26
CA ALA C 313 -29.36 29.45 10.65
C ALA C 313 -28.22 29.80 9.71
N ARG C 314 -27.01 29.41 10.06
CA ARG C 314 -25.87 29.55 9.16
C ARG C 314 -26.03 28.76 7.85
N LEU C 315 -26.46 27.50 7.94
CA LEU C 315 -26.72 26.71 6.71
C LEU C 315 -27.86 27.30 5.90
N LYS C 316 -28.90 27.76 6.61
CA LYS C 316 -30.04 28.39 5.96
C LYS C 316 -29.64 29.65 5.21
N LYS C 317 -28.81 30.50 5.84
CA LYS C 317 -28.34 31.70 5.16
C LYS C 317 -27.49 31.33 3.94
N SER C 318 -26.65 30.31 4.07
CA SER C 318 -25.88 29.83 2.91
C SER C 318 -26.82 29.37 1.79
N ALA C 319 -27.86 28.64 2.16
CA ALA C 319 -28.82 28.13 1.19
C ALA C 319 -29.55 29.27 0.46
N ASP C 320 -30.02 30.26 1.21
CA ASP C 320 -30.67 31.43 0.61
C ASP C 320 -29.73 32.12 -0.36
N THR C 321 -28.49 32.36 0.07
CA THR C 321 -27.49 33.03 -0.75
C THR C 321 -27.18 32.27 -2.04
N LEU C 322 -27.02 30.96 -1.93
CA LEU C 322 -26.73 30.10 -3.08
C LEU C 322 -27.91 30.04 -4.04
N TRP C 323 -29.11 29.85 -3.50
CA TRP C 323 -30.30 29.80 -4.34
C TRP C 323 -30.51 31.12 -5.09
N GLY C 324 -30.19 32.23 -4.41
CA GLY C 324 -30.29 33.56 -5.00
C GLY C 324 -29.47 33.73 -6.25
N ILE C 325 -28.26 33.19 -6.25
CA ILE C 325 -27.41 33.21 -7.44
C ILE C 325 -27.95 32.25 -8.48
N GLN C 326 -28.36 31.06 -8.02
CA GLN C 326 -28.80 29.97 -8.92
C GLN C 326 -29.99 30.29 -9.82
N LYS C 327 -30.91 31.13 -9.34
CA LYS C 327 -32.09 31.48 -10.14
C LYS C 327 -31.81 32.55 -11.20
N GLU C 328 -30.74 33.32 -11.01
CA GLU C 328 -30.28 34.26 -12.02
C GLU C 328 -29.34 33.62 -13.06
N LEU C 329 -28.97 32.35 -12.87
CA LEU C 329 -28.10 31.66 -13.82
C LEU C 329 -28.82 31.32 -15.12
N GLN C 330 -28.11 31.54 -16.23
CA GLN C 330 -28.55 31.22 -17.58
C GLN C 330 -28.00 29.85 -17.95
N PHE C 331 -28.90 28.92 -18.30
CA PHE C 331 -28.52 27.56 -18.70
C PHE C 331 -28.59 27.37 -20.21
N ALA D 1 -5.18 22.99 33.75
CA ALA D 1 -6.52 23.62 33.59
C ALA D 1 -7.00 23.77 32.14
N THR D 2 -6.09 23.68 31.16
CA THR D 2 -6.44 23.86 29.74
C THR D 2 -7.21 22.65 29.20
N LEU D 3 -7.72 22.76 27.98
CA LEU D 3 -8.51 21.69 27.38
C LEU D 3 -7.65 20.47 27.02
N LYS D 4 -6.47 20.74 26.48
CA LYS D 4 -5.52 19.67 26.19
C LYS D 4 -5.21 18.84 27.44
N ASP D 5 -5.05 19.50 28.60
CA ASP D 5 -4.72 18.81 29.86
C ASP D 5 -5.89 18.06 30.48
N GLN D 6 -7.10 18.58 30.30
CA GLN D 6 -8.31 17.86 30.71
C GLN D 6 -8.44 16.59 29.88
N LEU D 7 -8.11 16.69 28.60
CA LEU D 7 -8.33 15.61 27.65
C LEU D 7 -7.22 14.55 27.70
N ILE D 8 -5.98 14.99 27.87
CA ILE D 8 -4.80 14.12 27.72
C ILE D 8 -3.85 14.17 28.91
N TYR D 9 -3.53 12.99 29.46
CA TYR D 9 -2.50 12.87 30.48
C TYR D 9 -1.19 12.42 29.84
N ASN D 10 -0.13 13.16 30.12
CA ASN D 10 1.19 12.87 29.56
C ASN D 10 2.03 11.97 30.48
N LEU D 11 2.51 10.86 29.94
CA LEU D 11 3.45 9.98 30.66
C LEU D 11 4.89 10.51 30.64
N LEU D 12 5.32 11.09 29.53
CA LEU D 12 6.65 11.71 29.45
C LEU D 12 6.86 12.55 28.19
N LYS D 13 7.86 13.42 28.23
CA LYS D 13 8.18 14.29 27.09
C LYS D 13 9.66 14.13 26.76
N GLU D 14 10.05 12.93 26.31
CA GLU D 14 11.47 12.66 26.09
C GLU D 14 11.90 12.86 24.64
N GLU D 15 13.21 12.72 24.43
CA GLU D 15 13.87 12.57 23.12
C GLU D 15 13.07 13.14 21.93
N GLN D 16 12.49 12.25 21.12
CA GLN D 16 11.94 12.61 19.81
C GLN D 16 13.06 12.91 18.81
N THR D 17 13.61 11.85 18.24
CA THR D 17 14.52 11.92 17.11
C THR D 17 13.94 11.08 15.96
N PRO D 18 13.82 11.66 14.77
CA PRO D 18 13.20 10.90 13.68
C PRO D 18 14.05 9.69 13.26
N GLN D 19 13.39 8.61 12.87
CA GLN D 19 14.05 7.35 12.55
C GLN D 19 14.21 7.12 11.05
N ASN D 20 13.39 7.78 10.24
CA ASN D 20 13.31 7.51 8.80
C ASN D 20 13.02 8.79 8.05
N LYS D 21 13.85 9.78 8.32
CA LYS D 21 13.62 11.11 7.82
C LYS D 21 14.24 11.28 6.44
N ILE D 22 13.51 11.98 5.58
CA ILE D 22 13.99 12.32 4.26
C ILE D 22 13.93 13.82 4.07
N THR D 23 14.94 14.38 3.40
CA THR D 23 14.92 15.77 2.97
C THR D 23 14.92 15.87 1.44
N VAL D 24 14.11 16.79 0.95
CA VAL D 24 14.16 17.19 -0.43
C VAL D 24 14.60 18.66 -0.48
N VAL D 25 15.69 18.91 -1.19
CA VAL D 25 16.20 20.27 -1.39
C VAL D 25 15.81 20.73 -2.77
N GLY D 26 15.06 21.84 -2.81
CA GLY D 26 14.53 22.37 -4.05
C GLY D 26 13.08 21.93 -4.21
N VAL D 27 12.15 22.87 -4.10
CA VAL D 27 10.71 22.58 -4.20
C VAL D 27 10.05 23.08 -5.49
N GLY D 28 10.78 22.95 -6.58
CA GLY D 28 10.22 23.09 -7.92
C GLY D 28 9.36 21.88 -8.25
N ALA D 29 8.98 21.75 -9.51
CA ALA D 29 8.08 20.67 -9.90
C ALA D 29 8.68 19.31 -9.57
N VAL D 30 9.97 19.15 -9.84
CA VAL D 30 10.65 17.88 -9.60
C VAL D 30 10.67 17.55 -8.11
N GLY D 31 11.10 18.51 -7.31
CA GLY D 31 11.17 18.33 -5.86
C GLY D 31 9.86 17.93 -5.23
N MET D 32 8.78 18.58 -5.67
CA MET D 32 7.46 18.34 -5.10
C MET D 32 6.86 17.01 -5.57
N ALA D 33 7.16 16.63 -6.82
CA ALA D 33 6.76 15.32 -7.32
C ALA D 33 7.49 14.22 -6.54
N CYS D 34 8.76 14.44 -6.23
CA CYS D 34 9.48 13.56 -5.33
C CYS D 34 8.78 13.48 -3.97
N ALA D 35 8.45 14.64 -3.42
CA ALA D 35 7.82 14.73 -2.11
C ALA D 35 6.51 13.94 -2.06
N ILE D 36 5.66 14.14 -3.05
CA ILE D 36 4.31 13.56 -2.98
C ILE D 36 4.37 12.03 -3.14
N SER D 37 5.21 11.58 -4.05
CA SER D 37 5.38 10.15 -4.30
C SER D 37 5.96 9.44 -3.10
N ILE D 38 6.93 10.07 -2.44
CA ILE D 38 7.56 9.56 -1.21
C ILE D 38 6.54 9.51 -0.09
N LEU D 39 5.73 10.56 0.04
CA LEU D 39 4.67 10.60 1.06
C LEU D 39 3.61 9.52 0.86
N MET D 40 3.23 9.29 -0.40
CA MET D 40 2.18 8.31 -0.68
C MET D 40 2.68 6.87 -0.64
N LYS D 41 3.99 6.69 -0.59
CA LYS D 41 4.58 5.37 -0.42
C LYS D 41 4.98 5.08 1.05
N ASP D 42 4.66 6.00 1.96
CA ASP D 42 4.92 5.81 3.41
C ASP D 42 6.38 5.44 3.69
N LEU D 43 7.30 6.14 3.05
CA LEU D 43 8.72 5.84 3.20
C LEU D 43 9.36 6.52 4.41
N ALA D 44 8.77 7.62 4.87
CA ALA D 44 9.43 8.47 5.83
C ALA D 44 8.55 8.75 7.02
N ASP D 45 9.15 8.87 8.21
CA ASP D 45 8.40 9.36 9.37
C ASP D 45 8.53 10.86 9.55
N GLU D 46 9.43 11.49 8.79
CA GLU D 46 9.52 12.97 8.73
C GLU D 46 10.03 13.39 7.37
N LEU D 47 9.44 14.43 6.82
CA LEU D 47 9.90 14.97 5.57
C LEU D 47 10.24 16.44 5.75
N ALA D 48 11.43 16.81 5.30
CA ALA D 48 11.87 18.19 5.35
C ALA D 48 12.09 18.74 3.95
N LEU D 49 11.72 20.01 3.77
CA LEU D 49 11.82 20.70 2.50
C LEU D 49 12.69 21.93 2.66
N VAL D 50 13.62 22.12 1.73
CA VAL D 50 14.44 23.33 1.73
C VAL D 50 14.38 24.02 0.38
N ASP D 51 14.38 25.35 0.40
CA ASP D 51 14.54 26.16 -0.82
C ASP D 51 15.06 27.55 -0.44
N VAL D 52 15.48 28.33 -1.43
CA VAL D 52 15.82 29.73 -1.20
C VAL D 52 14.63 30.67 -1.44
N ILE D 53 13.62 30.22 -2.19
CA ILE D 53 12.39 30.99 -2.34
C ILE D 53 11.47 30.67 -1.17
N GLU D 54 11.39 31.60 -0.23
CA GLU D 54 10.79 31.34 1.06
C GLU D 54 9.26 31.25 1.06
N ASP D 55 8.59 32.05 0.24
CA ASP D 55 7.12 32.03 0.17
C ASP D 55 6.63 30.72 -0.43
N LYS D 56 7.14 30.41 -1.62
CA LYS D 56 6.90 29.14 -2.30
C LYS D 56 7.14 27.95 -1.35
N LEU D 57 8.27 27.96 -0.67
CA LEU D 57 8.63 26.89 0.26
C LEU D 57 7.58 26.71 1.34
N LYS D 58 7.19 27.81 2.00
CA LYS D 58 6.21 27.73 3.07
C LYS D 58 4.84 27.26 2.54
N GLY D 59 4.46 27.73 1.35
CA GLY D 59 3.19 27.37 0.74
C GLY D 59 3.13 25.90 0.40
N GLU D 60 4.23 25.36 -0.14
CA GLU D 60 4.25 23.94 -0.51
C GLU D 60 4.17 23.09 0.74
N MET D 61 4.90 23.49 1.79
CA MET D 61 4.87 22.76 3.04
C MET D 61 3.45 22.69 3.58
N MET D 62 2.79 23.85 3.65
CA MET D 62 1.44 23.94 4.18
C MET D 62 0.48 23.06 3.40
N ASP D 63 0.60 23.09 2.07
CA ASP D 63 -0.29 22.30 1.20
C ASP D 63 -0.16 20.81 1.48
N LEU D 64 1.08 20.31 1.62
CA LEU D 64 1.30 18.91 2.00
C LEU D 64 0.72 18.61 3.38
N GLN D 65 0.98 19.49 4.34
CA GLN D 65 0.51 19.31 5.70
C GLN D 65 -0.99 19.19 5.75
N HIS D 66 -1.68 19.98 4.94
CA HIS D 66 -3.14 19.94 4.93
C HIS D 66 -3.71 18.61 4.44
N GLY D 67 -2.88 17.79 3.78
CA GLY D 67 -3.29 16.45 3.39
C GLY D 67 -2.86 15.39 4.38
N SER D 68 -2.37 15.81 5.55
CA SER D 68 -1.87 14.88 6.56
C SER D 68 -2.86 13.80 6.94
N LEU D 69 -4.15 14.15 6.97
CA LEU D 69 -5.20 13.18 7.31
C LEU D 69 -5.13 11.92 6.46
N PHE D 70 -4.71 12.08 5.21
CA PHE D 70 -4.70 11.01 4.22
C PHE D 70 -3.33 10.37 4.02
N LEU D 71 -2.39 10.69 4.90
CA LEU D 71 -1.02 10.19 4.82
C LEU D 71 -0.63 9.50 6.11
N ARG D 72 0.54 8.89 6.11
CA ARG D 72 1.07 8.22 7.29
C ARG D 72 2.46 8.77 7.58
N THR D 73 2.65 10.06 7.31
CA THR D 73 3.91 10.74 7.60
C THR D 73 3.58 11.91 8.53
N PRO D 74 3.81 11.73 9.85
CA PRO D 74 3.25 12.61 10.85
C PRO D 74 3.93 13.97 11.05
N LYS D 75 5.07 14.22 10.40
CA LYS D 75 5.75 15.50 10.54
C LYS D 75 6.36 15.98 9.24
N ILE D 76 5.87 17.12 8.76
CA ILE D 76 6.37 17.76 7.55
C ILE D 76 6.86 19.16 7.92
N VAL D 77 8.10 19.48 7.59
CA VAL D 77 8.74 20.73 7.99
C VAL D 77 9.45 21.35 6.79
N SER D 78 9.72 22.64 6.88
CA SER D 78 10.38 23.37 5.79
C SER D 78 11.14 24.56 6.35
N GLY D 79 12.11 25.04 5.58
CA GLY D 79 12.87 26.21 5.96
C GLY D 79 14.04 26.45 5.04
N LYS D 80 14.46 27.71 4.95
CA LYS D 80 15.68 28.09 4.24
C LYS D 80 16.92 27.57 5.00
N ASP D 81 16.81 27.49 6.32
CA ASP D 81 17.89 27.04 7.19
C ASP D 81 17.90 25.51 7.31
N TYR D 82 19.10 24.94 7.24
CA TYR D 82 19.26 23.50 7.17
C TYR D 82 19.11 22.77 8.52
N ASN D 83 18.90 23.51 9.60
CA ASN D 83 18.53 22.85 10.87
C ASN D 83 17.26 22.01 10.77
N VAL D 84 16.37 22.33 9.85
CA VAL D 84 15.16 21.54 9.65
C VAL D 84 15.46 20.17 9.03
N THR D 85 16.65 20.02 8.47
CA THR D 85 17.07 18.79 7.80
C THR D 85 17.83 17.79 8.69
N ALA D 86 18.06 18.17 9.94
CA ALA D 86 18.85 17.34 10.85
C ALA D 86 18.39 15.88 10.95
N ASN D 87 19.36 14.98 10.97
CA ASN D 87 19.13 13.54 11.19
C ASN D 87 18.40 12.85 10.04
N SER D 88 18.61 13.34 8.80
CA SER D 88 17.98 12.72 7.63
C SER D 88 18.77 11.49 7.23
N LYS D 89 18.04 10.42 6.92
CA LYS D 89 18.67 9.21 6.36
C LYS D 89 19.02 9.42 4.90
N LEU D 90 18.21 10.23 4.23
CA LEU D 90 18.32 10.42 2.79
C LEU D 90 18.04 11.87 2.45
N VAL D 91 18.93 12.48 1.67
CA VAL D 91 18.73 13.86 1.23
C VAL D 91 18.77 13.88 -0.27
N ILE D 92 17.71 14.42 -0.86
CA ILE D 92 17.49 14.41 -2.30
C ILE D 92 17.65 15.83 -2.81
N ILE D 93 18.61 16.06 -3.72
CA ILE D 93 18.91 17.38 -4.20
C ILE D 93 18.37 17.53 -5.60
N THR D 94 17.43 18.47 -5.77
CA THR D 94 16.88 18.83 -7.07
C THR D 94 17.11 20.30 -7.38
N ALA D 95 17.85 20.97 -6.51
CA ALA D 95 18.09 22.38 -6.66
C ALA D 95 19.20 22.62 -7.66
N GLY D 96 19.15 23.78 -8.28
CA GLY D 96 20.16 24.20 -9.24
C GLY D 96 19.65 25.35 -10.08
N ALA D 97 20.36 25.67 -11.14
CA ALA D 97 19.98 26.76 -12.03
C ALA D 97 19.63 26.21 -13.39
N ARG D 98 18.76 26.91 -14.12
CA ARG D 98 18.40 26.54 -15.50
C ARG D 98 19.42 27.07 -16.49
N GLN D 99 19.75 26.25 -17.49
CA GLN D 99 20.61 26.70 -18.58
C GLN D 99 19.91 27.83 -19.31
N GLN D 100 20.70 28.72 -19.88
CA GLN D 100 20.17 29.81 -20.70
C GLN D 100 20.61 29.62 -22.14
N GLU D 101 19.91 30.28 -23.06
CA GLU D 101 20.26 30.22 -24.47
C GLU D 101 21.69 30.69 -24.67
N GLY D 102 22.49 29.88 -25.37
CA GLY D 102 23.88 30.23 -25.67
C GLY D 102 24.90 29.96 -24.56
N GLU D 103 24.45 29.80 -23.31
CA GLU D 103 25.35 29.48 -22.20
C GLU D 103 26.07 28.15 -22.43
N SER D 104 27.38 28.13 -22.21
CA SER D 104 28.16 26.90 -22.35
C SER D 104 27.84 25.90 -21.24
N ARG D 105 28.20 24.64 -21.44
CA ARG D 105 28.04 23.61 -20.45
C ARG D 105 28.93 23.95 -19.26
N LEU D 106 30.17 24.31 -19.54
CA LEU D 106 31.12 24.65 -18.48
C LEU D 106 30.59 25.72 -17.54
N ASN D 107 29.96 26.75 -18.12
CA ASN D 107 29.45 27.88 -17.34
C ASN D 107 28.21 27.51 -16.52
N LEU D 108 27.31 26.73 -17.12
CA LEU D 108 26.15 26.21 -16.42
C LEU D 108 26.62 25.33 -15.26
N VAL D 109 27.56 24.43 -15.54
CA VAL D 109 28.06 23.52 -14.51
C VAL D 109 28.70 24.32 -13.38
N GLN D 110 29.53 25.30 -13.73
CA GLN D 110 30.17 26.13 -12.71
C GLN D 110 29.13 26.85 -11.83
N ARG D 111 28.07 27.37 -12.42
CA ARG D 111 27.01 28.01 -11.63
C ARG D 111 26.40 27.05 -10.58
N ASN D 112 26.10 25.81 -11.01
CA ASN D 112 25.56 24.80 -10.10
C ASN D 112 26.59 24.37 -9.05
N VAL D 113 27.87 24.37 -9.41
CA VAL D 113 28.90 24.08 -8.43
C VAL D 113 28.85 25.12 -7.32
N ASN D 114 28.71 26.38 -7.72
CA ASN D 114 28.69 27.46 -6.75
C ASN D 114 27.46 27.35 -5.84
N ILE D 115 26.34 26.93 -6.41
CA ILE D 115 25.14 26.62 -5.65
C ILE D 115 25.36 25.45 -4.67
N PHE D 116 26.03 24.40 -5.15
CA PHE D 116 26.28 23.21 -4.33
C PHE D 116 27.25 23.52 -3.21
N LYS D 117 28.14 24.50 -3.44
CA LYS D 117 29.06 24.92 -2.39
C LYS D 117 28.33 25.47 -1.17
N PHE D 118 27.10 25.94 -1.34
CA PHE D 118 26.32 26.38 -0.18
C PHE D 118 25.41 25.29 0.38
N ILE D 119 24.79 24.52 -0.50
CA ILE D 119 23.92 23.42 -0.10
C ILE D 119 24.66 22.28 0.63
N ILE D 120 25.68 21.71 0.00
CA ILE D 120 26.24 20.45 0.47
C ILE D 120 26.89 20.52 1.87
N PRO D 121 27.73 21.53 2.13
CA PRO D 121 28.32 21.57 3.48
C PRO D 121 27.26 21.66 4.58
N ASN D 122 26.17 22.36 4.31
CA ASN D 122 25.09 22.47 5.31
C ASN D 122 24.30 21.19 5.43
N VAL D 123 24.09 20.47 4.33
CA VAL D 123 23.48 19.15 4.41
C VAL D 123 24.32 18.24 5.31
N VAL D 124 25.61 18.24 5.05
CA VAL D 124 26.57 17.40 5.75
C VAL D 124 26.63 17.73 7.24
N LYS D 125 26.62 19.01 7.56
CA LYS D 125 26.66 19.45 8.95
C LYS D 125 25.55 18.79 9.77
N TYR D 126 24.32 18.83 9.24
CA TYR D 126 23.14 18.40 9.97
C TYR D 126 22.80 16.92 9.76
N SER D 127 23.24 16.31 8.65
CA SER D 127 23.07 14.88 8.46
C SER D 127 24.37 14.23 7.98
N PRO D 128 25.37 14.16 8.87
CA PRO D 128 26.70 13.63 8.49
C PRO D 128 26.66 12.22 7.89
N ASN D 129 25.65 11.44 8.25
CA ASN D 129 25.59 10.04 7.87
C ASN D 129 24.55 9.69 6.80
N CYS D 130 23.95 10.70 6.20
CA CYS D 130 22.90 10.48 5.21
C CYS D 130 23.46 9.92 3.92
N LYS D 131 22.56 9.40 3.10
CA LYS D 131 22.85 9.11 1.71
C LYS D 131 22.39 10.32 0.93
N LEU D 132 23.17 10.69 -0.08
CA LEU D 132 22.83 11.80 -0.97
C LEU D 132 22.36 11.25 -2.29
N LEU D 133 21.20 11.70 -2.72
CA LEU D 133 20.66 11.32 -4.01
C LEU D 133 20.52 12.59 -4.83
N ILE D 134 21.34 12.71 -5.88
CA ILE D 134 21.40 13.90 -6.71
C ILE D 134 20.50 13.71 -7.96
N VAL D 135 19.58 14.65 -8.16
CA VAL D 135 18.67 14.67 -9.32
C VAL D 135 19.02 15.84 -10.27
N SER D 136 19.48 16.95 -9.71
CA SER D 136 19.84 18.16 -10.48
C SER D 136 20.74 17.87 -11.69
N ASN D 137 20.48 18.56 -12.80
CA ASN D 137 21.22 18.37 -14.04
C ASN D 137 22.32 19.41 -14.20
N PRO D 138 23.40 19.06 -14.92
CA PRO D 138 23.66 17.73 -15.50
C PRO D 138 24.03 16.70 -14.42
N VAL D 139 23.18 15.69 -14.27
CA VAL D 139 23.15 14.87 -13.05
C VAL D 139 24.44 14.09 -12.81
N ASP D 140 25.10 13.65 -13.89
CA ASP D 140 26.31 12.89 -13.74
C ASP D 140 27.45 13.74 -13.22
N ILE D 141 27.57 14.95 -13.74
CA ILE D 141 28.59 15.88 -13.25
C ILE D 141 28.24 16.36 -11.84
N LEU D 142 26.99 16.71 -11.59
CA LEU D 142 26.64 17.20 -10.28
C LEU D 142 26.72 16.13 -9.19
N THR D 143 26.61 14.85 -9.55
CA THR D 143 26.83 13.78 -8.59
C THR D 143 28.32 13.81 -8.17
N TYR D 144 29.21 13.95 -9.15
CA TYR D 144 30.65 14.18 -8.90
C TYR D 144 30.87 15.37 -7.98
N VAL D 145 30.18 16.47 -8.26
CA VAL D 145 30.34 17.69 -7.49
C VAL D 145 29.93 17.47 -6.05
N ALA D 146 28.82 16.79 -5.84
CA ALA D 146 28.33 16.54 -4.49
C ALA D 146 29.28 15.61 -3.76
N TRP D 147 29.81 14.63 -4.49
CA TRP D 147 30.78 13.71 -3.91
C TRP D 147 32.03 14.48 -3.45
N LYS D 148 32.59 15.28 -4.37
CA LYS D 148 33.76 16.09 -4.09
C LYS D 148 33.55 17.01 -2.90
N ILE D 149 32.46 17.77 -2.90
CA ILE D 149 32.25 18.74 -1.85
C ILE D 149 31.92 18.07 -0.52
N SER D 150 31.10 17.02 -0.56
CA SER D 150 30.62 16.44 0.69
C SER D 150 31.75 15.74 1.44
N GLY D 151 32.67 15.15 0.68
CA GLY D 151 33.69 14.28 1.29
C GLY D 151 33.14 12.90 1.64
N PHE D 152 31.93 12.57 1.16
CA PHE D 152 31.31 11.30 1.53
C PHE D 152 32.01 10.16 0.80
N PRO D 153 31.99 8.96 1.40
CA PRO D 153 32.45 7.80 0.67
C PRO D 153 31.57 7.57 -0.56
N LYS D 154 32.10 6.90 -1.57
CA LYS D 154 31.41 6.71 -2.85
C LYS D 154 30.03 6.10 -2.70
N ASN D 155 29.89 5.15 -1.77
CA ASN D 155 28.63 4.41 -1.66
C ASN D 155 27.45 5.29 -1.30
N ARG D 156 27.70 6.44 -0.65
CA ARG D 156 26.62 7.32 -0.21
C ARG D 156 26.31 8.54 -1.08
N VAL D 157 26.86 8.58 -2.29
CA VAL D 157 26.52 9.63 -3.24
C VAL D 157 25.99 8.98 -4.51
N ILE D 158 24.70 9.16 -4.74
CA ILE D 158 23.98 8.45 -5.79
C ILE D 158 23.40 9.49 -6.74
N GLY D 159 23.58 9.27 -8.03
CA GLY D 159 22.92 10.09 -9.05
C GLY D 159 21.69 9.35 -9.58
N SER D 160 20.58 10.06 -9.79
CA SER D 160 19.40 9.43 -10.40
C SER D 160 19.79 8.84 -11.75
N GLY D 161 20.74 9.48 -12.42
CA GLY D 161 21.40 8.91 -13.60
C GLY D 161 20.40 8.42 -14.62
N CYS D 162 20.54 7.15 -15.02
CA CYS D 162 19.73 6.60 -16.09
C CYS D 162 18.45 5.89 -15.61
N ASN D 163 18.03 6.20 -14.38
CA ASN D 163 16.85 5.56 -13.82
C ASN D 163 15.61 5.99 -14.56
N LEU D 164 15.47 7.28 -14.84
CA LEU D 164 14.35 7.77 -15.64
C LEU D 164 14.43 7.25 -17.07
N ASP D 165 15.62 7.33 -17.68
CA ASP D 165 15.79 6.87 -19.07
C ASP D 165 15.32 5.41 -19.21
N SER D 166 15.65 4.58 -18.23
CA SER D 166 15.31 3.15 -18.30
C SER D 166 13.82 2.93 -18.10
N ALA D 167 13.20 3.74 -17.26
CA ALA D 167 11.78 3.58 -16.99
C ALA D 167 10.98 3.94 -18.24
N ARG D 168 11.39 5.03 -18.90
CA ARG D 168 10.79 5.42 -20.18
C ARG D 168 10.98 4.33 -21.22
N PHE D 169 12.18 3.78 -21.29
CA PHE D 169 12.50 2.73 -22.23
C PHE D 169 11.61 1.52 -21.98
N ARG D 170 11.49 1.11 -20.73
CA ARG D 170 10.63 -0.03 -20.41
C ARG D 170 9.14 0.25 -20.67
N TYR D 171 8.72 1.51 -20.52
CA TYR D 171 7.35 1.90 -20.86
C TYR D 171 7.08 1.70 -22.35
N LEU D 172 7.98 2.23 -23.16
CA LEU D 172 7.86 2.12 -24.61
C LEU D 172 7.94 0.67 -25.06
N MET D 173 8.88 -0.05 -24.49
CA MET D 173 8.99 -1.48 -24.74
C MET D 173 7.69 -2.22 -24.39
N GLY D 174 7.14 -1.94 -23.22
CA GLY D 174 5.82 -2.46 -22.83
C GLY D 174 4.75 -2.23 -23.88
N GLU D 175 4.66 -1.00 -24.37
CA GLU D 175 3.64 -0.62 -25.33
C GLU D 175 3.75 -1.41 -26.62
N ARG D 176 4.97 -1.57 -27.12
CA ARG D 176 5.21 -2.34 -28.34
C ARG D 176 4.85 -3.81 -28.17
N LEU D 177 5.10 -4.39 -26.99
CA LEU D 177 4.88 -5.82 -26.81
C LEU D 177 3.52 -6.16 -26.21
N GLY D 178 2.84 -5.18 -25.63
CA GLY D 178 1.56 -5.41 -24.97
C GLY D 178 1.75 -6.15 -23.66
N VAL D 179 2.81 -5.75 -22.93
CA VAL D 179 3.20 -6.39 -21.68
C VAL D 179 3.49 -5.28 -20.67
N HIS D 180 3.13 -5.48 -19.41
CA HIS D 180 3.39 -4.44 -18.40
C HIS D 180 4.88 -4.15 -18.35
N PRO D 181 5.26 -2.88 -18.10
CA PRO D 181 6.71 -2.59 -18.07
C PRO D 181 7.50 -3.35 -16.99
N LEU D 182 6.85 -3.70 -15.90
CA LEU D 182 7.47 -4.55 -14.87
C LEU D 182 8.05 -5.85 -15.43
N SER D 183 7.41 -6.44 -16.44
CA SER D 183 7.84 -7.70 -17.00
C SER D 183 8.66 -7.51 -18.27
N CYS D 184 8.86 -6.25 -18.68
CA CYS D 184 9.77 -5.90 -19.79
C CYS D 184 11.08 -5.37 -19.24
N HIS D 185 12.13 -6.14 -19.40
CA HIS D 185 13.43 -5.79 -18.81
C HIS D 185 14.34 -5.22 -19.88
N GLY D 186 15.12 -4.22 -19.49
CA GLY D 186 15.98 -3.50 -20.42
C GLY D 186 16.70 -2.38 -19.71
N TRP D 187 17.95 -2.12 -20.11
CA TRP D 187 18.80 -1.22 -19.37
C TRP D 187 19.39 -0.16 -20.28
N VAL D 188 19.21 1.09 -19.86
CA VAL D 188 19.81 2.25 -20.50
C VAL D 188 20.87 2.73 -19.51
N LEU D 189 22.12 2.76 -19.95
CA LEU D 189 23.23 3.05 -19.06
C LEU D 189 24.08 4.21 -19.59
N GLY D 190 25.13 4.54 -18.85
CA GLY D 190 26.07 5.59 -19.23
C GLY D 190 25.63 6.96 -18.78
N GLU D 191 25.70 7.94 -19.68
CA GLU D 191 25.39 9.32 -19.35
C GLU D 191 23.89 9.54 -19.43
N HIS D 192 23.31 10.10 -18.38
CA HIS D 192 21.88 10.42 -18.41
C HIS D 192 21.52 11.35 -19.57
N GLY D 193 20.42 11.03 -20.24
CA GLY D 193 19.85 11.93 -21.24
C GLY D 193 20.30 11.64 -22.66
N ASP D 194 20.67 12.70 -23.37
CA ASP D 194 20.91 12.63 -24.82
C ASP D 194 21.89 11.54 -25.24
N SER D 195 22.98 11.37 -24.49
CA SER D 195 24.02 10.41 -24.85
C SER D 195 23.88 9.03 -24.17
N SER D 196 22.70 8.71 -23.66
CA SER D 196 22.51 7.46 -22.93
C SER D 196 22.63 6.26 -23.86
N VAL D 197 22.96 5.09 -23.28
CA VAL D 197 23.22 3.88 -24.08
C VAL D 197 22.25 2.73 -23.77
N PRO D 198 21.42 2.34 -24.75
CA PRO D 198 20.56 1.19 -24.53
C PRO D 198 21.33 -0.12 -24.73
N VAL D 199 21.32 -1.00 -23.73
CA VAL D 199 22.10 -2.25 -23.80
C VAL D 199 21.24 -3.38 -24.37
N TRP D 200 21.35 -3.58 -25.68
CA TRP D 200 20.39 -4.42 -26.40
C TRP D 200 20.44 -5.87 -25.95
N SER D 201 21.62 -6.33 -25.57
CA SER D 201 21.81 -7.71 -25.12
C SER D 201 20.95 -8.07 -23.90
N GLY D 202 20.65 -7.10 -23.05
CA GLY D 202 19.86 -7.35 -21.85
C GLY D 202 18.36 -7.28 -22.03
N MET D 203 17.90 -6.83 -23.19
CA MET D 203 16.50 -6.52 -23.41
C MET D 203 15.77 -7.86 -23.51
N ASN D 204 14.85 -8.10 -22.57
CA ASN D 204 14.22 -9.41 -22.50
C ASN D 204 12.85 -9.46 -21.81
N VAL D 205 12.08 -10.47 -22.17
CA VAL D 205 10.86 -10.82 -21.44
C VAL D 205 11.01 -12.28 -20.99
N ALA D 206 10.79 -12.52 -19.69
CA ALA D 206 10.87 -13.87 -19.13
C ALA D 206 12.21 -14.57 -19.44
N GLY D 207 13.28 -13.79 -19.51
CA GLY D 207 14.61 -14.29 -19.81
C GLY D 207 14.88 -14.54 -21.27
N VAL D 208 13.89 -14.29 -22.14
CA VAL D 208 14.09 -14.47 -23.57
C VAL D 208 14.71 -13.21 -24.15
N SER D 209 15.95 -13.34 -24.63
CA SER D 209 16.66 -12.21 -25.17
C SER D 209 16.10 -11.82 -26.54
N LEU D 210 15.63 -10.58 -26.64
CA LEU D 210 15.10 -10.07 -27.89
C LEU D 210 16.19 -10.06 -28.97
N LYS D 211 17.40 -9.67 -28.59
CA LYS D 211 18.55 -9.66 -29.50
C LYS D 211 18.83 -11.04 -30.09
N THR D 212 18.74 -12.08 -29.27
CA THR D 212 19.01 -13.44 -29.73
C THR D 212 17.95 -13.90 -30.73
N LEU D 213 16.68 -13.62 -30.45
CA LEU D 213 15.57 -13.90 -31.38
C LEU D 213 15.69 -13.11 -32.67
N HIS D 214 16.21 -11.88 -32.56
CA HIS D 214 16.23 -10.94 -33.67
C HIS D 214 17.59 -10.25 -33.69
N PRO D 215 18.60 -10.90 -34.29
CA PRO D 215 19.98 -10.41 -34.27
C PRO D 215 20.20 -9.01 -34.87
N ASP D 216 19.31 -8.56 -35.77
CA ASP D 216 19.38 -7.19 -36.28
C ASP D 216 18.92 -6.14 -35.27
N LEU D 217 18.30 -6.56 -34.17
CA LEU D 217 17.88 -5.64 -33.11
C LEU D 217 18.98 -4.64 -32.72
N GLY D 218 18.64 -3.35 -32.75
CA GLY D 218 19.56 -2.31 -32.34
C GLY D 218 20.43 -1.80 -33.46
N THR D 219 20.52 -2.55 -34.56
CA THR D 219 21.33 -2.16 -35.72
C THR D 219 20.46 -1.46 -36.74
N ASP D 220 21.11 -0.77 -37.68
CA ASP D 220 20.42 -0.02 -38.72
C ASP D 220 19.80 -0.92 -39.79
N LYS D 221 20.20 -2.18 -39.83
CA LYS D 221 19.62 -3.15 -40.77
C LYS D 221 18.37 -3.88 -40.24
N ASP D 222 17.78 -3.35 -39.17
CA ASP D 222 16.59 -3.94 -38.56
C ASP D 222 15.32 -3.41 -39.24
N LYS D 223 14.56 -4.28 -39.87
CA LYS D 223 13.37 -3.87 -40.62
C LYS D 223 12.25 -3.40 -39.69
N GLU D 224 12.29 -3.89 -38.44
CA GLU D 224 11.33 -3.49 -37.41
C GLU D 224 11.78 -2.27 -36.62
N GLN D 225 12.99 -1.79 -36.89
CA GLN D 225 13.51 -0.57 -36.27
C GLN D 225 13.25 -0.49 -34.76
N TRP D 226 13.83 -1.43 -34.01
CA TRP D 226 13.76 -1.41 -32.55
C TRP D 226 14.68 -0.37 -31.91
N LYS D 227 15.69 0.08 -32.65
CA LYS D 227 16.52 1.19 -32.21
C LYS D 227 15.66 2.41 -31.87
N GLU D 228 14.57 2.61 -32.61
CA GLU D 228 13.67 3.75 -32.43
C GLU D 228 13.08 3.85 -31.03
N VAL D 229 13.06 2.75 -30.29
CA VAL D 229 12.50 2.76 -28.95
C VAL D 229 13.42 3.64 -28.10
N HIS D 230 14.73 3.48 -28.27
CA HIS D 230 15.65 4.31 -27.53
C HIS D 230 15.60 5.74 -28.02
N LYS D 231 15.51 5.92 -29.33
CA LYS D 231 15.43 7.26 -29.90
C LYS D 231 14.15 7.98 -29.44
N GLN D 232 13.06 7.25 -29.28
CA GLN D 232 11.81 7.81 -28.72
C GLN D 232 11.90 8.11 -27.23
N VAL D 233 12.78 7.41 -26.49
CA VAL D 233 13.03 7.79 -25.10
C VAL D 233 13.52 9.24 -25.07
N VAL D 234 14.55 9.53 -25.87
CA VAL D 234 15.11 10.88 -25.94
C VAL D 234 14.12 11.88 -26.52
N GLU D 235 13.43 11.51 -27.59
CA GLU D 235 12.40 12.39 -28.17
C GLU D 235 11.26 12.68 -27.20
N SER D 236 10.83 11.66 -26.45
CA SER D 236 9.84 11.79 -25.38
C SER D 236 10.12 12.94 -24.42
N ALA D 237 11.37 13.07 -24.02
CA ALA D 237 11.76 14.08 -23.05
C ALA D 237 11.65 15.49 -23.62
N TYR D 238 12.12 15.69 -24.84
CA TYR D 238 12.00 16.99 -25.52
C TYR D 238 10.54 17.32 -25.76
N GLU D 239 9.75 16.30 -26.06
CA GLU D 239 8.35 16.50 -26.32
C GLU D 239 7.62 16.93 -25.05
N VAL D 240 7.91 16.25 -23.94
CA VAL D 240 7.28 16.64 -22.69
C VAL D 240 7.66 18.07 -22.31
N ILE D 241 8.93 18.44 -22.47
CA ILE D 241 9.35 19.82 -22.26
C ILE D 241 8.53 20.79 -23.13
N LYS D 242 8.50 20.51 -24.43
CA LYS D 242 7.77 21.33 -25.39
C LYS D 242 6.28 21.43 -25.06
N LEU D 243 5.68 20.37 -24.53
CA LEU D 243 4.23 20.35 -24.33
C LEU D 243 3.78 20.94 -23.00
N LYS D 244 4.52 20.66 -21.92
CA LYS D 244 4.11 21.16 -20.59
C LYS D 244 5.17 22.04 -19.91
N GLY D 245 6.36 22.17 -20.49
CA GLY D 245 7.38 23.08 -19.98
C GLY D 245 8.43 22.45 -19.06
N TYR D 246 8.13 21.28 -18.52
CA TYR D 246 9.00 20.63 -17.53
C TYR D 246 8.56 19.18 -17.41
N THR D 247 9.35 18.35 -16.73
CA THR D 247 8.89 16.99 -16.41
C THR D 247 8.93 16.79 -14.90
N SER D 248 7.92 16.13 -14.37
CA SER D 248 7.77 16.05 -12.94
C SER D 248 7.30 14.68 -12.45
N TRP D 249 6.15 14.22 -12.94
CA TRP D 249 5.56 13.00 -12.41
C TRP D 249 6.45 11.77 -12.56
N ALA D 250 7.03 11.58 -13.73
CA ALA D 250 7.80 10.38 -13.98
C ALA D 250 9.08 10.41 -13.17
N ILE D 251 9.73 11.56 -13.12
CA ILE D 251 10.96 11.67 -12.34
C ILE D 251 10.67 11.45 -10.85
N GLY D 252 9.63 12.09 -10.35
CA GLY D 252 9.20 11.90 -8.97
C GLY D 252 8.94 10.45 -8.61
N LEU D 253 8.17 9.75 -9.44
CA LEU D 253 7.92 8.33 -9.21
C LEU D 253 9.21 7.50 -9.17
N SER D 254 10.11 7.76 -10.11
CA SER D 254 11.37 7.03 -10.19
C SER D 254 12.27 7.25 -8.98
N VAL D 255 12.32 8.49 -8.49
CA VAL D 255 13.14 8.83 -7.33
C VAL D 255 12.59 8.15 -6.07
N ALA D 256 11.27 8.15 -5.93
CA ALA D 256 10.59 7.42 -4.85
C ALA D 256 10.96 5.94 -4.86
N ASP D 257 11.07 5.35 -6.05
CA ASP D 257 11.46 3.96 -6.16
C ASP D 257 12.88 3.75 -5.65
N LEU D 258 13.81 4.64 -6.01
CA LEU D 258 15.17 4.58 -5.45
C LEU D 258 15.13 4.72 -3.93
N ALA D 259 14.36 5.69 -3.45
CA ALA D 259 14.23 5.91 -2.00
C ALA D 259 13.70 4.68 -1.26
N GLU D 260 12.81 3.92 -1.89
CA GLU D 260 12.27 2.74 -1.23
C GLU D 260 13.35 1.70 -1.02
N SER D 261 14.15 1.46 -2.04
CA SER D 261 15.25 0.51 -1.90
C SER D 261 16.21 0.92 -0.82
N ILE D 262 16.52 2.21 -0.75
CA ILE D 262 17.50 2.74 0.19
C ILE D 262 16.93 2.70 1.60
N MET D 263 15.72 3.22 1.79
CA MET D 263 15.13 3.31 3.13
C MET D 263 14.82 1.96 3.75
N LYS D 264 14.37 1.00 2.94
CA LYS D 264 13.99 -0.33 3.43
C LYS D 264 15.11 -1.38 3.23
N ASN D 265 16.29 -0.93 2.79
CA ASN D 265 17.45 -1.79 2.62
C ASN D 265 17.15 -3.01 1.73
N LEU D 266 16.52 -2.77 0.57
CA LEU D 266 16.01 -3.89 -0.22
C LEU D 266 17.09 -4.63 -0.99
N ARG D 267 18.18 -3.94 -1.30
CA ARG D 267 19.22 -4.47 -2.19
C ARG D 267 18.66 -4.86 -3.57
N ARG D 268 17.71 -4.06 -4.07
CA ARG D 268 17.33 -4.17 -5.47
C ARG D 268 18.37 -3.50 -6.33
N VAL D 269 18.36 -3.82 -7.61
CA VAL D 269 19.32 -3.29 -8.57
C VAL D 269 18.63 -2.24 -9.45
N HIS D 270 19.22 -1.03 -9.52
CA HIS D 270 18.68 0.09 -10.30
C HIS D 270 19.77 0.70 -11.13
N PRO D 271 19.39 1.31 -12.27
CA PRO D 271 20.38 2.01 -13.08
C PRO D 271 20.56 3.43 -12.56
N VAL D 272 21.64 3.63 -11.82
CA VAL D 272 21.91 4.94 -11.20
C VAL D 272 23.36 5.28 -11.40
N SER D 273 23.71 6.55 -11.18
CA SER D 273 25.04 7.05 -11.44
C SER D 273 25.98 6.89 -10.25
N THR D 274 27.11 6.23 -10.49
CA THR D 274 28.08 5.93 -9.44
C THR D 274 29.49 6.16 -9.99
N MET D 275 30.45 6.27 -9.09
CA MET D 275 31.86 6.51 -9.48
C MET D 275 32.31 5.32 -10.32
N ILE D 276 32.58 5.57 -11.60
CA ILE D 276 32.80 4.51 -12.56
C ILE D 276 34.29 4.23 -12.87
N LYS D 277 35.17 4.96 -12.20
CA LYS D 277 36.61 4.81 -12.37
C LYS D 277 37.02 3.35 -12.14
N GLY D 278 37.76 2.79 -13.09
CA GLY D 278 38.24 1.40 -12.96
C GLY D 278 37.46 0.44 -13.82
N LEU D 279 36.45 0.95 -14.54
CA LEU D 279 35.65 0.14 -15.44
C LEU D 279 35.71 0.65 -16.85
N TYR D 280 35.45 -0.25 -17.79
CA TYR D 280 35.45 0.08 -19.22
C TYR D 280 36.67 0.87 -19.63
N GLY D 281 37.78 0.64 -18.94
CA GLY D 281 39.02 1.35 -19.21
C GLY D 281 38.92 2.84 -18.93
N ILE D 282 38.04 3.23 -18.01
CA ILE D 282 37.93 4.63 -17.59
C ILE D 282 38.80 4.85 -16.38
N LYS D 283 39.66 5.87 -16.46
CA LYS D 283 40.66 6.09 -15.45
C LYS D 283 40.50 7.41 -14.71
N ASP D 284 39.46 8.18 -15.02
CA ASP D 284 39.17 9.42 -14.31
C ASP D 284 38.00 9.32 -13.32
N ASP D 285 37.97 10.26 -12.38
CA ASP D 285 36.90 10.38 -11.37
C ASP D 285 35.59 10.87 -12.02
N VAL D 286 34.90 9.98 -12.70
CA VAL D 286 33.62 10.33 -13.32
C VAL D 286 32.51 9.40 -12.83
N PHE D 287 31.28 9.91 -12.85
CA PHE D 287 30.11 9.14 -12.45
C PHE D 287 29.30 8.87 -13.69
N LEU D 288 28.93 7.61 -13.89
CA LEU D 288 28.04 7.19 -14.97
C LEU D 288 27.14 6.07 -14.44
N SER D 289 26.03 5.81 -15.14
CA SER D 289 25.09 4.81 -14.69
C SER D 289 25.48 3.40 -15.11
N VAL D 290 25.45 2.53 -14.12
CA VAL D 290 25.50 1.09 -14.29
C VAL D 290 24.46 0.56 -13.31
N PRO D 291 24.07 -0.71 -13.43
CA PRO D 291 23.12 -1.24 -12.46
C PRO D 291 23.77 -1.33 -11.08
N CYS D 292 23.17 -0.72 -10.06
CA CYS D 292 23.77 -0.73 -8.72
C CYS D 292 22.83 -1.38 -7.70
N ILE D 293 23.40 -2.08 -6.71
CA ILE D 293 22.62 -2.65 -5.61
C ILE D 293 22.44 -1.54 -4.55
N LEU D 294 21.18 -1.18 -4.32
CA LEU D 294 20.83 -0.10 -3.41
C LEU D 294 20.19 -0.59 -2.13
N GLY D 295 20.72 -0.13 -1.02
CA GLY D 295 20.19 -0.43 0.30
C GLY D 295 20.56 0.65 1.30
N GLN D 296 20.63 0.26 2.58
CA GLN D 296 20.84 1.19 3.71
C GLN D 296 22.19 1.95 3.71
N ASN D 297 23.19 1.42 3.02
CA ASN D 297 24.48 2.11 2.85
C ASN D 297 24.57 2.83 1.52
N GLY D 298 23.45 2.97 0.81
CA GLY D 298 23.47 3.51 -0.55
C GLY D 298 23.85 2.44 -1.56
N ILE D 299 24.88 2.72 -2.36
CA ILE D 299 25.34 1.77 -3.37
C ILE D 299 26.38 0.85 -2.75
N SER D 300 25.97 -0.35 -2.36
CA SER D 300 26.94 -1.30 -1.77
C SER D 300 27.74 -2.06 -2.81
N ASP D 301 27.14 -2.30 -3.98
CA ASP D 301 27.75 -3.09 -5.03
C ASP D 301 27.26 -2.58 -6.37
N LEU D 302 27.99 -2.91 -7.42
CA LEU D 302 27.53 -2.64 -8.78
C LEU D 302 27.68 -3.88 -9.67
N VAL D 303 26.84 -3.97 -10.68
CA VAL D 303 26.89 -5.08 -11.61
C VAL D 303 27.82 -4.73 -12.76
N LYS D 304 28.67 -5.68 -13.16
CA LYS D 304 29.59 -5.47 -14.27
C LYS D 304 28.93 -5.99 -15.52
N VAL D 305 28.47 -5.07 -16.35
CA VAL D 305 27.72 -5.43 -17.56
C VAL D 305 28.71 -5.59 -18.69
N THR D 306 28.61 -6.69 -19.42
CA THR D 306 29.38 -6.90 -20.64
C THR D 306 28.77 -5.99 -21.71
N LEU D 307 29.59 -5.07 -22.23
CA LEU D 307 29.16 -4.16 -23.28
C LEU D 307 29.79 -4.54 -24.60
N THR D 308 29.05 -4.36 -25.69
CA THR D 308 29.64 -4.43 -27.03
C THR D 308 30.68 -3.33 -27.17
N SER D 309 31.54 -3.45 -28.17
CA SER D 309 32.57 -2.44 -28.45
C SER D 309 31.97 -1.04 -28.62
N GLU D 310 30.89 -0.96 -29.37
CA GLU D 310 30.17 0.28 -29.60
C GLU D 310 29.62 0.87 -28.30
N GLU D 311 29.08 0.02 -27.43
CA GLU D 311 28.56 0.46 -26.14
C GLU D 311 29.67 0.98 -25.22
N GLU D 312 30.76 0.24 -25.13
CA GLU D 312 31.94 0.69 -24.39
C GLU D 312 32.46 2.05 -24.87
N ALA D 313 32.65 2.17 -26.18
CA ALA D 313 33.15 3.41 -26.78
C ALA D 313 32.23 4.59 -26.46
N ARG D 314 30.92 4.35 -26.39
CA ARG D 314 29.99 5.42 -26.09
C ARG D 314 30.07 5.87 -24.62
N LEU D 315 30.26 4.93 -23.69
CA LEU D 315 30.48 5.29 -22.29
C LEU D 315 31.79 6.01 -22.09
N LYS D 316 32.81 5.54 -22.81
CA LYS D 316 34.15 6.07 -22.68
C LYS D 316 34.25 7.51 -23.25
N LYS D 317 33.49 7.78 -24.30
CA LYS D 317 33.34 9.13 -24.87
C LYS D 317 32.65 10.06 -23.87
N SER D 318 31.55 9.60 -23.30
CA SER D 318 30.87 10.29 -22.22
C SER D 318 31.86 10.61 -21.08
N ALA D 319 32.59 9.60 -20.61
CA ALA D 319 33.54 9.82 -19.55
C ALA D 319 34.60 10.88 -19.89
N ASP D 320 35.12 10.84 -21.12
CA ASP D 320 36.11 11.83 -21.56
C ASP D 320 35.54 13.24 -21.55
N THR D 321 34.32 13.40 -22.04
CA THR D 321 33.67 14.69 -22.06
C THR D 321 33.42 15.22 -20.64
N LEU D 322 32.92 14.36 -19.76
CA LEU D 322 32.61 14.80 -18.40
C LEU D 322 33.87 15.19 -17.67
N TRP D 323 34.92 14.40 -17.80
CA TRP D 323 36.18 14.76 -17.16
C TRP D 323 36.73 16.07 -17.75
N GLY D 324 36.61 16.25 -19.06
CA GLY D 324 37.02 17.50 -19.69
C GLY D 324 36.40 18.72 -18.99
N ILE D 325 35.10 18.65 -18.73
CA ILE D 325 34.42 19.71 -18.01
C ILE D 325 34.92 19.73 -16.57
N GLN D 326 34.94 18.56 -15.91
CA GLN D 326 35.21 18.50 -14.47
C GLN D 326 36.54 19.08 -14.06
N LYS D 327 37.56 18.87 -14.88
CA LYS D 327 38.90 19.29 -14.51
C LYS D 327 39.12 20.81 -14.60
N GLU D 328 38.19 21.50 -15.25
CA GLU D 328 38.21 22.96 -15.35
C GLU D 328 37.36 23.63 -14.26
N LEU D 329 36.63 22.84 -13.49
CA LEU D 329 35.78 23.38 -12.45
C LEU D 329 36.60 23.90 -11.27
N GLN D 330 36.08 24.96 -10.64
CA GLN D 330 36.73 25.58 -9.50
C GLN D 330 35.93 25.32 -8.23
N PHE D 331 36.50 24.55 -7.31
CA PHE D 331 35.89 24.26 -6.03
C PHE D 331 36.40 25.22 -4.97
#